data_3HJA
#
_entry.id   3HJA
#
_cell.length_a   91.080
_cell.length_b   122.330
_cell.length_c   143.820
_cell.angle_alpha   90.000
_cell.angle_beta   90.000
_cell.angle_gamma   90.000
#
_symmetry.space_group_name_H-M   'P 21 21 21'
#
loop_
_entity.id
_entity.type
_entity.pdbx_description
1 polymer 'Glyceraldehyde-3-phosphate dehydrogenase'
2 non-polymer 'SULFATE ION'
3 non-polymer NICOTINAMIDE-ADENINE-DINUCLEOTIDE
4 water water
#
_entity_poly.entity_id   1
_entity_poly.type   'polypeptide(L)'
_entity_poly.pdbx_seq_one_letter_code
;MAHHHHHHMGTLEAQTQGPGSMKLAINGFGRIGRNVFKIAFERGIDIVAINDLTDPKTLAHLLKYDSTFGVYNKKVESRD
GAIVVDGREIKIIAERDPKNLPWAKLGIDVVIESTGVFSSATSDKGGYLDHVNHAGAKKVILTVPAKDEIKTIVLGVNDH
DINSDLKAVSNASCTTNCLAPLAKVLHESFGIEQGLMTTVHAYTNDQRILDLPHSDLRRARAAALSIIPTSTGAAKAVGL
VLPELKGKLNGTSMRVPVPTGSIVDLTVQLKKKDVTKEEINSVLRKASETPELKGILGYTEDPIVSSDIKGNSHSSIVDG
LETMVLENGFAKILSWYDNEFGYSTRVVDLAQKLVK
;
_entity_poly.pdbx_strand_id   A,B,C,D
#
loop_
_chem_comp.id
_chem_comp.type
_chem_comp.name
_chem_comp.formula
NAD non-polymer NICOTINAMIDE-ADENINE-DINUCLEOTIDE 'C21 H27 N7 O14 P2'
SO4 non-polymer 'SULFATE ION' 'O4 S -2'
#
# COMPACT_ATOMS: atom_id res chain seq x y z
N MET A 22 6.82 6.03 41.33
CA MET A 22 5.50 6.33 40.69
C MET A 22 4.85 5.08 40.09
N LYS A 23 3.55 4.94 40.31
CA LYS A 23 2.80 3.80 39.79
C LYS A 23 1.92 4.20 38.61
N LEU A 24 2.19 3.59 37.48
CA LEU A 24 1.47 3.88 36.23
C LEU A 24 0.47 2.78 35.94
N ALA A 25 -0.74 3.14 35.50
CA ALA A 25 -1.64 2.18 34.86
C ALA A 25 -1.94 2.70 33.47
N ILE A 26 -2.25 1.79 32.56
CA ILE A 26 -2.58 2.13 31.19
C ILE A 26 -3.97 1.61 30.92
N ASN A 27 -4.89 2.52 30.58
CA ASN A 27 -6.23 2.14 30.13
C ASN A 27 -6.32 2.23 28.61
N GLY A 28 -6.43 1.07 27.96
CA GLY A 28 -6.40 1.00 26.49
C GLY A 28 -4.99 0.70 25.99
N PHE A 29 -4.69 -0.57 25.78
CA PHE A 29 -3.35 -1.02 25.40
C PHE A 29 -3.23 -1.08 23.87
N GLY A 30 -3.43 0.05 23.22
CA GLY A 30 -3.46 0.10 21.75
C GLY A 30 -2.16 0.66 21.18
N ARG A 31 -2.26 1.33 20.03
CA ARG A 31 -1.06 1.89 19.43
C ARG A 31 -0.36 2.85 20.42
N ILE A 32 -1.13 3.74 21.03
CA ILE A 32 -0.55 4.68 22.00
C ILE A 32 -0.21 3.96 23.32
N GLY A 33 -1.15 3.19 23.86
CA GLY A 33 -0.90 2.46 25.12
C GLY A 33 0.36 1.60 25.13
N ARG A 34 0.61 0.88 24.03
CA ARG A 34 1.77 -0.02 23.93
C ARG A 34 3.06 0.75 23.73
N ASN A 35 3.02 1.81 22.92
CA ASN A 35 4.23 2.63 22.81
C ASN A 35 4.57 3.31 24.13
N VAL A 36 3.55 3.82 24.82
CA VAL A 36 3.73 4.42 26.14
C VAL A 36 4.31 3.38 27.10
N PHE A 37 3.78 2.15 27.03
CA PHE A 37 4.31 1.07 27.85
C PHE A 37 5.81 0.85 27.65
N LYS A 38 6.22 0.72 26.38
CA LYS A 38 7.62 0.44 26.04
C LYS A 38 8.56 1.55 26.50
N ILE A 39 8.15 2.80 26.26
CA ILE A 39 8.93 3.98 26.69
C ILE A 39 9.05 4.08 28.23
N ALA A 40 7.94 3.92 28.93
CA ALA A 40 7.91 3.98 30.39
C ALA A 40 8.70 2.84 31.02
N PHE A 41 8.54 1.64 30.48
CA PHE A 41 9.22 0.46 31.00
C PHE A 41 10.72 0.64 30.92
N GLU A 42 11.18 1.17 29.78
CA GLU A 42 12.59 1.40 29.58
C GLU A 42 13.17 2.39 30.59
N ARG A 43 12.34 3.29 31.10
CA ARG A 43 12.76 4.30 32.10
C ARG A 43 12.73 3.79 33.55
N GLY A 44 12.28 2.55 33.75
CA GLY A 44 12.18 1.99 35.10
C GLY A 44 10.91 2.35 35.84
N ILE A 45 9.95 2.98 35.15
CA ILE A 45 8.66 3.30 35.77
C ILE A 45 7.92 2.02 36.16
N ASP A 46 7.28 2.04 37.34
CA ASP A 46 6.56 0.89 37.82
C ASP A 46 5.19 0.87 37.14
N ILE A 47 5.04 0.05 36.10
CA ILE A 47 3.76 -0.11 35.40
C ILE A 47 2.97 -1.22 36.10
N VAL A 48 1.95 -0.83 36.85
CA VAL A 48 1.29 -1.75 37.75
C VAL A 48 0.26 -2.61 37.03
N ALA A 49 -0.54 -1.98 36.18
CA ALA A 49 -1.62 -2.68 35.51
C ALA A 49 -1.96 -2.10 34.15
N ILE A 50 -2.51 -2.96 33.29
CA ILE A 50 -3.03 -2.58 32.00
C ILE A 50 -4.49 -3.05 31.97
N ASN A 51 -5.37 -2.18 31.51
CA ASN A 51 -6.77 -2.56 31.26
C ASN A 51 -7.07 -2.46 29.78
N ASP A 52 -7.74 -3.47 29.25
CA ASP A 52 -8.19 -3.48 27.86
C ASP A 52 -9.46 -4.33 27.76
N LEU A 53 -9.77 -4.86 26.59
CA LEU A 53 -10.97 -5.67 26.41
C LEU A 53 -10.66 -7.09 25.95
N THR A 54 -9.48 -7.59 26.27
CA THR A 54 -9.06 -8.88 25.74
C THR A 54 -8.28 -9.70 26.77
N ASP A 55 -7.64 -10.78 26.35
CA ASP A 55 -6.94 -11.60 27.33
C ASP A 55 -5.44 -11.32 27.34
N PRO A 56 -4.71 -11.74 28.40
CA PRO A 56 -3.26 -11.52 28.46
C PRO A 56 -2.46 -12.11 27.29
N LYS A 57 -2.86 -13.27 26.77
CA LYS A 57 -2.17 -13.84 25.58
C LYS A 57 -2.20 -12.86 24.41
N THR A 58 -3.35 -12.25 24.14
CA THR A 58 -3.47 -11.31 23.03
C THR A 58 -2.61 -10.04 23.23
N LEU A 59 -2.64 -9.50 24.46
CA LEU A 59 -1.88 -8.29 24.76
C LEU A 59 -0.39 -8.56 24.74
N ALA A 60 0.03 -9.72 25.25
CA ALA A 60 1.45 -10.12 25.20
C ALA A 60 1.91 -10.24 23.74
N HIS A 61 1.09 -10.89 22.92
CA HIS A 61 1.42 -11.07 21.49
C HIS A 61 1.53 -9.74 20.75
N LEU A 62 0.57 -8.83 20.97
CA LEU A 62 0.60 -7.52 20.32
C LEU A 62 1.81 -6.68 20.77
N LEU A 63 2.18 -6.83 22.04
CA LEU A 63 3.35 -6.16 22.59
C LEU A 63 4.63 -6.67 21.96
N LYS A 64 4.73 -8.00 21.84
CA LYS A 64 5.91 -8.66 21.31
C LYS A 64 6.14 -8.37 19.83
N TYR A 65 5.07 -8.42 19.04
CA TYR A 65 5.18 -8.30 17.57
C TYR A 65 4.45 -7.07 17.05
N ASP A 66 5.21 -6.06 16.68
CA ASP A 66 4.63 -4.80 16.24
C ASP A 66 4.90 -4.62 14.76
N SER A 67 3.85 -4.54 13.95
CA SER A 67 4.01 -4.45 12.50
C SER A 67 4.72 -3.17 12.08
N THR A 68 4.53 -2.11 12.87
CA THR A 68 5.11 -0.81 12.54
C THR A 68 6.55 -0.68 13.05
N PHE A 69 6.81 -1.13 14.28
CA PHE A 69 8.12 -0.90 14.90
C PHE A 69 9.00 -2.14 15.07
N GLY A 70 8.45 -3.33 14.82
CA GLY A 70 9.27 -4.54 14.84
C GLY A 70 9.12 -5.37 16.10
N VAL A 71 10.03 -6.31 16.27
CA VAL A 71 9.92 -7.30 17.33
C VAL A 71 10.48 -6.70 18.62
N TYR A 72 9.73 -6.81 19.71
CA TYR A 72 10.15 -6.29 21.02
C TYR A 72 11.33 -7.14 21.57
N ASN A 73 12.46 -6.50 21.82
CA ASN A 73 13.69 -7.21 22.22
CA ASN A 73 13.69 -7.17 22.24
C ASN A 73 13.70 -7.52 23.73
N LYS A 74 12.55 -7.99 24.22
CA LYS A 74 12.37 -8.36 25.63
CA LYS A 74 12.44 -8.42 25.61
C LYS A 74 11.65 -9.70 25.64
N LYS A 75 11.91 -10.50 26.68
CA LYS A 75 11.16 -11.70 26.96
C LYS A 75 9.75 -11.29 27.38
N VAL A 76 8.75 -11.73 26.62
CA VAL A 76 7.36 -11.42 26.93
C VAL A 76 6.60 -12.71 27.18
N GLU A 77 6.01 -12.81 28.37
CA GLU A 77 5.25 -14.00 28.76
CA GLU A 77 5.26 -13.99 28.80
C GLU A 77 3.83 -13.57 29.15
N SER A 78 2.87 -14.47 28.96
CA SER A 78 1.52 -14.27 29.48
C SER A 78 1.16 -15.35 30.50
N ARG A 79 0.27 -14.99 31.43
CA ARG A 79 -0.26 -15.91 32.41
C ARG A 79 -1.66 -15.46 32.77
N ASP A 80 -2.33 -16.20 33.67
CA ASP A 80 -3.65 -15.78 34.17
C ASP A 80 -3.55 -14.38 34.75
N GLY A 81 -4.35 -13.45 34.23
CA GLY A 81 -4.42 -12.11 34.81
C GLY A 81 -3.15 -11.28 34.78
N ALA A 82 -2.19 -11.63 33.94
CA ALA A 82 -0.97 -10.85 33.87
C ALA A 82 -0.12 -11.11 32.64
N ILE A 83 0.75 -10.15 32.33
CA ILE A 83 1.85 -10.39 31.43
C ILE A 83 3.14 -10.16 32.20
N VAL A 84 4.24 -10.67 31.64
CA VAL A 84 5.56 -10.56 32.28
C VAL A 84 6.54 -10.11 31.22
N VAL A 85 7.21 -8.99 31.49
CA VAL A 85 8.18 -8.42 30.55
C VAL A 85 9.55 -8.36 31.23
N ASP A 86 10.51 -9.13 30.68
CA ASP A 86 11.81 -9.36 31.33
C ASP A 86 11.69 -9.58 32.83
N GLY A 87 10.85 -10.53 33.23
CA GLY A 87 10.65 -10.87 34.64
C GLY A 87 9.79 -9.91 35.46
N ARG A 88 9.32 -8.80 34.86
CA ARG A 88 8.45 -7.90 35.60
CA ARG A 88 8.44 -7.85 35.57
C ARG A 88 6.98 -8.17 35.27
N GLU A 89 6.20 -8.44 36.30
CA GLU A 89 4.79 -8.77 36.16
C GLU A 89 3.92 -7.50 36.10
N ILE A 90 3.00 -7.46 35.15
CA ILE A 90 2.07 -6.35 35.01
C ILE A 90 0.68 -6.97 34.98
N LYS A 91 -0.19 -6.50 35.87
CA LYS A 91 -1.53 -7.04 35.98
C LYS A 91 -2.36 -6.69 34.74
N ILE A 92 -3.18 -7.63 34.27
CA ILE A 92 -4.07 -7.39 33.15
C ILE A 92 -5.50 -7.40 33.65
N ILE A 93 -6.23 -6.34 33.32
CA ILE A 93 -7.64 -6.22 33.69
C ILE A 93 -8.45 -6.14 32.40
N ALA A 94 -9.69 -6.61 32.42
CA ALA A 94 -10.59 -6.43 31.29
C ALA A 94 -11.93 -5.85 31.76
N GLU A 95 -11.90 -4.57 32.08
CA GLU A 95 -13.08 -3.88 32.57
C GLU A 95 -13.47 -2.75 31.63
N ARG A 96 -14.66 -2.84 31.05
CA ARG A 96 -15.13 -1.87 30.04
C ARG A 96 -15.47 -0.51 30.66
N ASP A 97 -16.02 -0.51 31.87
CA ASP A 97 -16.44 0.73 32.53
C ASP A 97 -15.35 1.17 33.51
N PRO A 98 -14.68 2.31 33.24
CA PRO A 98 -13.55 2.73 34.09
C PRO A 98 -13.89 3.02 35.56
N LYS A 99 -15.15 3.35 35.87
CA LYS A 99 -15.55 3.61 37.26
C LYS A 99 -15.30 2.37 38.14
N ASN A 100 -15.24 1.19 37.51
CA ASN A 100 -15.04 -0.09 38.19
C ASN A 100 -13.57 -0.48 38.38
N LEU A 101 -12.64 0.34 37.88
CA LEU A 101 -11.21 -0.03 37.93
C LEU A 101 -10.61 0.07 39.34
N PRO A 102 -9.72 -0.89 39.72
CA PRO A 102 -9.25 -0.92 41.11
C PRO A 102 -8.01 -0.05 41.33
N TRP A 103 -8.05 1.20 40.89
CA TRP A 103 -6.86 2.05 40.95
C TRP A 103 -6.41 2.45 42.38
N ALA A 104 -7.36 2.74 43.28
CA ALA A 104 -7.02 3.07 44.67
C ALA A 104 -6.30 1.89 45.35
N LYS A 105 -6.89 0.70 45.21
CA LYS A 105 -6.32 -0.54 45.75
C LYS A 105 -4.91 -0.81 45.20
N LEU A 106 -4.67 -0.48 43.93
CA LEU A 106 -3.36 -0.75 43.33
C LEU A 106 -2.36 0.38 43.59
N GLY A 107 -2.82 1.47 44.19
CA GLY A 107 -1.97 2.63 44.50
C GLY A 107 -1.57 3.50 43.32
N ILE A 108 -2.39 3.51 42.27
CA ILE A 108 -2.02 4.19 41.01
C ILE A 108 -1.87 5.69 41.18
N ASP A 109 -0.72 6.19 40.75
CA ASP A 109 -0.46 7.63 40.75
C ASP A 109 -0.99 8.29 39.47
N VAL A 110 -0.70 7.69 38.31
CA VAL A 110 -1.09 8.24 37.00
C VAL A 110 -1.71 7.14 36.13
N VAL A 111 -2.94 7.36 35.68
CA VAL A 111 -3.58 6.52 34.66
C VAL A 111 -3.45 7.16 33.30
N ILE A 112 -2.98 6.39 32.33
CA ILE A 112 -2.95 6.84 30.94
C ILE A 112 -4.27 6.39 30.28
N GLU A 113 -5.08 7.36 29.85
CA GLU A 113 -6.38 7.07 29.27
C GLU A 113 -6.24 7.09 27.74
N SER A 114 -5.95 5.92 27.18
CA SER A 114 -5.63 5.78 25.74
C SER A 114 -6.56 4.79 25.00
N THR A 115 -7.82 4.72 25.43
CA THR A 115 -8.78 3.84 24.78
C THR A 115 -9.40 4.47 23.53
N GLY A 116 -9.35 5.81 23.44
CA GLY A 116 -10.07 6.55 22.43
C GLY A 116 -11.57 6.78 22.68
N VAL A 117 -12.15 6.11 23.68
CA VAL A 117 -13.63 6.19 23.86
C VAL A 117 -14.12 6.95 25.11
N PHE A 118 -13.21 7.56 25.85
CA PHE A 118 -13.57 8.29 27.06
C PHE A 118 -13.04 9.74 27.01
N SER A 119 -13.28 10.40 25.89
CA SER A 119 -12.80 11.78 25.71
C SER A 119 -13.71 12.87 26.30
N SER A 120 -14.81 12.47 26.95
CA SER A 120 -15.60 13.38 27.81
C SER A 120 -15.35 13.06 29.28
N ALA A 121 -15.55 14.04 30.16
CA ALA A 121 -15.25 13.89 31.58
C ALA A 121 -16.07 12.75 32.16
N THR A 122 -17.34 12.69 31.73
CA THR A 122 -18.32 11.72 32.21
CA THR A 122 -18.28 11.67 32.19
C THR A 122 -19.35 11.50 31.12
N SER A 123 -20.17 10.46 31.24
CA SER A 123 -21.31 10.20 30.35
C SER A 123 -22.03 9.00 30.95
N ASP A 124 -23.15 8.60 30.35
CA ASP A 124 -23.83 7.41 30.84
C ASP A 124 -23.08 6.09 30.52
N LYS A 125 -21.93 6.21 29.85
CA LYS A 125 -21.04 5.06 29.62
C LYS A 125 -19.64 5.34 30.16
N GLY A 126 -19.52 6.34 31.04
CA GLY A 126 -18.24 6.65 31.66
C GLY A 126 -17.46 7.76 30.97
N GLY A 127 -16.34 8.15 31.57
CA GLY A 127 -15.47 9.18 31.03
C GLY A 127 -14.14 9.21 31.76
N TYR A 128 -13.23 10.05 31.30
CA TYR A 128 -11.86 10.10 31.85
C TYR A 128 -11.79 10.44 33.35
N LEU A 129 -12.74 11.20 33.88
CA LEU A 129 -12.70 11.49 35.33
C LEU A 129 -13.06 10.31 36.23
N ASP A 130 -13.68 9.28 35.67
CA ASP A 130 -13.95 8.04 36.40
C ASP A 130 -12.64 7.49 37.00
N HIS A 131 -11.54 7.63 36.26
CA HIS A 131 -10.22 7.21 36.74
C HIS A 131 -9.82 7.85 38.09
N VAL A 132 -10.09 9.14 38.23
CA VAL A 132 -9.68 9.90 39.42
C VAL A 132 -10.81 10.18 40.39
N ASN A 133 -12.04 9.84 40.03
CA ASN A 133 -13.13 9.98 40.98
C ASN A 133 -13.41 8.64 41.67
N HIS A 134 -14.23 7.78 41.08
CA HIS A 134 -14.56 6.55 41.79
CA HIS A 134 -14.61 6.50 41.69
C HIS A 134 -13.46 5.48 41.73
N ALA A 135 -12.72 5.39 40.63
CA ALA A 135 -11.64 4.40 40.57
C ALA A 135 -10.48 4.74 41.50
N GLY A 136 -10.25 6.02 41.76
CA GLY A 136 -9.32 6.42 42.82
C GLY A 136 -7.84 6.53 42.47
N ALA A 137 -7.50 6.67 41.19
CA ALA A 137 -6.14 7.03 40.81
C ALA A 137 -5.92 8.48 41.21
N LYS A 138 -4.66 8.86 41.40
CA LYS A 138 -4.38 10.23 41.77
C LYS A 138 -4.59 11.19 40.59
N LYS A 139 -4.21 10.76 39.39
CA LYS A 139 -4.24 11.63 38.20
C LYS A 139 -4.48 10.82 36.94
N VAL A 140 -4.96 11.48 35.89
CA VAL A 140 -5.20 10.87 34.61
C VAL A 140 -4.68 11.75 33.48
N ILE A 141 -3.95 11.15 32.55
CA ILE A 141 -3.60 11.79 31.31
C ILE A 141 -4.49 11.26 30.20
N LEU A 142 -5.27 12.15 29.60
CA LEU A 142 -6.10 11.81 28.45
C LEU A 142 -5.23 11.98 27.20
N THR A 143 -5.10 10.92 26.41
CA THR A 143 -4.17 10.94 25.26
C THR A 143 -4.85 11.44 23.99
N VAL A 144 -5.69 12.46 24.13
CA VAL A 144 -6.45 13.00 23.03
C VAL A 144 -7.02 14.32 23.54
N PRO A 145 -7.31 15.27 22.64
CA PRO A 145 -8.04 16.44 23.16
C PRO A 145 -9.39 16.04 23.76
N ALA A 146 -9.78 16.67 24.86
CA ALA A 146 -11.10 16.40 25.46
C ALA A 146 -12.18 16.99 24.57
N LYS A 147 -13.33 16.31 24.49
CA LYS A 147 -14.50 16.86 23.79
C LYS A 147 -15.07 18.04 24.58
N ASP A 148 -14.93 18.00 25.91
CA ASP A 148 -15.31 19.11 26.79
C ASP A 148 -14.02 19.86 27.14
N GLU A 149 -14.01 20.62 28.24
CA GLU A 149 -12.82 21.40 28.55
C GLU A 149 -11.93 20.69 29.58
N ILE A 150 -10.62 20.64 29.34
CA ILE A 150 -9.70 20.01 30.29
C ILE A 150 -8.40 20.80 30.24
N LYS A 151 -7.64 20.82 31.35
CA LYS A 151 -6.28 21.39 31.31
C LYS A 151 -5.46 20.66 30.23
N THR A 152 -4.89 21.42 29.31
CA THR A 152 -4.20 20.83 28.18
C THR A 152 -2.75 21.29 28.21
N ILE A 153 -1.83 20.33 28.08
CA ILE A 153 -0.39 20.62 28.14
C ILE A 153 0.32 20.13 26.89
N VAL A 154 1.17 20.98 26.32
CA VAL A 154 2.04 20.58 25.25
C VAL A 154 3.46 20.87 25.72
N LEU A 155 4.24 19.82 25.97
CA LEU A 155 5.57 20.01 26.54
C LEU A 155 6.44 20.81 25.58
N GLY A 156 7.29 21.67 26.16
CA GLY A 156 8.10 22.62 25.39
C GLY A 156 7.38 23.93 25.12
N VAL A 157 6.08 23.98 25.42
CA VAL A 157 5.25 25.13 25.10
C VAL A 157 4.63 25.75 26.36
N ASN A 158 3.87 24.97 27.13
CA ASN A 158 3.30 25.51 28.37
C ASN A 158 3.56 24.65 29.60
N ASP A 159 4.80 24.15 29.71
CA ASP A 159 5.27 23.39 30.88
C ASP A 159 4.93 24.08 32.19
N HIS A 160 5.02 25.40 32.21
CA HIS A 160 4.73 26.22 33.40
C HIS A 160 3.33 25.96 33.97
N ASP A 161 2.40 25.53 33.12
CA ASP A 161 1.02 25.29 33.55
C ASP A 161 0.85 24.03 34.40
N ILE A 162 1.87 23.19 34.43
CA ILE A 162 1.89 21.99 35.28
C ILE A 162 2.10 22.37 36.74
N ASN A 163 1.18 21.93 37.59
CA ASN A 163 1.35 22.02 39.04
C ASN A 163 0.86 20.74 39.73
N SER A 164 1.34 20.51 40.96
CA SER A 164 1.06 19.27 41.69
C SER A 164 -0.41 19.08 42.09
N ASP A 165 -1.23 20.11 41.91
CA ASP A 165 -2.66 20.02 42.23
C ASP A 165 -3.54 19.47 41.09
N LEU A 166 -2.94 19.26 39.90
CA LEU A 166 -3.68 18.77 38.73
C LEU A 166 -4.18 17.34 38.93
N LYS A 167 -5.40 17.06 38.47
CA LYS A 167 -5.97 15.72 38.56
C LYS A 167 -6.13 15.08 37.18
N ALA A 168 -6.51 15.89 36.20
CA ALA A 168 -6.79 15.42 34.86
C ALA A 168 -6.20 16.41 33.86
N VAL A 169 -5.44 15.86 32.91
CA VAL A 169 -4.81 16.66 31.87
CA VAL A 169 -4.75 16.64 31.89
C VAL A 169 -4.86 15.91 30.55
N SER A 170 -4.95 16.69 29.46
CA SER A 170 -4.82 16.16 28.11
C SER A 170 -3.44 16.55 27.59
N ASN A 171 -2.78 15.61 26.93
CA ASN A 171 -1.52 15.87 26.27
C ASN A 171 -1.81 16.40 24.85
N ALA A 172 -3.06 16.79 24.62
CA ALA A 172 -3.54 17.30 23.31
C ALA A 172 -3.45 16.23 22.21
N SER A 173 -3.27 16.65 20.96
CA SER A 173 -3.14 15.71 19.87
C SER A 173 -1.70 15.66 19.35
N CYS A 174 -1.36 14.61 18.61
CA CYS A 174 -0.03 14.51 17.98
C CYS A 174 0.22 15.74 17.12
N THR A 175 -0.79 16.16 16.37
CA THR A 175 -0.65 17.28 15.45
C THR A 175 -0.41 18.61 16.19
N THR A 176 -1.12 18.83 17.28
CA THR A 176 -0.90 20.04 18.08
C THR A 176 0.52 20.04 18.68
N ASN A 177 0.97 18.87 19.11
CA ASN A 177 2.33 18.71 19.60
C ASN A 177 3.38 18.98 18.52
N CYS A 178 3.02 18.77 17.26
CA CYS A 178 3.93 19.13 16.18
C CYS A 178 3.90 20.62 15.90
N LEU A 179 2.70 21.17 15.82
CA LEU A 179 2.45 22.53 15.40
C LEU A 179 2.81 23.59 16.46
N ALA A 180 2.40 23.36 17.71
CA ALA A 180 2.54 24.37 18.76
C ALA A 180 4.00 24.80 19.06
N PRO A 181 4.95 23.86 19.14
CA PRO A 181 6.33 24.29 19.32
C PRO A 181 6.84 25.12 18.15
N LEU A 182 6.44 24.72 16.94
CA LEU A 182 6.75 25.49 15.75
C LEU A 182 6.16 26.91 15.84
N ALA A 183 4.88 26.99 16.16
CA ALA A 183 4.19 28.26 16.31
C ALA A 183 4.83 29.12 17.40
N LYS A 184 5.19 28.50 18.52
CA LYS A 184 5.84 29.20 19.63
C LYS A 184 7.07 29.97 19.13
N VAL A 185 7.99 29.26 18.50
CA VAL A 185 9.23 29.87 18.03
C VAL A 185 8.95 30.97 17.00
N LEU A 186 8.14 30.66 15.99
CA LEU A 186 7.83 31.64 14.96
C LEU A 186 7.21 32.91 15.56
N HIS A 187 6.27 32.73 16.49
CA HIS A 187 5.59 33.86 17.12
C HIS A 187 6.57 34.73 17.93
N GLU A 188 7.44 34.08 18.71
CA GLU A 188 8.38 34.79 19.56
C GLU A 188 9.43 35.57 18.76
N SER A 189 9.87 34.99 17.65
CA SER A 189 10.86 35.59 16.78
C SER A 189 10.27 36.66 15.87
N PHE A 190 9.14 36.37 15.24
CA PHE A 190 8.65 37.18 14.13
C PHE A 190 7.26 37.74 14.33
N GLY A 191 6.49 37.17 15.26
CA GLY A 191 5.08 37.53 15.43
C GLY A 191 4.23 36.83 14.37
N ILE A 192 3.14 36.20 14.79
CA ILE A 192 2.25 35.52 13.87
C ILE A 192 0.95 36.29 13.81
N GLU A 193 0.59 36.71 12.60
CA GLU A 193 -0.65 37.39 12.36
C GLU A 193 -1.77 36.36 12.30
N GLN A 194 -1.72 35.49 11.27
CA GLN A 194 -2.63 34.37 11.09
C GLN A 194 -1.88 33.26 10.36
N GLY A 195 -2.40 32.04 10.46
CA GLY A 195 -1.87 30.93 9.67
C GLY A 195 -2.89 29.84 9.46
N LEU A 196 -2.70 29.09 8.37
CA LEU A 196 -3.53 27.94 8.07
C LEU A 196 -2.60 26.79 7.81
N MET A 197 -3.02 25.59 8.17
CA MET A 197 -2.17 24.42 8.00
C MET A 197 -2.92 23.22 7.42
N THR A 198 -2.15 22.26 6.92
CA THR A 198 -2.66 20.96 6.54
C THR A 198 -1.71 19.97 7.18
N THR A 199 -2.24 18.90 7.76
CA THR A 199 -1.36 17.78 8.11
C THR A 199 -1.58 16.64 7.12
N VAL A 200 -0.50 16.19 6.50
CA VAL A 200 -0.54 15.00 5.66
C VAL A 200 -0.13 13.88 6.62
N HIS A 201 -1.09 13.00 6.91
CA HIS A 201 -1.09 12.26 8.17
C HIS A 201 -1.27 10.76 7.92
N ALA A 202 -0.46 9.96 8.62
CA ALA A 202 -0.59 8.49 8.57
C ALA A 202 -2.01 8.06 8.91
N TYR A 203 -2.45 6.92 8.38
CA TYR A 203 -3.74 6.38 8.82
C TYR A 203 -3.63 5.82 10.24
N THR A 204 -4.75 5.75 10.94
CA THR A 204 -4.82 5.24 12.31
C THR A 204 -5.94 4.20 12.41
N ASN A 205 -6.06 3.57 13.59
CA ASN A 205 -7.12 2.61 13.83
C ASN A 205 -8.51 3.23 13.93
N ASP A 206 -8.60 4.56 13.89
CA ASP A 206 -9.91 5.17 13.76
C ASP A 206 -10.50 5.04 12.35
N GLN A 207 -9.69 4.59 11.39
CA GLN A 207 -10.15 4.47 10.02
C GLN A 207 -10.61 3.06 9.66
N ARG A 208 -10.86 2.81 8.38
CA ARG A 208 -11.44 1.54 7.96
C ARG A 208 -10.53 0.92 6.91
N ILE A 209 -10.38 -0.39 6.99
CA ILE A 209 -9.55 -1.09 6.02
C ILE A 209 -10.21 -1.11 4.64
N LEU A 210 -11.52 -1.33 4.59
CA LEU A 210 -12.29 -1.15 3.35
C LEU A 210 -13.55 -0.42 3.73
N ASP A 211 -14.23 0.16 2.76
CA ASP A 211 -15.38 1.03 3.03
C ASP A 211 -16.36 0.38 4.02
N LEU A 212 -16.68 1.10 5.09
CA LEU A 212 -17.47 0.56 6.19
C LEU A 212 -18.07 1.76 6.92
N PRO A 213 -19.29 1.63 7.47
CA PRO A 213 -19.89 2.78 8.19
C PRO A 213 -18.94 3.45 9.19
N HIS A 214 -19.00 4.77 9.28
CA HIS A 214 -18.21 5.56 10.21
C HIS A 214 -18.99 6.85 10.33
N SER A 215 -18.98 7.50 11.49
CA SER A 215 -19.70 8.77 11.65
C SER A 215 -19.08 9.88 10.78
N ASP A 216 -17.82 9.69 10.43
CA ASP A 216 -17.14 10.59 9.49
C ASP A 216 -17.13 9.85 8.13
N LEU A 217 -17.93 10.33 7.18
CA LEU A 217 -18.07 9.67 5.88
C LEU A 217 -16.77 9.63 5.07
N ARG A 218 -15.79 10.44 5.42
CA ARG A 218 -14.49 10.31 4.74
C ARG A 218 -13.68 9.20 5.39
N ARG A 219 -13.70 9.15 6.72
CA ARG A 219 -13.00 8.08 7.45
C ARG A 219 -13.65 6.70 7.26
N ALA A 220 -14.86 6.69 6.71
CA ALA A 220 -15.52 5.44 6.32
C ALA A 220 -14.75 4.69 5.22
N ARG A 221 -13.84 5.38 4.53
CA ARG A 221 -13.29 4.86 3.27
C ARG A 221 -11.96 4.11 3.42
N ALA A 222 -11.80 3.05 2.63
CA ALA A 222 -10.58 2.24 2.61
C ALA A 222 -9.31 3.08 2.77
N ALA A 223 -8.69 2.97 3.95
CA ALA A 223 -7.61 3.85 4.39
C ALA A 223 -6.32 3.75 3.59
N ALA A 224 -6.06 2.57 3.00
CA ALA A 224 -4.82 2.37 2.27
C ALA A 224 -4.95 2.69 0.80
N LEU A 225 -6.13 3.15 0.37
CA LEU A 225 -6.41 3.31 -1.05
C LEU A 225 -6.49 4.77 -1.50
N SER A 226 -6.60 5.70 -0.55
CA SER A 226 -6.93 7.06 -0.92
C SER A 226 -6.26 8.09 -0.03
N ILE A 227 -6.16 9.30 -0.57
CA ILE A 227 -5.96 10.51 0.21
C ILE A 227 -7.34 10.89 0.77
N ILE A 228 -7.45 11.06 2.08
CA ILE A 228 -8.75 11.20 2.73
C ILE A 228 -8.79 12.46 3.58
N PRO A 229 -9.49 13.51 3.10
CA PRO A 229 -9.57 14.74 3.92
C PRO A 229 -10.40 14.48 5.16
N THR A 230 -10.03 15.11 6.27
CA THR A 230 -10.80 15.00 7.50
C THR A 230 -10.51 16.25 8.33
N SER A 231 -11.51 16.69 9.09
CA SER A 231 -11.34 17.90 9.89
C SER A 231 -10.39 17.64 11.05
N THR A 232 -9.83 18.71 11.58
CA THR A 232 -8.99 18.65 12.77
C THR A 232 -9.14 19.94 13.60
N GLY A 233 -9.14 19.79 14.92
CA GLY A 233 -9.14 20.95 15.81
C GLY A 233 -7.75 21.36 16.26
N ALA A 234 -6.73 20.73 15.67
CA ALA A 234 -5.34 20.80 16.18
C ALA A 234 -4.66 22.14 16.04
N ALA A 235 -4.97 22.86 14.97
CA ALA A 235 -4.45 24.21 14.81
C ALA A 235 -5.16 25.21 15.74
N LYS A 236 -6.48 25.13 15.86
CA LYS A 236 -7.22 25.96 16.81
C LYS A 236 -6.77 25.70 18.25
N ALA A 237 -6.47 24.43 18.56
CA ALA A 237 -6.00 24.01 19.89
C ALA A 237 -4.67 24.64 20.32
N VAL A 238 -3.87 25.11 19.36
CA VAL A 238 -2.64 25.81 19.69
C VAL A 238 -2.94 26.97 20.63
N GLY A 239 -4.13 27.54 20.49
CA GLY A 239 -4.60 28.63 21.35
C GLY A 239 -4.74 28.27 22.82
N LEU A 240 -4.97 26.99 23.12
CA LEU A 240 -5.07 26.53 24.51
C LEU A 240 -3.75 26.63 25.24
N VAL A 241 -2.65 26.47 24.50
CA VAL A 241 -1.33 26.38 25.11
C VAL A 241 -0.47 27.63 24.81
N LEU A 242 -0.85 28.38 23.77
CA LEU A 242 -0.24 29.65 23.45
C LEU A 242 -1.33 30.69 23.28
N PRO A 243 -1.79 31.28 24.41
CA PRO A 243 -2.98 32.14 24.42
C PRO A 243 -2.91 33.31 23.44
N GLU A 244 -1.72 33.83 23.14
CA GLU A 244 -1.56 34.88 22.13
C GLU A 244 -1.97 34.44 20.70
N LEU A 245 -1.98 33.13 20.46
CA LEU A 245 -2.32 32.62 19.14
C LEU A 245 -3.78 32.14 19.04
N LYS A 246 -4.53 32.33 20.12
CA LYS A 246 -5.96 32.03 20.10
CA LYS A 246 -5.97 32.04 20.11
C LYS A 246 -6.64 32.77 18.95
N GLY A 247 -7.44 32.04 18.17
CA GLY A 247 -8.14 32.60 17.04
C GLY A 247 -7.31 32.85 15.79
N LYS A 248 -6.00 32.57 15.84
CA LYS A 248 -5.09 32.93 14.76
C LYS A 248 -4.73 31.76 13.82
N LEU A 249 -5.07 30.53 14.21
CA LEU A 249 -4.72 29.35 13.41
C LEU A 249 -5.90 28.43 13.17
N ASN A 250 -5.94 27.82 11.97
CA ASN A 250 -6.89 26.74 11.70
C ASN A 250 -6.28 25.82 10.66
N GLY A 251 -6.95 24.72 10.33
CA GLY A 251 -6.40 23.82 9.33
C GLY A 251 -7.20 22.57 9.08
N THR A 252 -6.65 21.70 8.25
CA THR A 252 -7.31 20.51 7.84
C THR A 252 -6.29 19.37 7.83
N SER A 253 -6.82 18.15 7.68
CA SER A 253 -5.99 16.97 7.68
C SER A 253 -6.25 16.17 6.40
N MET A 254 -5.20 15.54 5.88
CA MET A 254 -5.33 14.58 4.78
CA MET A 254 -5.37 14.56 4.81
C MET A 254 -4.73 13.26 5.26
N ARG A 255 -5.56 12.24 5.44
CA ARG A 255 -5.04 10.95 5.82
C ARG A 255 -4.59 10.22 4.57
N VAL A 256 -3.39 9.65 4.59
CA VAL A 256 -2.83 9.00 3.39
C VAL A 256 -2.27 7.62 3.71
N PRO A 257 -2.01 6.80 2.68
CA PRO A 257 -1.63 5.42 2.97
C PRO A 257 -0.19 5.18 3.46
N VAL A 258 0.14 5.70 4.64
CA VAL A 258 1.34 5.27 5.37
C VAL A 258 0.93 4.88 6.79
N PRO A 259 1.59 3.86 7.39
CA PRO A 259 1.12 3.37 8.72
C PRO A 259 1.52 4.22 9.93
N THR A 260 2.64 4.96 9.83
CA THR A 260 2.99 6.01 10.81
C THR A 260 3.89 7.04 10.14
N GLY A 261 3.90 8.25 10.69
CA GLY A 261 4.68 9.33 10.12
C GLY A 261 3.75 10.32 9.45
N SER A 262 3.90 11.58 9.81
CA SER A 262 2.99 12.63 9.38
C SER A 262 3.80 13.92 9.22
N ILE A 263 3.21 14.91 8.57
CA ILE A 263 3.91 16.17 8.33
C ILE A 263 2.93 17.32 8.38
N VAL A 264 3.30 18.33 9.17
CA VAL A 264 2.57 19.58 9.25
C VAL A 264 3.11 20.54 8.17
N ASP A 265 2.19 21.15 7.42
CA ASP A 265 2.50 22.10 6.35
C ASP A 265 1.81 23.41 6.77
N LEU A 266 2.58 24.29 7.38
CA LEU A 266 2.02 25.51 7.93
C LEU A 266 2.26 26.70 7.01
N THR A 267 1.18 27.37 6.62
CA THR A 267 1.30 28.59 5.84
C THR A 267 0.87 29.75 6.73
N VAL A 268 1.81 30.66 6.95
CA VAL A 268 1.64 31.65 8.00
C VAL A 268 2.01 33.05 7.48
N GLN A 269 1.21 34.04 7.87
CA GLN A 269 1.55 35.44 7.68
C GLN A 269 2.26 35.95 8.93
N LEU A 270 3.55 36.24 8.80
CA LEU A 270 4.35 36.73 9.89
C LEU A 270 4.36 38.26 9.93
N LYS A 271 4.57 38.83 11.13
CA LYS A 271 4.59 40.29 11.27
C LYS A 271 5.89 40.93 10.76
N LYS A 272 6.97 40.16 10.71
CA LYS A 272 8.24 40.65 10.16
C LYS A 272 8.19 40.56 8.64
N LYS A 273 8.01 41.71 7.99
CA LYS A 273 7.70 41.76 6.56
C LYS A 273 8.89 41.51 5.63
N ASP A 274 10.11 41.63 6.16
CA ASP A 274 11.32 41.37 5.36
C ASP A 274 11.95 40.00 5.67
N VAL A 275 11.24 39.16 6.39
CA VAL A 275 11.72 37.84 6.75
C VAL A 275 12.08 36.99 5.50
N THR A 276 13.17 36.25 5.62
CA THR A 276 13.62 35.33 4.56
C THR A 276 13.53 33.89 5.05
N LYS A 277 13.59 32.94 4.11
CA LYS A 277 13.59 31.53 4.47
C LYS A 277 14.80 31.14 5.34
N GLU A 278 15.96 31.78 5.08
CA GLU A 278 17.18 31.48 5.83
C GLU A 278 17.07 31.96 7.27
N GLU A 279 16.41 33.09 7.45
CA GLU A 279 16.15 33.62 8.77
C GLU A 279 15.19 32.69 9.54
N ILE A 280 14.11 32.27 8.90
CA ILE A 280 13.19 31.33 9.53
C ILE A 280 13.92 30.06 9.96
N ASN A 281 14.67 29.45 9.05
CA ASN A 281 15.40 28.21 9.39
C ASN A 281 16.39 28.41 10.51
N SER A 282 16.96 29.61 10.53
CA SER A 282 17.94 29.99 11.53
C SER A 282 17.36 29.98 12.94
N VAL A 283 16.21 30.62 13.15
CA VAL A 283 15.65 30.66 14.50
C VAL A 283 15.14 29.28 14.92
N LEU A 284 14.64 28.50 13.97
CA LEU A 284 14.12 27.17 14.29
C LEU A 284 15.25 26.22 14.64
N ARG A 285 16.35 26.30 13.90
CA ARG A 285 17.53 25.52 14.19
C ARG A 285 18.10 25.90 15.58
N LYS A 286 18.19 27.20 15.84
CA LYS A 286 18.65 27.66 17.14
C LYS A 286 17.75 27.15 18.28
N ALA A 287 16.44 27.36 18.14
CA ALA A 287 15.49 26.89 19.13
C ALA A 287 15.63 25.38 19.40
N SER A 288 15.95 24.60 18.37
CA SER A 288 16.08 23.15 18.49
C SER A 288 17.23 22.72 19.39
N GLU A 289 18.20 23.61 19.59
CA GLU A 289 19.39 23.32 20.38
C GLU A 289 19.26 23.78 21.85
N THR A 290 18.21 24.53 22.17
CA THR A 290 17.98 25.04 23.52
C THR A 290 17.55 23.94 24.50
N PRO A 291 17.82 24.10 25.82
CA PRO A 291 17.34 23.12 26.81
C PRO A 291 15.81 23.02 26.90
N GLU A 292 15.12 24.13 26.63
CA GLU A 292 13.66 24.15 26.67
C GLU A 292 13.03 23.28 25.56
N LEU A 293 13.69 23.18 24.40
CA LEU A 293 13.09 22.51 23.23
C LEU A 293 13.85 21.32 22.62
N LYS A 294 15.11 21.12 23.00
CA LYS A 294 15.87 19.93 22.57
C LYS A 294 15.10 18.67 22.96
N GLY A 295 15.00 17.73 22.04
CA GLY A 295 14.22 16.51 22.28
C GLY A 295 12.75 16.71 21.92
N ILE A 296 12.33 17.97 21.81
CA ILE A 296 10.96 18.30 21.44
C ILE A 296 10.89 18.85 20.01
N LEU A 297 11.64 19.93 19.74
CA LEU A 297 11.71 20.48 18.39
C LEU A 297 13.04 20.11 17.77
N GLY A 298 12.98 19.42 16.64
CA GLY A 298 14.18 19.02 15.90
C GLY A 298 14.27 19.87 14.64
N TYR A 299 15.42 19.79 13.97
CA TYR A 299 15.62 20.53 12.75
C TYR A 299 16.52 19.71 11.86
N THR A 300 16.17 19.59 10.59
CA THR A 300 17.06 18.92 9.65
C THR A 300 17.13 19.65 8.32
N GLU A 301 18.24 19.47 7.61
CA GLU A 301 18.34 19.89 6.22
C GLU A 301 18.66 18.71 5.30
N ASP A 302 18.46 17.49 5.78
CA ASP A 302 18.60 16.29 4.95
C ASP A 302 17.31 16.09 4.16
N PRO A 303 17.42 15.70 2.89
CA PRO A 303 16.20 15.51 2.09
C PRO A 303 15.52 14.17 2.41
N ILE A 304 14.85 14.12 3.55
CA ILE A 304 14.26 12.90 4.08
C ILE A 304 12.82 12.67 3.60
N VAL A 305 12.30 11.50 3.94
CA VAL A 305 10.90 11.15 3.61
C VAL A 305 10.27 10.57 4.88
N SER A 306 8.97 10.33 4.88
CA SER A 306 8.30 9.98 6.14
C SER A 306 8.87 8.75 6.85
N SER A 307 9.26 7.73 6.08
N SER A 307 9.25 7.73 6.09
CA SER A 307 9.80 6.50 6.69
CA SER A 307 9.78 6.51 6.71
C SER A 307 11.00 6.78 7.59
C SER A 307 11.00 6.78 7.60
N ASP A 308 11.74 7.84 7.28
CA ASP A 308 12.92 8.27 8.06
C ASP A 308 12.60 8.84 9.45
N ILE A 309 11.38 9.34 9.67
CA ILE A 309 11.03 9.80 11.01
C ILE A 309 10.36 8.75 11.89
N LYS A 310 10.13 7.55 11.35
CA LYS A 310 9.55 6.46 12.13
C LYS A 310 10.38 6.17 13.37
N GLY A 311 9.75 6.20 14.54
CA GLY A 311 10.47 5.94 15.79
C GLY A 311 11.28 7.12 16.32
N ASN A 312 11.14 8.30 15.69
CA ASN A 312 11.78 9.50 16.22
C ASN A 312 10.94 10.02 17.38
N SER A 313 11.60 10.39 18.48
CA SER A 313 10.88 10.80 19.69
C SER A 313 10.55 12.30 19.76
N HIS A 314 10.97 13.09 18.76
CA HIS A 314 10.65 14.52 18.74
C HIS A 314 9.17 14.73 18.49
N SER A 315 8.65 15.84 19.02
CA SER A 315 7.30 16.28 18.72
C SER A 315 7.19 16.90 17.34
N SER A 316 8.28 17.50 16.87
CA SER A 316 8.24 18.33 15.67
C SER A 316 9.65 18.39 15.07
N ILE A 317 9.78 18.06 13.78
CA ILE A 317 11.09 18.06 13.13
C ILE A 317 11.00 18.87 11.84
N VAL A 318 11.50 20.11 11.92
CA VAL A 318 11.42 21.04 10.80
C VAL A 318 12.23 20.51 9.63
N ASP A 319 11.62 20.50 8.45
CA ASP A 319 12.29 20.11 7.24
C ASP A 319 12.83 21.39 6.61
N GLY A 320 14.08 21.71 6.90
CA GLY A 320 14.67 23.00 6.54
C GLY A 320 14.68 23.25 5.05
N LEU A 321 14.87 22.20 4.24
CA LEU A 321 14.90 22.35 2.78
C LEU A 321 13.59 22.82 2.17
N GLU A 322 12.49 22.56 2.85
CA GLU A 322 11.15 22.95 2.39
C GLU A 322 10.71 24.36 2.76
N THR A 323 11.42 25.02 3.68
CA THR A 323 11.01 26.38 4.08
C THR A 323 10.95 27.33 2.88
N MET A 324 9.89 28.13 2.81
CA MET A 324 9.61 28.95 1.64
C MET A 324 8.92 30.23 2.09
N VAL A 325 9.33 31.34 1.49
CA VAL A 325 8.78 32.65 1.80
C VAL A 325 8.45 33.25 0.45
N LEU A 326 7.29 33.87 0.34
CA LEU A 326 6.94 34.52 -0.91
C LEU A 326 7.28 36.00 -0.75
N GLU A 327 6.31 36.82 -0.39
CA GLU A 327 6.55 38.24 -0.17
C GLU A 327 5.99 38.68 1.17
N ASN A 328 6.60 39.70 1.76
CA ASN A 328 5.99 40.43 2.86
C ASN A 328 5.60 39.55 4.07
N GLY A 329 6.46 38.59 4.43
CA GLY A 329 6.24 37.78 5.63
C GLY A 329 5.34 36.56 5.47
N PHE A 330 4.90 36.31 4.24
CA PHE A 330 4.01 35.19 3.93
C PHE A 330 4.91 33.98 3.70
N ALA A 331 4.78 33.00 4.58
CA ALA A 331 5.79 31.95 4.67
C ALA A 331 5.17 30.55 4.80
N LYS A 332 5.94 29.54 4.40
CA LYS A 332 5.52 28.15 4.49
C LYS A 332 6.61 27.36 5.22
N ILE A 333 6.19 26.55 6.18
CA ILE A 333 7.11 25.75 6.99
C ILE A 333 6.53 24.34 7.13
N LEU A 334 7.39 23.35 6.92
CA LEU A 334 6.98 21.94 6.98
C LEU A 334 7.70 21.28 8.13
N SER A 335 6.95 20.49 8.90
CA SER A 335 7.51 19.79 10.06
C SER A 335 6.98 18.39 10.20
N TRP A 336 7.92 17.45 10.33
CA TRP A 336 7.67 16.02 10.46
C TRP A 336 7.34 15.62 11.92
N TYR A 337 6.60 14.54 12.07
CA TYR A 337 6.37 13.91 13.35
C TYR A 337 5.92 12.48 13.19
N ASP A 338 6.47 11.60 14.01
CA ASP A 338 5.93 10.25 14.15
C ASP A 338 4.75 10.40 15.12
N ASN A 339 3.55 10.36 14.55
CA ASN A 339 2.33 10.64 15.29
C ASN A 339 2.07 9.68 16.43
N GLU A 340 2.65 8.48 16.36
CA GLU A 340 2.55 7.52 17.45
C GLU A 340 3.67 7.72 18.47
N PHE A 341 4.90 7.74 17.98
CA PHE A 341 6.05 7.59 18.85
C PHE A 341 6.48 8.87 19.56
N GLY A 342 6.50 9.98 18.83
CA GLY A 342 6.82 11.27 19.41
C GLY A 342 5.78 11.59 20.48
N TYR A 343 4.51 11.53 20.09
CA TYR A 343 3.42 11.74 21.03
C TYR A 343 3.48 10.85 22.27
N SER A 344 3.73 9.55 22.10
CA SER A 344 3.84 8.60 23.24
C SER A 344 5.00 8.93 24.19
N THR A 345 6.10 9.41 23.65
CA THR A 345 7.21 9.89 24.47
C THR A 345 6.73 11.08 25.30
N ARG A 346 6.02 12.01 24.70
CA ARG A 346 5.48 13.16 25.44
C ARG A 346 4.57 12.73 26.58
N VAL A 347 3.75 11.70 26.36
CA VAL A 347 2.82 11.22 27.38
C VAL A 347 3.63 10.76 28.60
N VAL A 348 4.68 9.96 28.35
CA VAL A 348 5.56 9.50 29.44
C VAL A 348 6.30 10.66 30.15
N ASP A 349 6.86 11.57 29.36
CA ASP A 349 7.49 12.79 29.91
C ASP A 349 6.53 13.53 30.81
N LEU A 350 5.30 13.69 30.34
CA LEU A 350 4.26 14.40 31.10
C LEU A 350 3.89 13.68 32.39
N ALA A 351 3.73 12.36 32.32
CA ALA A 351 3.44 11.58 33.52
C ALA A 351 4.50 11.83 34.60
N GLN A 352 5.78 11.76 34.21
CA GLN A 352 6.89 12.04 35.14
C GLN A 352 6.88 13.44 35.75
N LYS A 353 6.48 14.43 34.95
CA LYS A 353 6.37 15.80 35.44
C LYS A 353 5.23 15.98 36.43
N LEU A 354 4.16 15.18 36.27
CA LEU A 354 2.96 15.31 37.07
C LEU A 354 3.17 14.97 38.53
N VAL A 355 4.07 14.02 38.78
CA VAL A 355 4.42 13.62 40.13
C VAL A 355 5.72 14.31 40.55
N MET B 22 -39.84 -11.68 -7.42
CA MET B 22 -39.07 -12.02 -6.19
C MET B 22 -38.82 -10.80 -5.32
N LYS B 23 -39.10 -10.92 -4.04
CA LYS B 23 -38.81 -9.86 -3.09
C LYS B 23 -37.56 -10.21 -2.28
N LEU B 24 -36.55 -9.35 -2.41
CA LEU B 24 -35.25 -9.58 -1.79
C LEU B 24 -35.05 -8.62 -0.64
N ALA B 25 -34.47 -9.11 0.46
CA ALA B 25 -33.98 -8.25 1.55
C ALA B 25 -32.51 -8.55 1.76
N ILE B 26 -31.75 -7.52 2.14
CA ILE B 26 -30.33 -7.71 2.41
C ILE B 26 -30.07 -7.39 3.88
N ASN B 27 -29.51 -8.36 4.60
CA ASN B 27 -29.13 -8.13 6.01
C ASN B 27 -27.63 -8.00 6.11
N GLY B 28 -27.14 -6.78 6.33
CA GLY B 28 -25.71 -6.50 6.31
C GLY B 28 -25.32 -5.91 4.99
N PHE B 29 -25.30 -4.58 4.92
CA PHE B 29 -25.10 -3.87 3.68
C PHE B 29 -23.62 -3.55 3.54
N GLY B 30 -22.77 -4.57 3.59
CA GLY B 30 -21.32 -4.35 3.55
C GLY B 30 -20.73 -4.55 2.17
N ARG B 31 -19.51 -5.07 2.11
CA ARG B 31 -18.86 -5.32 0.83
C ARG B 31 -19.67 -6.32 -0.01
N ILE B 32 -20.09 -7.42 0.60
CA ILE B 32 -20.92 -8.38 -0.12
C ILE B 32 -22.35 -7.85 -0.32
N GLY B 33 -22.96 -7.35 0.74
CA GLY B 33 -24.32 -6.78 0.67
C GLY B 33 -24.51 -5.72 -0.41
N ARG B 34 -23.54 -4.82 -0.55
CA ARG B 34 -23.64 -3.73 -1.53
C ARG B 34 -23.39 -4.21 -2.96
N ASN B 35 -22.42 -5.11 -3.13
CA ASN B 35 -22.21 -5.73 -4.45
C ASN B 35 -23.43 -6.57 -4.85
N VAL B 36 -23.96 -7.35 -3.91
CA VAL B 36 -25.20 -8.09 -4.15
C VAL B 36 -26.31 -7.12 -4.56
N PHE B 37 -26.48 -6.03 -3.81
CA PHE B 37 -27.46 -5.00 -4.16
C PHE B 37 -27.35 -4.56 -5.64
N LYS B 38 -26.14 -4.19 -6.07
CA LYS B 38 -25.94 -3.61 -7.41
C LYS B 38 -26.22 -4.61 -8.52
N ILE B 39 -25.79 -5.85 -8.32
CA ILE B 39 -26.03 -6.93 -9.27
C ILE B 39 -27.52 -7.23 -9.37
N ALA B 40 -28.18 -7.47 -8.23
CA ALA B 40 -29.62 -7.68 -8.18
C ALA B 40 -30.42 -6.52 -8.81
N PHE B 41 -30.05 -5.29 -8.47
CA PHE B 41 -30.71 -4.08 -8.99
C PHE B 41 -30.74 -4.07 -10.51
N GLU B 42 -29.59 -4.34 -11.14
CA GLU B 42 -29.48 -4.39 -12.60
C GLU B 42 -30.39 -5.43 -13.21
N ARG B 43 -30.68 -6.51 -12.48
CA ARG B 43 -31.51 -7.59 -13.01
C ARG B 43 -33.02 -7.35 -12.84
N GLY B 44 -33.39 -6.23 -12.23
CA GLY B 44 -34.79 -5.88 -12.01
C GLY B 44 -35.43 -6.59 -10.83
N ILE B 45 -34.60 -7.20 -9.98
CA ILE B 45 -35.10 -7.85 -8.77
C ILE B 45 -35.64 -6.77 -7.84
N ASP B 46 -36.78 -7.02 -7.23
CA ASP B 46 -37.36 -6.10 -6.26
C ASP B 46 -36.60 -6.16 -4.93
N ILE B 47 -35.70 -5.20 -4.69
CA ILE B 47 -35.02 -5.10 -3.40
C ILE B 47 -35.87 -4.24 -2.45
N VAL B 48 -36.49 -4.91 -1.50
CA VAL B 48 -37.52 -4.30 -0.66
C VAL B 48 -36.90 -3.53 0.51
N ALA B 49 -35.87 -4.12 1.11
CA ALA B 49 -35.35 -3.60 2.36
C ALA B 49 -33.89 -3.97 2.56
N ILE B 50 -33.17 -3.05 3.18
CA ILE B 50 -31.83 -3.28 3.68
C ILE B 50 -31.85 -3.10 5.19
N ASN B 51 -31.29 -4.07 5.92
CA ASN B 51 -31.01 -3.89 7.35
C ASN B 51 -29.50 -3.78 7.61
N ASP B 52 -29.14 -2.80 8.44
CA ASP B 52 -27.76 -2.63 8.89
C ASP B 52 -27.78 -1.96 10.26
N LEU B 53 -26.67 -1.34 10.68
CA LEU B 53 -26.57 -0.74 12.01
C LEU B 53 -26.37 0.78 11.94
N THR B 54 -26.85 1.38 10.85
CA THR B 54 -26.54 2.78 10.62
C THR B 54 -27.74 3.49 9.97
N ASP B 55 -27.58 4.75 9.57
CA ASP B 55 -28.69 5.53 9.04
C ASP B 55 -28.69 5.56 7.50
N PRO B 56 -29.80 6.00 6.87
CA PRO B 56 -29.83 5.95 5.40
C PRO B 56 -28.78 6.80 4.67
N LYS B 57 -28.37 7.94 5.25
CA LYS B 57 -27.37 8.78 4.59
C LYS B 57 -26.05 8.03 4.43
N THR B 58 -25.66 7.28 5.47
CA THR B 58 -24.38 6.57 5.46
C THR B 58 -24.42 5.42 4.45
N LEU B 59 -25.54 4.69 4.40
CA LEU B 59 -25.67 3.57 3.47
C LEU B 59 -25.73 4.07 2.04
N ALA B 60 -26.46 5.17 1.80
CA ALA B 60 -26.51 5.78 0.47
C ALA B 60 -25.12 6.25 0.05
N HIS B 61 -24.40 6.84 0.99
CA HIS B 61 -23.07 7.34 0.68
C HIS B 61 -22.09 6.22 0.32
N LEU B 62 -22.14 5.13 1.07
CA LEU B 62 -21.29 3.96 0.80
C LEU B 62 -21.64 3.29 -0.51
N LEU B 63 -22.93 3.29 -0.83
CA LEU B 63 -23.42 2.74 -2.10
C LEU B 63 -22.94 3.57 -3.26
N LYS B 64 -22.99 4.89 -3.11
CA LYS B 64 -22.65 5.79 -4.22
C LYS B 64 -21.15 5.82 -4.52
N TYR B 65 -20.32 5.84 -3.48
CA TYR B 65 -18.88 5.94 -3.62
C TYR B 65 -18.14 4.70 -3.09
N ASP B 66 -17.63 3.90 -4.01
CA ASP B 66 -16.97 2.66 -3.66
C ASP B 66 -15.47 2.80 -3.97
N SER B 67 -14.63 2.67 -2.94
CA SER B 67 -13.17 2.82 -3.14
C SER B 67 -12.62 1.75 -4.09
N THR B 68 -13.24 0.57 -4.10
CA THR B 68 -12.73 -0.56 -4.86
C THR B 68 -13.27 -0.48 -6.29
N PHE B 69 -14.56 -0.22 -6.43
CA PHE B 69 -15.21 -0.35 -7.74
C PHE B 69 -15.58 0.95 -8.46
N GLY B 70 -15.44 2.09 -7.78
CA GLY B 70 -15.73 3.37 -8.42
C GLY B 70 -17.04 4.00 -8.02
N VAL B 71 -17.38 5.10 -8.69
CA VAL B 71 -18.61 5.84 -8.44
C VAL B 71 -19.80 5.14 -9.10
N TYR B 72 -20.85 4.88 -8.32
CA TYR B 72 -22.05 4.21 -8.82
C TYR B 72 -22.79 5.13 -9.80
N ASN B 73 -23.02 4.64 -11.02
CA ASN B 73 -23.57 5.49 -12.09
C ASN B 73 -25.10 5.58 -12.03
N LYS B 74 -25.65 5.69 -10.82
CA LYS B 74 -27.08 5.88 -10.63
C LYS B 74 -27.32 7.01 -9.65
N LYS B 75 -28.48 7.65 -9.74
CA LYS B 75 -28.85 8.68 -8.78
C LYS B 75 -29.20 7.99 -7.45
N VAL B 76 -28.45 8.31 -6.42
CA VAL B 76 -28.67 7.75 -5.11
C VAL B 76 -29.07 8.86 -4.14
N GLU B 77 -30.22 8.69 -3.51
CA GLU B 77 -30.68 9.66 -2.51
CA GLU B 77 -30.77 9.66 -2.54
C GLU B 77 -31.05 8.94 -1.22
N SER B 78 -30.93 9.65 -0.11
CA SER B 78 -31.40 9.11 1.15
C SER B 78 -32.56 9.95 1.70
N ARG B 79 -33.46 9.31 2.42
CA ARG B 79 -34.52 10.00 3.14
C ARG B 79 -34.76 9.29 4.46
N ASP B 80 -35.78 9.72 5.22
CA ASP B 80 -36.12 9.02 6.45
C ASP B 80 -36.54 7.58 6.17
N GLY B 81 -35.86 6.66 6.84
CA GLY B 81 -36.15 5.23 6.71
C GLY B 81 -36.01 4.60 5.33
N ALA B 82 -35.27 5.22 4.42
CA ALA B 82 -35.18 4.70 3.07
C ALA B 82 -34.05 5.29 2.27
N ILE B 83 -33.59 4.55 1.26
CA ILE B 83 -32.78 5.11 0.20
C ILE B 83 -33.52 4.98 -1.14
N VAL B 84 -33.12 5.79 -2.12
CA VAL B 84 -33.73 5.75 -3.44
C VAL B 84 -32.64 5.60 -4.48
N VAL B 85 -32.78 4.62 -5.35
CA VAL B 85 -31.79 4.38 -6.37
C VAL B 85 -32.47 4.43 -7.75
N ASP B 86 -32.04 5.39 -8.57
CA ASP B 86 -32.70 5.73 -9.84
C ASP B 86 -34.23 5.70 -9.72
N GLY B 87 -34.75 6.39 -8.71
CA GLY B 87 -36.18 6.42 -8.47
C GLY B 87 -36.80 5.23 -7.75
N ARG B 88 -36.06 4.14 -7.57
CA ARG B 88 -36.57 2.98 -6.80
C ARG B 88 -36.32 3.11 -5.29
N GLU B 89 -37.39 3.07 -4.50
CA GLU B 89 -37.28 3.19 -3.05
C GLU B 89 -37.02 1.84 -2.34
N ILE B 90 -36.05 1.84 -1.44
CA ILE B 90 -35.67 0.66 -0.65
C ILE B 90 -35.71 1.04 0.83
N LYS B 91 -36.47 0.28 1.60
CA LYS B 91 -36.59 0.52 3.04
C LYS B 91 -35.25 0.29 3.78
N ILE B 92 -34.91 1.20 4.69
CA ILE B 92 -33.75 1.02 5.56
C ILE B 92 -34.20 0.71 6.99
N ILE B 93 -33.70 -0.40 7.51
CA ILE B 93 -33.98 -0.84 8.87
C ILE B 93 -32.67 -0.81 9.66
N ALA B 94 -32.76 -0.65 10.99
CA ALA B 94 -31.57 -0.70 11.85
C ALA B 94 -31.85 -1.55 13.08
N GLU B 95 -31.90 -2.85 12.85
CA GLU B 95 -32.27 -3.81 13.88
C GLU B 95 -31.14 -4.82 14.07
N ARG B 96 -30.52 -4.78 15.24
CA ARG B 96 -29.38 -5.65 15.57
C ARG B 96 -29.72 -7.14 15.64
N ASP B 97 -30.91 -7.47 16.16
CA ASP B 97 -31.33 -8.86 16.33
CA ASP B 97 -31.32 -8.87 16.32
C ASP B 97 -32.27 -9.24 15.19
N PRO B 98 -31.85 -10.20 14.34
CA PRO B 98 -32.67 -10.57 13.19
C PRO B 98 -34.05 -11.20 13.48
N LYS B 99 -34.29 -11.70 14.70
CA LYS B 99 -35.63 -12.21 15.04
C LYS B 99 -36.70 -11.12 15.02
N ASN B 100 -36.26 -9.85 15.12
CA ASN B 100 -37.16 -8.70 15.15
C ASN B 100 -37.45 -8.10 13.76
N LEU B 101 -36.92 -8.71 12.70
CA LEU B 101 -37.03 -8.11 11.37
C LEU B 101 -38.43 -8.33 10.77
N PRO B 102 -38.95 -7.33 10.03
CA PRO B 102 -40.33 -7.40 9.56
C PRO B 102 -40.49 -8.12 8.21
N TRP B 103 -39.84 -9.26 8.06
CA TRP B 103 -39.78 -9.93 6.76
C TRP B 103 -41.12 -10.49 6.24
N ALA B 104 -41.96 -11.03 7.14
CA ALA B 104 -43.30 -11.51 6.75
C ALA B 104 -44.16 -10.35 6.23
N LYS B 105 -44.19 -9.27 7.01
CA LYS B 105 -44.97 -8.08 6.68
C LYS B 105 -44.55 -7.51 5.32
N LEU B 106 -43.25 -7.57 5.01
CA LEU B 106 -42.75 -7.01 3.77
C LEU B 106 -42.80 -8.02 2.62
N GLY B 107 -43.22 -9.25 2.92
CA GLY B 107 -43.39 -10.29 1.90
C GLY B 107 -42.10 -10.83 1.31
N ILE B 108 -41.03 -10.84 2.13
CA ILE B 108 -39.69 -11.16 1.65
C ILE B 108 -39.59 -12.62 1.23
N ASP B 109 -39.18 -12.83 -0.02
CA ASP B 109 -38.94 -14.18 -0.53
C ASP B 109 -37.57 -14.73 -0.12
N VAL B 110 -36.53 -13.92 -0.32
CA VAL B 110 -35.17 -14.33 -0.03
C VAL B 110 -34.45 -13.25 0.76
N VAL B 111 -33.89 -13.62 1.92
CA VAL B 111 -33.00 -12.73 2.68
C VAL B 111 -31.54 -13.09 2.40
N ILE B 112 -30.72 -12.07 2.15
CA ILE B 112 -29.29 -12.26 2.01
C ILE B 112 -28.66 -11.99 3.37
N GLU B 113 -28.10 -13.02 3.99
CA GLU B 113 -27.50 -12.85 5.31
C GLU B 113 -25.99 -12.61 5.18
N SER B 114 -25.63 -11.33 5.11
CA SER B 114 -24.26 -10.88 4.81
C SER B 114 -23.67 -9.94 5.87
N THR B 115 -24.06 -10.12 7.14
CA THR B 115 -23.47 -9.35 8.23
C THR B 115 -22.14 -9.92 8.69
N GLY B 116 -21.95 -11.22 8.46
CA GLY B 116 -20.79 -11.91 8.97
C GLY B 116 -20.85 -12.31 10.43
N VAL B 117 -21.92 -11.95 11.14
CA VAL B 117 -21.99 -12.27 12.59
C VAL B 117 -23.07 -13.31 12.97
N PHE B 118 -23.76 -13.86 11.96
CA PHE B 118 -24.82 -14.85 12.20
C PHE B 118 -24.58 -16.15 11.42
N SER B 119 -23.38 -16.70 11.54
CA SER B 119 -23.00 -17.90 10.84
C SER B 119 -23.41 -19.20 11.56
N SER B 120 -24.05 -19.09 12.73
CA SER B 120 -24.74 -20.23 13.38
C SER B 120 -26.27 -20.10 13.20
N ALA B 121 -26.99 -21.23 13.22
CA ALA B 121 -28.44 -21.21 12.96
C ALA B 121 -29.17 -20.36 14.01
N THR B 122 -28.73 -20.51 15.25
CA THR B 122 -29.27 -19.75 16.38
CA THR B 122 -29.26 -19.76 16.38
C THR B 122 -28.16 -19.56 17.40
N SER B 123 -28.40 -18.69 18.38
CA SER B 123 -27.52 -18.46 19.52
C SER B 123 -28.32 -17.52 20.45
N ASP B 124 -27.78 -17.20 21.63
CA ASP B 124 -28.45 -16.23 22.53
C ASP B 124 -28.37 -14.79 22.02
N LYS B 125 -27.68 -14.63 20.88
CA LYS B 125 -27.60 -13.35 20.18
C LYS B 125 -28.17 -13.46 18.75
N GLY B 126 -28.88 -14.55 18.46
CA GLY B 126 -29.49 -14.70 17.13
C GLY B 126 -28.63 -15.52 16.18
N GLY B 127 -29.20 -15.84 15.03
CA GLY B 127 -28.53 -16.65 14.02
C GLY B 127 -29.31 -16.58 12.72
N TYR B 128 -28.77 -17.19 11.66
CA TYR B 128 -29.36 -17.07 10.32
C TYR B 128 -30.79 -17.59 10.17
N LEU B 129 -31.18 -18.60 10.94
CA LEU B 129 -32.54 -19.12 10.85
C LEU B 129 -33.59 -18.17 11.43
N ASP B 130 -33.17 -17.16 12.20
CA ASP B 130 -34.13 -16.16 12.66
C ASP B 130 -34.87 -15.51 11.50
N HIS B 131 -34.17 -15.35 10.37
CA HIS B 131 -34.76 -14.73 9.19
C HIS B 131 -35.97 -15.50 8.70
N VAL B 132 -35.90 -16.84 8.76
CA VAL B 132 -36.95 -17.68 8.23
C VAL B 132 -37.91 -18.24 9.26
N ASN B 133 -37.49 -18.33 10.52
CA ASN B 133 -38.39 -18.75 11.56
C ASN B 133 -39.25 -17.55 11.99
N HIS B 134 -38.79 -16.79 12.98
CA HIS B 134 -39.54 -15.68 13.55
CA HIS B 134 -39.63 -15.72 13.51
C HIS B 134 -39.77 -14.47 12.63
N ALA B 135 -38.74 -14.10 11.88
CA ALA B 135 -38.87 -12.90 11.04
C ALA B 135 -39.82 -13.13 9.86
N GLY B 136 -39.87 -14.38 9.38
CA GLY B 136 -40.89 -14.81 8.43
C GLY B 136 -40.57 -14.63 6.96
N ALA B 137 -39.29 -14.49 6.61
CA ALA B 137 -38.91 -14.58 5.20
C ALA B 137 -39.09 -16.03 4.78
N LYS B 138 -39.29 -16.25 3.48
CA LYS B 138 -39.42 -17.62 2.97
C LYS B 138 -38.08 -18.37 2.96
N LYS B 139 -37.01 -17.66 2.62
CA LYS B 139 -35.70 -18.28 2.40
C LYS B 139 -34.58 -17.33 2.85
N VAL B 140 -33.47 -17.91 3.27
CA VAL B 140 -32.28 -17.13 3.59
C VAL B 140 -31.06 -17.74 2.91
N ILE B 141 -30.24 -16.88 2.32
CA ILE B 141 -28.92 -17.30 1.85
C ILE B 141 -27.85 -16.74 2.78
N LEU B 142 -27.07 -17.64 3.38
CA LEU B 142 -25.97 -17.26 4.23
C LEU B 142 -24.74 -17.08 3.34
N THR B 143 -24.19 -15.88 3.29
CA THR B 143 -23.06 -15.59 2.42
C THR B 143 -21.70 -15.97 3.03
N VAL B 144 -21.64 -17.09 3.73
CA VAL B 144 -20.42 -17.58 4.38
C VAL B 144 -20.67 -19.05 4.71
N PRO B 145 -19.61 -19.87 4.86
CA PRO B 145 -19.88 -21.21 5.39
C PRO B 145 -20.51 -21.12 6.78
N ALA B 146 -21.51 -21.95 7.07
CA ALA B 146 -22.10 -22.00 8.41
C ALA B 146 -21.10 -22.60 9.38
N LYS B 147 -21.13 -22.14 10.63
CA LYS B 147 -20.34 -22.75 11.69
C LYS B 147 -20.92 -24.12 12.08
N ASP B 148 -22.22 -24.30 11.81
CA ASP B 148 -22.86 -25.61 11.98
C ASP B 148 -23.14 -26.20 10.60
N GLU B 149 -24.00 -27.20 10.52
CA GLU B 149 -24.29 -27.82 9.23
C GLU B 149 -25.37 -27.01 8.53
N ILE B 150 -25.18 -26.79 7.23
CA ILE B 150 -26.18 -26.14 6.41
C ILE B 150 -26.07 -26.66 4.98
N LYS B 151 -27.21 -26.75 4.30
CA LYS B 151 -27.21 -27.05 2.89
C LYS B 151 -26.29 -26.02 2.20
N THR B 152 -25.28 -26.52 1.52
CA THR B 152 -24.29 -25.67 0.87
C THR B 152 -24.31 -25.91 -0.64
N ILE B 153 -24.42 -24.82 -1.40
CA ILE B 153 -24.46 -24.90 -2.85
C ILE B 153 -23.31 -24.12 -3.46
N VAL B 154 -22.59 -24.74 -4.39
CA VAL B 154 -21.66 -23.98 -5.24
C VAL B 154 -22.15 -24.07 -6.67
N LEU B 155 -22.61 -22.95 -7.22
CA LEU B 155 -23.14 -22.97 -8.59
C LEU B 155 -22.06 -23.41 -9.54
N GLY B 156 -22.47 -24.27 -10.48
CA GLY B 156 -21.58 -24.91 -11.44
C GLY B 156 -21.16 -26.27 -10.93
N VAL B 157 -21.46 -26.55 -9.67
CA VAL B 157 -20.98 -27.79 -9.06
C VAL B 157 -22.12 -28.72 -8.60
N ASN B 158 -22.94 -28.26 -7.65
CA ASN B 158 -24.04 -29.07 -7.16
C ASN B 158 -25.39 -28.37 -7.27
N ASP B 159 -25.60 -27.72 -8.42
CA ASP B 159 -26.89 -27.09 -8.77
C ASP B 159 -28.09 -28.00 -8.53
N HIS B 160 -27.97 -29.26 -8.95
CA HIS B 160 -29.02 -30.28 -8.77
C HIS B 160 -29.48 -30.41 -7.32
N ASP B 161 -28.64 -30.01 -6.37
CA ASP B 161 -29.02 -30.04 -4.95
C ASP B 161 -30.04 -28.96 -4.55
N ILE B 162 -30.27 -27.99 -5.44
CA ILE B 162 -31.30 -26.96 -5.25
C ILE B 162 -32.69 -27.56 -5.50
N ASN B 163 -33.60 -27.41 -4.53
CA ASN B 163 -35.02 -27.72 -4.73
C ASN B 163 -35.88 -26.67 -4.01
N SER B 164 -37.17 -26.68 -4.32
CA SER B 164 -38.14 -25.70 -3.83
C SER B 164 -38.40 -25.73 -2.31
N ASP B 165 -38.01 -26.83 -1.68
CA ASP B 165 -38.23 -27.02 -0.25
C ASP B 165 -37.15 -26.38 0.64
N LEU B 166 -36.06 -25.92 0.03
CA LEU B 166 -34.96 -25.30 0.80
C LEU B 166 -35.40 -24.02 1.51
N LYS B 167 -35.12 -23.95 2.80
CA LYS B 167 -35.37 -22.72 3.55
C LYS B 167 -34.07 -21.94 3.84
N ALA B 168 -32.98 -22.66 4.04
CA ALA B 168 -31.72 -22.03 4.40
C ALA B 168 -30.58 -22.69 3.65
N VAL B 169 -29.79 -21.86 2.97
CA VAL B 169 -28.61 -22.34 2.23
CA VAL B 169 -28.64 -22.32 2.19
C VAL B 169 -27.43 -21.42 2.41
N SER B 170 -26.23 -22.00 2.35
CA SER B 170 -25.01 -21.22 2.29
C SER B 170 -24.49 -21.31 0.87
N ASN B 171 -23.98 -20.18 0.36
CA ASN B 171 -23.28 -20.13 -0.91
C ASN B 171 -21.79 -20.44 -0.73
N ALA B 172 -21.44 -20.99 0.42
CA ALA B 172 -20.05 -21.33 0.78
C ALA B 172 -19.15 -20.08 0.84
N SER B 173 -17.86 -20.23 0.60
CA SER B 173 -16.97 -19.08 0.64
C SER B 173 -16.50 -18.73 -0.76
N CYS B 174 -15.89 -17.56 -0.91
CA CYS B 174 -15.36 -17.14 -2.21
C CYS B 174 -14.31 -18.15 -2.66
N THR B 175 -13.49 -18.61 -1.72
CA THR B 175 -12.41 -19.55 -2.04
C THR B 175 -12.97 -20.93 -2.51
N THR B 176 -14.02 -21.42 -1.85
CA THR B 176 -14.63 -22.68 -2.27
C THR B 176 -15.26 -22.52 -3.66
N ASN B 177 -15.85 -21.36 -3.92
CA ASN B 177 -16.40 -21.09 -5.25
C ASN B 177 -15.35 -21.05 -6.36
N CYS B 178 -14.12 -20.68 -6.02
CA CYS B 178 -13.00 -20.77 -6.97
C CYS B 178 -12.47 -22.19 -7.13
N LEU B 179 -12.27 -22.87 -6.01
CA LEU B 179 -11.60 -24.16 -5.99
C LEU B 179 -12.49 -25.31 -6.48
N ALA B 180 -13.75 -25.33 -6.02
CA ALA B 180 -14.68 -26.43 -6.35
C ALA B 180 -14.93 -26.67 -7.88
N PRO B 181 -15.25 -25.63 -8.67
CA PRO B 181 -15.45 -25.86 -10.12
C PRO B 181 -14.19 -26.40 -10.77
N LEU B 182 -13.05 -25.88 -10.33
CA LEU B 182 -11.75 -26.33 -10.77
C LEU B 182 -11.54 -27.81 -10.44
N ALA B 183 -11.79 -28.18 -9.18
CA ALA B 183 -11.59 -29.56 -8.74
C ALA B 183 -12.57 -30.51 -9.45
N LYS B 184 -13.77 -30.03 -9.74
CA LYS B 184 -14.78 -30.81 -10.44
C LYS B 184 -14.30 -31.28 -11.81
N VAL B 185 -13.77 -30.35 -12.60
CA VAL B 185 -13.32 -30.66 -13.94
C VAL B 185 -12.11 -31.58 -13.86
N LEU B 186 -11.17 -31.26 -12.99
CA LEU B 186 -9.96 -32.09 -12.88
C LEU B 186 -10.32 -33.49 -12.42
N HIS B 187 -11.25 -33.60 -11.47
CA HIS B 187 -11.62 -34.92 -11.00
C HIS B 187 -12.35 -35.73 -12.07
N GLU B 188 -13.29 -35.11 -12.78
CA GLU B 188 -14.01 -35.76 -13.87
C GLU B 188 -13.09 -36.23 -15.00
N SER B 189 -12.09 -35.43 -15.34
CA SER B 189 -11.19 -35.75 -16.45
C SER B 189 -10.06 -36.68 -16.05
N PHE B 190 -9.47 -36.46 -14.89
CA PHE B 190 -8.22 -37.13 -14.54
C PHE B 190 -8.27 -37.96 -13.27
N GLY B 191 -9.23 -37.65 -12.40
CA GLY B 191 -9.25 -38.26 -11.06
C GLY B 191 -8.28 -37.52 -10.16
N ILE B 192 -8.75 -37.15 -8.98
CA ILE B 192 -7.90 -36.51 -7.97
C ILE B 192 -7.65 -37.53 -6.88
N GLU B 193 -6.39 -37.76 -6.56
CA GLU B 193 -6.03 -38.62 -5.45
C GLU B 193 -6.11 -37.79 -4.15
N GLN B 194 -5.31 -36.73 -4.08
CA GLN B 194 -5.31 -35.78 -2.96
C GLN B 194 -4.86 -34.44 -3.53
N GLY B 195 -5.15 -33.36 -2.81
CA GLY B 195 -4.68 -32.04 -3.21
C GLY B 195 -4.52 -31.10 -2.04
N LEU B 196 -3.58 -30.17 -2.16
CA LEU B 196 -3.36 -29.15 -1.15
C LEU B 196 -3.30 -27.82 -1.86
N MET B 197 -3.76 -26.78 -1.19
CA MET B 197 -3.84 -25.48 -1.84
C MET B 197 -3.44 -24.33 -0.95
N THR B 198 -3.09 -23.21 -1.58
CA THR B 198 -3.01 -21.95 -0.89
C THR B 198 -3.86 -20.99 -1.68
N THR B 199 -4.55 -20.11 -0.96
CA THR B 199 -5.10 -18.94 -1.60
C THR B 199 -4.30 -17.72 -1.19
N VAL B 200 -3.81 -16.99 -2.19
CA VAL B 200 -3.18 -15.70 -1.95
C VAL B 200 -4.29 -14.68 -2.16
N HIS B 201 -4.66 -14.00 -1.08
CA HIS B 201 -6.01 -13.47 -0.95
C HIS B 201 -6.02 -12.03 -0.49
N ALA B 202 -6.85 -11.21 -1.12
CA ALA B 202 -7.05 -9.81 -0.73
C ALA B 202 -7.42 -9.70 0.74
N TYR B 203 -7.06 -8.58 1.36
CA TYR B 203 -7.54 -8.34 2.72
C TYR B 203 -9.05 -8.04 2.73
N THR B 204 -9.69 -8.27 3.88
CA THR B 204 -11.12 -7.98 4.02
C THR B 204 -11.34 -7.15 5.27
N ASN B 205 -12.58 -6.73 5.49
CA ASN B 205 -12.96 -6.01 6.71
C ASN B 205 -12.90 -6.84 7.98
N ASP B 206 -12.65 -8.15 7.86
CA ASP B 206 -12.37 -8.93 9.06
C ASP B 206 -10.98 -8.66 9.62
N GLN B 207 -10.14 -7.95 8.87
CA GLN B 207 -8.78 -7.72 9.30
C GLN B 207 -8.63 -6.35 9.96
N ARG B 208 -7.42 -6.00 10.37
CA ARG B 208 -7.21 -4.76 11.11
C ARG B 208 -6.31 -3.83 10.31
N ILE B 209 -6.58 -2.52 10.38
CA ILE B 209 -5.77 -1.55 9.66
C ILE B 209 -4.38 -1.42 10.31
N LEU B 210 -4.34 -1.36 11.64
CA LEU B 210 -3.07 -1.44 12.39
C LEU B 210 -3.26 -2.49 13.47
N ASP B 211 -2.17 -2.96 14.05
CA ASP B 211 -2.21 -4.04 15.03
C ASP B 211 -3.27 -3.73 16.11
N LEU B 212 -4.17 -4.68 16.33
CA LEU B 212 -5.31 -4.48 17.22
C LEU B 212 -5.82 -5.86 17.60
N PRO B 213 -6.42 -6.02 18.80
CA PRO B 213 -6.96 -7.35 19.19
C PRO B 213 -7.92 -7.98 18.17
N HIS B 214 -7.81 -9.31 18.03
CA HIS B 214 -8.60 -10.11 17.10
C HIS B 214 -8.45 -11.52 17.66
N SER B 215 -9.48 -12.36 17.56
CA SER B 215 -9.34 -13.72 18.08
C SER B 215 -8.33 -14.53 17.26
N ASP B 216 -8.12 -14.13 16.02
CA ASP B 216 -7.07 -14.70 15.21
C ASP B 216 -5.84 -13.78 15.30
N LEU B 217 -4.78 -14.26 15.93
CA LEU B 217 -3.60 -13.42 16.23
C LEU B 217 -2.85 -12.95 15.00
N ARG B 218 -3.05 -13.64 13.88
CA ARG B 218 -2.46 -13.15 12.65
C ARG B 218 -3.33 -12.06 12.01
N ARG B 219 -4.65 -12.24 12.07
CA ARG B 219 -5.58 -11.25 11.54
C ARG B 219 -5.63 -9.97 12.36
N ALA B 220 -5.01 -10.03 13.53
CA ALA B 220 -4.80 -8.88 14.40
C ALA B 220 -3.82 -7.87 13.82
N ARG B 221 -3.07 -8.26 12.78
CA ARG B 221 -1.93 -7.47 12.32
C ARG B 221 -2.23 -6.55 11.13
N ALA B 222 -1.67 -5.34 11.16
CA ALA B 222 -1.84 -4.35 10.11
C ALA B 222 -1.95 -4.99 8.72
N ALA B 223 -3.12 -4.91 8.13
CA ALA B 223 -3.46 -5.70 6.93
C ALA B 223 -2.72 -5.31 5.65
N ALA B 224 -2.34 -4.04 5.54
CA ALA B 224 -1.69 -3.56 4.33
C ALA B 224 -0.16 -3.61 4.42
N LEU B 225 0.36 -4.22 5.48
CA LEU B 225 1.81 -4.18 5.77
C LEU B 225 2.48 -5.54 5.67
N SER B 226 1.68 -6.61 5.63
CA SER B 226 2.25 -7.95 5.66
C SER B 226 1.55 -8.97 4.78
N ILE B 227 2.29 -10.06 4.51
CA ILE B 227 1.71 -11.33 4.13
C ILE B 227 1.26 -11.99 5.43
N ILE B 228 -0.01 -12.40 5.51
CA ILE B 228 -0.60 -12.86 6.78
C ILE B 228 -1.22 -14.24 6.62
N PRO B 229 -0.52 -15.30 7.10
CA PRO B 229 -1.11 -16.65 7.04
C PRO B 229 -2.37 -16.70 7.87
N THR B 230 -3.40 -17.39 7.38
CA THR B 230 -4.59 -17.60 8.16
C THR B 230 -5.25 -18.91 7.70
N SER B 231 -5.92 -19.59 8.62
CA SER B 231 -6.50 -20.89 8.29
C SER B 231 -7.73 -20.72 7.39
N THR B 232 -8.04 -21.76 6.62
CA THR B 232 -9.26 -21.76 5.82
C THR B 232 -9.84 -23.16 5.69
N GLY B 233 -11.16 -23.25 5.78
CA GLY B 233 -11.85 -24.51 5.62
C GLY B 233 -12.30 -24.72 4.17
N ALA B 234 -11.87 -23.82 3.29
CA ALA B 234 -12.41 -23.77 1.92
C ALA B 234 -12.11 -25.00 1.10
N ALA B 235 -10.92 -25.59 1.26
CA ALA B 235 -10.56 -26.79 0.49
C ALA B 235 -11.29 -28.03 1.00
N LYS B 236 -11.34 -28.22 2.32
CA LYS B 236 -12.13 -29.29 2.90
C LYS B 236 -13.61 -29.15 2.55
N ALA B 237 -14.10 -27.91 2.50
CA ALA B 237 -15.50 -27.67 2.15
C ALA B 237 -15.86 -28.13 0.73
N VAL B 238 -14.86 -28.33 -0.13
CA VAL B 238 -15.14 -28.84 -1.49
C VAL B 238 -15.92 -30.15 -1.39
N GLY B 239 -15.61 -30.96 -0.36
CA GLY B 239 -16.26 -32.24 -0.13
C GLY B 239 -17.75 -32.16 0.16
N LEU B 240 -18.22 -30.98 0.59
CA LEU B 240 -19.64 -30.76 0.80
C LEU B 240 -20.43 -30.75 -0.51
N VAL B 241 -19.81 -30.19 -1.55
CA VAL B 241 -20.46 -30.01 -2.84
C VAL B 241 -20.00 -31.04 -3.88
N LEU B 242 -18.87 -31.70 -3.61
CA LEU B 242 -18.33 -32.81 -4.39
C LEU B 242 -17.96 -33.97 -3.46
N PRO B 243 -18.95 -34.84 -3.15
CA PRO B 243 -18.75 -35.87 -2.13
C PRO B 243 -17.58 -36.82 -2.43
N GLU B 244 -17.30 -37.08 -3.70
CA GLU B 244 -16.14 -37.92 -4.07
C GLU B 244 -14.78 -37.32 -3.65
N LEU B 245 -14.74 -36.01 -3.42
CA LEU B 245 -13.51 -35.33 -2.98
C LEU B 245 -13.43 -35.10 -1.46
N LYS B 246 -14.43 -35.57 -0.72
CA LYS B 246 -14.40 -35.47 0.73
C LYS B 246 -13.12 -36.07 1.31
N GLY B 247 -12.47 -35.32 2.21
CA GLY B 247 -11.23 -35.75 2.83
C GLY B 247 -10.00 -35.76 1.94
N LYS B 248 -10.14 -35.29 0.70
CA LYS B 248 -9.06 -35.37 -0.25
C LYS B 248 -8.31 -34.04 -0.42
N LEU B 249 -8.88 -32.94 0.05
CA LEU B 249 -8.27 -31.61 -0.14
C LEU B 249 -8.13 -30.86 1.16
N ASN B 250 -7.06 -30.09 1.29
CA ASN B 250 -6.96 -29.16 2.40
C ASN B 250 -6.13 -27.96 1.94
N GLY B 251 -6.02 -26.94 2.77
CA GLY B 251 -5.31 -25.75 2.35
C GLY B 251 -5.16 -24.68 3.40
N THR B 252 -4.46 -23.63 3.01
CA THR B 252 -4.22 -22.49 3.89
C THR B 252 -4.38 -21.20 3.08
N SER B 253 -4.43 -20.07 3.77
CA SER B 253 -4.66 -18.80 3.14
C SER B 253 -3.53 -17.86 3.51
N MET B 254 -3.20 -16.95 2.59
CA MET B 254 -2.29 -15.85 2.89
CA MET B 254 -2.26 -15.86 2.84
C MET B 254 -2.95 -14.54 2.49
N ARG B 255 -3.23 -13.73 3.48
CA ARG B 255 -3.85 -12.43 3.22
C ARG B 255 -2.74 -11.45 2.86
N VAL B 256 -2.87 -10.79 1.72
CA VAL B 256 -1.82 -9.85 1.27
C VAL B 256 -2.41 -8.46 0.97
N PRO B 257 -1.56 -7.43 0.86
CA PRO B 257 -2.06 -6.04 0.73
C PRO B 257 -2.63 -5.64 -0.64
N VAL B 258 -3.71 -6.31 -1.06
CA VAL B 258 -4.52 -5.82 -2.18
C VAL B 258 -5.99 -5.79 -1.68
N PRO B 259 -6.78 -4.79 -2.12
CA PRO B 259 -8.13 -4.61 -1.56
C PRO B 259 -9.18 -5.59 -2.08
N THR B 260 -9.00 -6.08 -3.30
CA THR B 260 -9.79 -7.19 -3.81
C THR B 260 -8.96 -7.92 -4.87
N GLY B 261 -9.34 -9.18 -5.13
CA GLY B 261 -8.62 -9.99 -6.09
C GLY B 261 -7.76 -11.02 -5.37
N SER B 262 -8.00 -12.29 -5.70
CA SER B 262 -7.36 -13.39 -5.01
C SER B 262 -7.02 -14.47 -6.03
N ILE B 263 -6.20 -15.42 -5.62
CA ILE B 263 -5.76 -16.50 -6.51
C ILE B 263 -5.56 -17.78 -5.71
N VAL B 264 -6.17 -18.85 -6.21
CA VAL B 264 -6.02 -20.18 -5.67
C VAL B 264 -4.85 -20.86 -6.38
N ASP B 265 -4.00 -21.48 -5.57
CA ASP B 265 -2.83 -22.19 -6.04
C ASP B 265 -3.01 -23.65 -5.60
N LEU B 266 -3.44 -24.50 -6.54
CA LEU B 266 -3.80 -25.87 -6.23
C LEU B 266 -2.71 -26.84 -6.67
N THR B 267 -2.13 -27.55 -5.70
CA THR B 267 -1.20 -28.62 -6.01
C THR B 267 -1.90 -29.95 -5.76
N VAL B 268 -2.03 -30.74 -6.82
CA VAL B 268 -2.89 -31.90 -6.79
C VAL B 268 -2.17 -33.12 -7.40
N GLN B 269 -2.35 -34.28 -6.77
CA GLN B 269 -1.87 -35.54 -7.35
C GLN B 269 -3.03 -36.14 -8.13
N LEU B 270 -2.90 -36.18 -9.45
CA LEU B 270 -3.95 -36.70 -10.32
C LEU B 270 -3.79 -38.21 -10.57
N LYS B 271 -4.88 -38.87 -10.96
CA LYS B 271 -4.84 -40.31 -11.21
C LYS B 271 -4.26 -40.70 -12.58
N LYS B 272 -4.44 -39.83 -13.58
CA LYS B 272 -3.84 -40.02 -14.89
C LYS B 272 -2.35 -39.67 -14.83
N LYS B 273 -1.51 -40.71 -14.80
CA LYS B 273 -0.08 -40.51 -14.46
C LYS B 273 0.77 -39.89 -15.57
N ASP B 274 0.26 -39.85 -16.79
CA ASP B 274 1.00 -39.28 -17.92
C ASP B 274 0.39 -37.94 -18.39
N VAL B 275 -0.39 -37.31 -17.52
CA VAL B 275 -1.03 -36.05 -17.87
C VAL B 275 0.02 -34.96 -18.13
N THR B 276 -0.29 -34.04 -19.04
CA THR B 276 0.61 -32.92 -19.33
C THR B 276 -0.07 -31.60 -19.02
N LYS B 277 0.74 -30.56 -18.93
CA LYS B 277 0.27 -29.21 -18.75
C LYS B 277 -0.74 -28.79 -19.83
N GLU B 278 -0.47 -29.14 -21.09
CA GLU B 278 -1.33 -28.74 -22.19
C GLU B 278 -2.67 -29.47 -22.12
N GLU B 279 -2.62 -30.73 -21.70
CA GLU B 279 -3.82 -31.54 -21.51
C GLU B 279 -4.73 -30.99 -20.40
N ILE B 280 -4.13 -30.66 -19.25
CA ILE B 280 -4.86 -30.00 -18.17
C ILE B 280 -5.53 -28.73 -18.67
N ASN B 281 -4.75 -27.86 -19.32
CA ASN B 281 -5.28 -26.61 -19.85
C ASN B 281 -6.40 -26.79 -20.87
N SER B 282 -6.25 -27.79 -21.74
CA SER B 282 -7.27 -28.04 -22.74
C SER B 282 -8.61 -28.47 -22.11
N VAL B 283 -8.60 -29.38 -21.14
CA VAL B 283 -9.89 -29.71 -20.49
C VAL B 283 -10.49 -28.52 -19.72
N LEU B 284 -9.63 -27.69 -19.14
CA LEU B 284 -10.12 -26.53 -18.38
C LEU B 284 -10.70 -25.48 -19.32
N ARG B 285 -9.98 -25.19 -20.41
CA ARG B 285 -10.51 -24.31 -21.44
C ARG B 285 -11.85 -24.84 -21.99
N LYS B 286 -11.91 -26.13 -22.33
CA LYS B 286 -13.16 -26.67 -22.90
C LYS B 286 -14.31 -26.62 -21.89
N ALA B 287 -14.02 -26.94 -20.64
CA ALA B 287 -15.07 -26.91 -19.63
C ALA B 287 -15.67 -25.51 -19.44
N SER B 288 -14.82 -24.48 -19.55
CA SER B 288 -15.24 -23.08 -19.39
C SER B 288 -16.19 -22.61 -20.49
N GLU B 289 -16.35 -23.42 -21.54
CA GLU B 289 -17.21 -23.04 -22.66
C GLU B 289 -18.56 -23.77 -22.64
N THR B 290 -18.69 -24.74 -21.74
CA THR B 290 -19.90 -25.54 -21.65
C THR B 290 -21.03 -24.74 -21.01
N PRO B 291 -22.29 -25.12 -21.30
CA PRO B 291 -23.40 -24.41 -20.68
C PRO B 291 -23.40 -24.49 -19.15
N GLU B 292 -22.91 -25.58 -18.60
CA GLU B 292 -22.88 -25.78 -17.16
C GLU B 292 -21.88 -24.84 -16.44
N LEU B 293 -20.74 -24.56 -17.07
CA LEU B 293 -19.68 -23.77 -16.41
C LEU B 293 -19.35 -22.40 -17.03
N LYS B 294 -19.87 -22.12 -18.22
CA LYS B 294 -19.71 -20.79 -18.80
C LYS B 294 -20.20 -19.68 -17.86
N GLY B 295 -19.35 -18.69 -17.62
CA GLY B 295 -19.72 -17.61 -16.71
C GLY B 295 -19.34 -17.92 -15.27
N ILE B 296 -18.99 -19.19 -15.02
CA ILE B 296 -18.58 -19.61 -13.68
C ILE B 296 -17.09 -19.91 -13.68
N LEU B 297 -16.67 -20.87 -14.50
CA LEU B 297 -15.26 -21.15 -14.71
C LEU B 297 -14.80 -20.45 -15.99
N GLY B 298 -13.75 -19.65 -15.84
CA GLY B 298 -13.15 -18.91 -16.95
C GLY B 298 -11.75 -19.46 -17.22
N TYR B 299 -11.17 -19.07 -18.34
CA TYR B 299 -9.84 -19.53 -18.70
C TYR B 299 -9.13 -18.42 -19.47
N THR B 300 -7.87 -18.17 -19.12
CA THR B 300 -7.10 -17.22 -19.88
C THR B 300 -5.70 -17.73 -20.11
N GLU B 301 -5.06 -17.22 -21.16
CA GLU B 301 -3.63 -17.42 -21.38
C GLU B 301 -2.91 -16.08 -21.50
N ASP B 302 -3.55 -15.01 -21.06
CA ASP B 302 -2.89 -13.70 -21.00
C ASP B 302 -2.12 -13.63 -19.68
N PRO B 303 -0.94 -12.97 -19.70
CA PRO B 303 -0.15 -12.85 -18.49
C PRO B 303 -0.67 -11.69 -17.62
N ILE B 304 -1.80 -11.95 -16.97
CA ILE B 304 -2.50 -10.92 -16.19
C ILE B 304 -1.99 -10.82 -14.75
N VAL B 305 -2.46 -9.81 -14.03
CA VAL B 305 -2.18 -9.66 -12.59
C VAL B 305 -3.49 -9.40 -11.87
N SER B 306 -3.47 -9.42 -10.54
CA SER B 306 -4.73 -9.42 -9.77
C SER B 306 -5.67 -8.25 -10.09
N SER B 307 -5.11 -7.06 -10.30
CA SER B 307 -5.94 -5.91 -10.66
C SER B 307 -6.80 -6.18 -11.88
N ASP B 308 -6.33 -7.04 -12.79
CA ASP B 308 -7.10 -7.34 -14.01
C ASP B 308 -8.38 -8.15 -13.79
N ILE B 309 -8.49 -8.86 -12.66
CA ILE B 309 -9.74 -9.60 -12.41
C ILE B 309 -10.74 -8.85 -11.52
N LYS B 310 -10.37 -7.64 -11.12
CA LYS B 310 -11.24 -6.78 -10.35
C LYS B 310 -12.53 -6.56 -11.13
N GLY B 311 -13.67 -6.89 -10.51
CA GLY B 311 -14.97 -6.74 -11.16
C GLY B 311 -15.34 -7.86 -12.13
N ASN B 312 -14.54 -8.92 -12.17
CA ASN B 312 -14.87 -10.07 -12.98
C ASN B 312 -15.92 -10.94 -12.28
N SER B 313 -16.92 -11.38 -13.03
CA SER B 313 -18.06 -12.07 -12.44
C SER B 313 -17.89 -13.60 -12.40
N HIS B 314 -16.76 -14.11 -12.88
CA HIS B 314 -16.51 -15.54 -12.81
C HIS B 314 -16.20 -15.93 -11.38
N SER B 315 -16.50 -17.18 -11.03
CA SER B 315 -16.10 -17.76 -9.75
C SER B 315 -14.63 -18.14 -9.75
N SER B 316 -14.09 -18.46 -10.93
CA SER B 316 -12.79 -19.13 -11.04
C SER B 316 -12.24 -18.90 -12.45
N ILE B 317 -11.06 -18.29 -12.57
CA ILE B 317 -10.43 -18.01 -13.87
C ILE B 317 -9.04 -18.60 -13.91
N VAL B 318 -8.93 -19.73 -14.61
CA VAL B 318 -7.67 -20.46 -14.69
C VAL B 318 -6.61 -19.64 -15.42
N ASP B 319 -5.45 -19.48 -14.77
CA ASP B 319 -4.30 -18.82 -15.39
C ASP B 319 -3.49 -19.88 -16.14
N GLY B 320 -3.81 -20.06 -17.42
CA GLY B 320 -3.22 -21.17 -18.20
C GLY B 320 -1.71 -21.17 -18.33
N LEU B 321 -1.11 -19.98 -18.37
CA LEU B 321 0.35 -19.83 -18.41
C LEU B 321 1.05 -20.40 -17.19
N GLU B 322 0.34 -20.46 -16.07
CA GLU B 322 0.91 -20.94 -14.81
C GLU B 322 0.83 -22.46 -14.58
N THR B 323 0.01 -23.14 -15.37
CA THR B 323 -0.22 -24.57 -15.16
C THR B 323 1.09 -25.31 -15.31
N MET B 324 1.37 -26.19 -14.35
CA MET B 324 2.67 -26.84 -14.25
C MET B 324 2.48 -28.30 -13.89
N VAL B 325 3.27 -29.19 -14.49
CA VAL B 325 3.20 -30.60 -14.18
C VAL B 325 4.61 -31.08 -13.94
N LEU B 326 4.81 -31.77 -12.83
CA LEU B 326 6.14 -32.28 -12.56
C LEU B 326 6.18 -33.70 -13.14
N GLU B 327 6.11 -34.74 -12.32
CA GLU B 327 6.05 -36.11 -12.81
C GLU B 327 4.83 -36.87 -12.30
N ASN B 328 4.34 -37.82 -13.10
CA ASN B 328 3.44 -38.84 -12.60
C ASN B 328 2.09 -38.29 -12.13
N GLY B 329 1.59 -37.26 -12.83
CA GLY B 329 0.31 -36.66 -12.49
C GLY B 329 0.30 -35.68 -11.33
N PHE B 330 1.49 -35.32 -10.84
CA PHE B 330 1.65 -34.29 -9.81
C PHE B 330 1.62 -32.92 -10.48
N ALA B 331 0.62 -32.12 -10.16
CA ALA B 331 0.36 -30.92 -10.96
C ALA B 331 0.03 -29.69 -10.12
N LYS B 332 0.21 -28.52 -10.72
CA LYS B 332 -0.10 -27.26 -10.08
C LYS B 332 -0.96 -26.41 -11.01
N ILE B 333 -2.12 -25.96 -10.51
CA ILE B 333 -3.04 -25.13 -11.27
C ILE B 333 -3.36 -23.85 -10.46
N LEU B 334 -3.37 -22.71 -11.12
CA LEU B 334 -3.69 -21.41 -10.52
C LEU B 334 -4.94 -20.83 -11.14
N SER B 335 -5.79 -20.26 -10.30
CA SER B 335 -7.05 -19.70 -10.74
C SER B 335 -7.41 -18.46 -9.94
N TRP B 336 -7.73 -17.40 -10.68
CA TRP B 336 -8.03 -16.09 -10.16
C TRP B 336 -9.50 -16.01 -9.73
N TYR B 337 -9.79 -15.10 -8.81
CA TYR B 337 -11.17 -14.72 -8.50
C TYR B 337 -11.22 -13.40 -7.82
N ASP B 338 -12.17 -12.56 -8.22
CA ASP B 338 -12.50 -11.40 -7.43
C ASP B 338 -13.35 -11.90 -6.27
N ASN B 339 -12.76 -12.01 -5.09
CA ASN B 339 -13.45 -12.58 -3.94
C ASN B 339 -14.74 -11.87 -3.57
N GLU B 340 -14.86 -10.60 -3.94
CA GLU B 340 -16.09 -9.85 -3.68
C GLU B 340 -17.11 -10.02 -4.81
N PHE B 341 -16.64 -9.80 -6.04
CA PHE B 341 -17.59 -9.57 -7.13
C PHE B 341 -18.09 -10.86 -7.75
N GLY B 342 -17.19 -11.84 -7.92
CA GLY B 342 -17.59 -13.15 -8.44
C GLY B 342 -18.56 -13.80 -7.48
N TYR B 343 -18.17 -13.88 -6.21
CA TYR B 343 -19.02 -14.42 -5.17
C TYR B 343 -20.38 -13.74 -5.05
N SER B 344 -20.39 -12.41 -5.07
CA SER B 344 -21.66 -11.67 -5.00
C SER B 344 -22.55 -11.97 -6.19
N THR B 345 -21.96 -12.21 -7.37
CA THR B 345 -22.75 -12.56 -8.55
C THR B 345 -23.40 -13.93 -8.34
N ARG B 346 -22.65 -14.89 -7.79
CA ARG B 346 -23.19 -16.20 -7.44
C ARG B 346 -24.34 -16.12 -6.45
N VAL B 347 -24.22 -15.27 -5.43
CA VAL B 347 -25.28 -15.09 -4.46
C VAL B 347 -26.59 -14.68 -5.16
N VAL B 348 -26.50 -13.71 -6.09
CA VAL B 348 -27.69 -13.28 -6.83
C VAL B 348 -28.22 -14.40 -7.75
N ASP B 349 -27.31 -15.05 -8.49
CA ASP B 349 -27.66 -16.23 -9.27
C ASP B 349 -28.42 -17.26 -8.41
N LEU B 350 -27.91 -17.52 -7.20
CA LEU B 350 -28.49 -18.52 -6.31
C LEU B 350 -29.88 -18.08 -5.86
N ALA B 351 -30.02 -16.80 -5.49
CA ALA B 351 -31.32 -16.27 -5.06
C ALA B 351 -32.39 -16.53 -6.11
N GLN B 352 -32.06 -16.23 -7.37
CA GLN B 352 -32.99 -16.43 -8.48
C GLN B 352 -33.32 -17.90 -8.73
N LYS B 353 -32.34 -18.78 -8.51
CA LYS B 353 -32.59 -20.22 -8.67
C LYS B 353 -33.50 -20.77 -7.57
N LEU B 354 -33.41 -20.20 -6.37
CA LEU B 354 -34.17 -20.69 -5.23
C LEU B 354 -35.66 -20.46 -5.38
N VAL B 355 -36.03 -19.38 -6.05
CA VAL B 355 -37.43 -19.08 -6.32
C VAL B 355 -37.77 -19.61 -7.72
N MET C 22 40.63 -9.39 5.23
CA MET C 22 40.29 -9.46 3.78
C MET C 22 39.82 -8.13 3.21
N LYS C 23 40.10 -7.93 1.93
CA LYS C 23 39.71 -6.72 1.25
C LYS C 23 38.53 -6.98 0.34
N LEU C 24 37.42 -6.29 0.61
CA LEU C 24 36.17 -6.48 -0.11
C LEU C 24 35.86 -5.29 -1.01
N ALA C 25 35.32 -5.58 -2.19
CA ALA C 25 34.76 -4.54 -3.06
C ALA C 25 33.33 -4.91 -3.40
N ILE C 26 32.49 -3.89 -3.57
CA ILE C 26 31.09 -4.10 -3.91
C ILE C 26 30.82 -3.46 -5.24
N ASN C 27 30.37 -4.26 -6.20
CA ASN C 27 29.98 -3.77 -7.50
C ASN C 27 28.46 -3.78 -7.61
N GLY C 28 27.85 -2.59 -7.62
CA GLY C 28 26.38 -2.48 -7.60
C GLY C 28 25.93 -2.26 -6.16
N PHE C 29 25.82 -0.98 -5.78
CA PHE C 29 25.51 -0.60 -4.39
C PHE C 29 23.99 -0.45 -4.22
N GLY C 30 23.24 -1.51 -4.54
CA GLY C 30 21.78 -1.51 -4.47
C GLY C 30 21.28 -2.08 -3.16
N ARG C 31 20.13 -2.75 -3.22
CA ARG C 31 19.54 -3.32 -2.03
C ARG C 31 20.46 -4.35 -1.40
N ILE C 32 20.96 -5.27 -2.24
CA ILE C 32 21.87 -6.29 -1.80
C ILE C 32 23.23 -5.64 -1.43
N GLY C 33 23.80 -4.87 -2.35
CA GLY C 33 25.08 -4.19 -2.12
C GLY C 33 25.15 -3.41 -0.81
N ARG C 34 24.12 -2.62 -0.51
CA ARG C 34 24.09 -1.81 0.71
C ARG C 34 23.91 -2.63 1.99
N ASN C 35 23.10 -3.68 1.92
CA ASN C 35 22.93 -4.58 3.05
C ASN C 35 24.19 -5.38 3.31
N VAL C 36 24.85 -5.84 2.25
CA VAL C 36 26.12 -6.53 2.34
C VAL C 36 27.14 -5.59 2.98
N PHE C 37 27.16 -4.33 2.52
CA PHE C 37 28.04 -3.32 3.13
C PHE C 37 27.84 -3.27 4.63
N LYS C 38 26.60 -3.11 5.08
CA LYS C 38 26.34 -2.89 6.51
C LYS C 38 26.76 -4.08 7.33
N ILE C 39 26.46 -5.27 6.81
CA ILE C 39 26.75 -6.51 7.51
C ILE C 39 28.28 -6.72 7.57
N ALA C 40 28.95 -6.58 6.44
CA ALA C 40 30.41 -6.66 6.34
C ALA C 40 31.11 -5.62 7.25
N PHE C 41 30.64 -4.36 7.20
CA PHE C 41 31.27 -3.28 7.97
C PHE C 41 31.23 -3.61 9.44
N GLU C 42 30.07 -4.08 9.91
CA GLU C 42 29.90 -4.44 11.30
C GLU C 42 30.86 -5.55 11.73
N ARG C 43 31.25 -6.42 10.81
CA ARG C 43 32.16 -7.52 11.12
C ARG C 43 33.64 -7.12 11.09
N GLY C 44 33.90 -5.85 10.78
CA GLY C 44 35.26 -5.32 10.72
C GLY C 44 35.97 -5.66 9.41
N ILE C 45 35.22 -6.15 8.43
CA ILE C 45 35.79 -6.43 7.11
C ILE C 45 36.26 -5.12 6.45
N ASP C 46 37.41 -5.16 5.77
CA ASP C 46 37.95 -3.99 5.09
C ASP C 46 37.27 -3.80 3.74
N ILE C 47 36.29 -2.91 3.70
CA ILE C 47 35.57 -2.63 2.47
C ILE C 47 36.32 -1.50 1.77
N VAL C 48 37.04 -1.85 0.72
CA VAL C 48 38.01 -0.95 0.11
C VAL C 48 37.32 0.03 -0.82
N ALA C 49 36.41 -0.49 -1.64
CA ALA C 49 35.75 0.33 -2.66
C ALA C 49 34.35 -0.17 -3.02
N ILE C 50 33.57 0.76 -3.54
CA ILE C 50 32.23 0.51 -4.03
C ILE C 50 32.20 1.06 -5.45
N ASN C 51 31.69 0.28 -6.40
CA ASN C 51 31.45 0.80 -7.74
C ASN C 51 29.96 0.81 -8.02
N ASP C 52 29.48 1.89 -8.62
CA ASP C 52 28.08 2.02 -9.03
C ASP C 52 28.05 3.00 -10.21
N LEU C 53 26.92 3.70 -10.39
CA LEU C 53 26.72 4.55 -11.55
C LEU C 53 26.38 5.98 -11.17
N THR C 54 26.73 6.38 -9.95
CA THR C 54 26.34 7.70 -9.49
C THR C 54 27.43 8.28 -8.60
N ASP C 55 27.13 9.41 -7.96
CA ASP C 55 28.15 10.11 -7.20
C ASP C 55 28.15 9.68 -5.73
N PRO C 56 29.22 10.02 -4.99
CA PRO C 56 29.31 9.67 -3.58
C PRO C 56 28.19 10.26 -2.70
N LYS C 57 27.69 11.46 -3.01
CA LYS C 57 26.63 12.05 -2.18
C LYS C 57 25.37 11.19 -2.26
N THR C 58 25.02 10.74 -3.46
CA THR C 58 23.85 9.87 -3.65
C THR C 58 24.02 8.55 -2.91
N LEU C 59 25.20 7.93 -3.03
CA LEU C 59 25.48 6.65 -2.38
C LEU C 59 25.47 6.74 -0.85
N ALA C 60 26.09 7.80 -0.31
CA ALA C 60 26.07 8.09 1.13
C ALA C 60 24.63 8.31 1.62
N HIS C 61 23.85 9.09 0.87
CA HIS C 61 22.48 9.35 1.25
C HIS C 61 21.63 8.07 1.28
N LEU C 62 21.81 7.20 0.27
CA LEU C 62 21.07 5.93 0.23
C LEU C 62 21.49 4.95 1.33
N LEU C 63 22.77 4.97 1.69
CA LEU C 63 23.27 4.20 2.83
C LEU C 63 22.71 4.71 4.15
N LYS C 64 22.66 6.02 4.30
CA LYS C 64 22.21 6.64 5.55
C LYS C 64 20.69 6.41 5.81
N TYR C 65 19.91 6.58 4.75
CA TYR C 65 18.46 6.54 4.87
C TYR C 65 17.86 5.40 4.05
N ASP C 66 17.42 4.36 4.76
CA ASP C 66 16.86 3.16 4.11
C ASP C 66 15.37 3.07 4.41
N SER C 67 14.55 3.12 3.36
CA SER C 67 13.10 3.09 3.54
C SER C 67 12.64 1.83 4.22
N THR C 68 13.29 0.72 3.92
CA THR C 68 12.91 -0.59 4.45
C THR C 68 13.44 -0.80 5.87
N PHE C 69 14.68 -0.43 6.12
CA PHE C 69 15.34 -0.82 7.35
C PHE C 69 15.60 0.30 8.36
N GLY C 70 15.42 1.54 7.96
CA GLY C 70 15.56 2.66 8.90
C GLY C 70 16.85 3.45 8.72
N VAL C 71 17.17 4.25 9.73
CA VAL C 71 18.29 5.17 9.65
C VAL C 71 19.57 4.44 10.08
N TYR C 72 20.59 4.45 9.22
CA TYR C 72 21.87 3.86 9.58
C TYR C 72 22.45 4.67 10.76
N ASN C 73 22.68 4.04 11.92
CA ASN C 73 23.13 4.83 13.08
C ASN C 73 24.65 5.01 13.14
N LYS C 74 25.23 5.55 12.09
CA LYS C 74 26.66 5.77 12.02
C LYS C 74 26.83 7.13 11.39
N LYS C 75 28.00 7.72 11.58
CA LYS C 75 28.32 9.00 10.97
C LYS C 75 28.71 8.74 9.51
N VAL C 76 27.85 9.15 8.59
CA VAL C 76 28.04 8.92 7.16
C VAL C 76 28.32 10.23 6.45
N GLU C 77 29.45 10.29 5.76
CA GLU C 77 29.85 11.50 5.03
C GLU C 77 30.22 11.16 3.60
N SER C 78 30.21 12.16 2.73
CA SER C 78 30.71 11.99 1.38
C SER C 78 31.78 13.03 1.03
N ARG C 79 32.71 12.64 0.16
CA ARG C 79 33.72 13.55 -0.40
C ARG C 79 33.99 13.19 -1.85
N ASP C 80 34.94 13.89 -2.47
CA ASP C 80 35.34 13.59 -3.85
C ASP C 80 35.86 12.16 -3.90
N GLY C 81 35.17 11.32 -4.66
CA GLY C 81 35.57 9.93 -4.87
C GLY C 81 35.59 9.05 -3.63
N ALA C 82 34.86 9.43 -2.59
CA ALA C 82 34.77 8.59 -1.39
C ALA C 82 33.53 8.82 -0.55
N ILE C 83 33.15 7.80 0.22
CA ILE C 83 32.23 8.00 1.34
C ILE C 83 33.02 7.68 2.60
N VAL C 84 32.58 8.21 3.73
CA VAL C 84 33.26 7.96 5.00
C VAL C 84 32.20 7.46 5.98
N VAL C 85 32.48 6.35 6.63
CA VAL C 85 31.57 5.80 7.63
C VAL C 85 32.31 5.64 8.95
N ASP C 86 31.88 6.39 9.96
CA ASP C 86 32.58 6.43 11.26
C ASP C 86 34.08 6.67 11.06
N GLY C 87 34.44 7.61 10.19
CA GLY C 87 35.84 7.92 9.96
C GLY C 87 36.59 7.02 8.97
N ARG C 88 36.01 5.87 8.60
CA ARG C 88 36.64 4.96 7.64
C ARG C 88 36.22 5.32 6.22
N GLU C 89 37.22 5.57 5.38
CA GLU C 89 36.99 6.00 4.01
C GLU C 89 36.84 4.80 3.10
N ILE C 90 35.78 4.82 2.28
CA ILE C 90 35.56 3.82 1.26
C ILE C 90 35.54 4.53 -0.09
N LYS C 91 36.38 4.05 -1.02
CA LYS C 91 36.51 4.67 -2.33
C LYS C 91 35.24 4.45 -3.18
N ILE C 92 34.82 5.48 -3.91
CA ILE C 92 33.68 5.38 -4.79
C ILE C 92 34.13 5.45 -6.24
N ILE C 93 33.76 4.43 -7.02
CA ILE C 93 34.02 4.41 -8.44
C ILE C 93 32.69 4.42 -9.21
N ALA C 94 32.71 4.99 -10.41
CA ALA C 94 31.56 4.97 -11.31
C ALA C 94 31.98 4.47 -12.70
N GLU C 95 32.07 3.15 -12.83
CA GLU C 95 32.57 2.53 -14.05
C GLU C 95 31.61 1.43 -14.47
N ARG C 96 30.98 1.65 -15.63
CA ARG C 96 29.93 0.79 -16.15
C ARG C 96 30.46 -0.56 -16.62
N ASP C 97 31.68 -0.55 -17.18
CA ASP C 97 32.32 -1.74 -17.72
C ASP C 97 33.23 -2.36 -16.65
N PRO C 98 32.88 -3.57 -16.17
CA PRO C 98 33.66 -4.18 -15.07
C PRO C 98 35.11 -4.53 -15.44
N LYS C 99 35.39 -4.69 -16.74
CA LYS C 99 36.78 -4.88 -17.22
C LYS C 99 37.72 -3.76 -16.79
N ASN C 100 37.16 -2.56 -16.63
CA ASN C 100 37.93 -1.33 -16.37
C ASN C 100 38.16 -1.02 -14.88
N LEU C 101 37.71 -1.91 -14.00
CA LEU C 101 37.80 -1.67 -12.55
C LEU C 101 39.21 -1.91 -12.02
N PRO C 102 39.66 -1.07 -11.07
CA PRO C 102 41.04 -1.15 -10.57
C PRO C 102 41.26 -2.12 -9.42
N TRP C 103 40.72 -3.34 -9.53
CA TRP C 103 40.77 -4.26 -8.38
C TRP C 103 42.16 -4.76 -8.02
N ALA C 104 42.99 -5.04 -9.03
CA ALA C 104 44.39 -5.47 -8.79
C ALA C 104 45.16 -4.39 -8.05
N LYS C 105 45.12 -3.16 -8.58
CA LYS C 105 45.74 -2.00 -7.91
C LYS C 105 45.31 -1.88 -6.44
N LEU C 106 44.01 -2.14 -6.18
CA LEU C 106 43.46 -1.98 -4.83
C LEU C 106 43.59 -3.22 -3.93
N GLY C 107 44.08 -4.32 -4.49
CA GLY C 107 44.33 -5.54 -3.71
C GLY C 107 43.08 -6.32 -3.30
N ILE C 108 42.00 -6.18 -4.08
CA ILE C 108 40.71 -6.78 -3.72
C ILE C 108 40.76 -8.31 -3.66
N ASP C 109 40.40 -8.87 -2.50
CA ASP C 109 40.27 -10.33 -2.33
C ASP C 109 38.97 -10.86 -2.92
N VAL C 110 37.85 -10.27 -2.49
CA VAL C 110 36.53 -10.69 -2.95
C VAL C 110 35.75 -9.49 -3.46
N VAL C 111 35.29 -9.56 -4.72
CA VAL C 111 34.28 -8.65 -5.26
C VAL C 111 32.87 -9.24 -5.09
N ILE C 112 31.96 -8.43 -4.56
CA ILE C 112 30.53 -8.76 -4.55
C ILE C 112 29.91 -8.21 -5.84
N GLU C 113 29.48 -9.10 -6.72
CA GLU C 113 28.85 -8.71 -7.99
C GLU C 113 27.32 -8.66 -7.84
N SER C 114 26.83 -7.47 -7.52
CA SER C 114 25.44 -7.28 -7.17
C SER C 114 24.77 -6.14 -7.94
N THR C 115 25.12 -6.01 -9.22
CA THR C 115 24.46 -5.04 -10.12
C THR C 115 23.20 -5.64 -10.73
N GLY C 116 23.18 -6.96 -10.84
CA GLY C 116 22.09 -7.67 -11.50
C GLY C 116 22.21 -7.76 -13.02
N VAL C 117 23.21 -7.11 -13.59
CA VAL C 117 23.34 -7.06 -15.06
C VAL C 117 24.51 -7.86 -15.64
N PHE C 118 25.27 -8.53 -14.76
CA PHE C 118 26.42 -9.34 -15.19
C PHE C 118 26.34 -10.83 -14.77
N SER C 119 25.24 -11.50 -15.12
CA SER C 119 25.02 -12.88 -14.68
C SER C 119 25.55 -13.95 -15.66
N SER C 120 26.18 -13.53 -16.75
CA SER C 120 27.00 -14.43 -17.58
C SER C 120 28.47 -14.15 -17.34
N ALA C 121 29.30 -15.20 -17.37
CA ALA C 121 30.75 -15.08 -17.08
C ALA C 121 31.44 -14.00 -17.92
N THR C 122 31.13 -13.98 -19.21
CA THR C 122 31.58 -12.95 -20.13
C THR C 122 30.47 -12.62 -21.12
N SER C 123 30.54 -11.41 -21.68
CA SER C 123 29.56 -10.92 -22.65
C SER C 123 30.17 -9.70 -23.33
N ASP C 124 29.52 -9.20 -24.37
CA ASP C 124 29.94 -7.96 -25.04
C ASP C 124 30.00 -6.77 -24.07
N LYS C 125 28.93 -6.63 -23.27
CA LYS C 125 28.85 -5.52 -22.30
C LYS C 125 29.64 -5.80 -21.01
N GLY C 126 29.95 -7.07 -20.76
CA GLY C 126 30.69 -7.49 -19.56
C GLY C 126 30.08 -8.71 -18.87
N GLY C 127 30.80 -9.26 -17.91
CA GLY C 127 30.30 -10.40 -17.13
C GLY C 127 31.05 -10.55 -15.82
N TYR C 128 30.59 -11.44 -14.95
CA TYR C 128 31.16 -11.54 -13.60
C TYR C 128 32.64 -11.92 -13.57
N LEU C 129 33.09 -12.69 -14.57
CA LEU C 129 34.49 -13.09 -14.60
C LEU C 129 35.44 -11.92 -14.92
N ASP C 130 34.89 -10.84 -15.48
CA ASP C 130 35.67 -9.63 -15.74
C ASP C 130 36.35 -9.15 -14.48
N HIS C 131 35.66 -9.26 -13.34
CA HIS C 131 36.23 -8.86 -12.05
C HIS C 131 37.57 -9.55 -11.71
N VAL C 132 37.74 -10.80 -12.14
CA VAL C 132 38.96 -11.53 -11.83
C VAL C 132 39.95 -11.59 -13.02
N ASN C 133 39.45 -11.92 -14.21
CA ASN C 133 40.33 -12.13 -15.36
C ASN C 133 40.98 -10.88 -15.95
N HIS C 134 40.29 -9.74 -15.86
CA HIS C 134 40.76 -8.49 -16.45
C HIS C 134 40.99 -7.42 -15.39
N ALA C 135 40.13 -7.38 -14.37
CA ALA C 135 40.18 -6.32 -13.37
C ALA C 135 41.11 -6.67 -12.21
N GLY C 136 41.43 -7.96 -12.09
CA GLY C 136 42.49 -8.41 -11.19
C GLY C 136 42.12 -8.65 -9.73
N ALA C 137 40.84 -8.84 -9.43
CA ALA C 137 40.44 -9.29 -8.11
C ALA C 137 40.72 -10.78 -8.01
N LYS C 138 40.92 -11.28 -6.80
CA LYS C 138 41.16 -12.72 -6.60
C LYS C 138 39.90 -13.57 -6.83
N LYS C 139 38.75 -13.10 -6.32
CA LYS C 139 37.51 -13.88 -6.30
C LYS C 139 36.29 -12.99 -6.49
N VAL C 140 35.23 -13.54 -7.06
CA VAL C 140 33.97 -12.85 -7.22
C VAL C 140 32.79 -13.73 -6.74
N ILE C 141 31.89 -13.12 -5.96
CA ILE C 141 30.61 -13.73 -5.61
C ILE C 141 29.53 -13.11 -6.46
N LEU C 142 28.85 -13.95 -7.23
CA LEU C 142 27.73 -13.50 -7.99
C LEU C 142 26.48 -13.61 -7.13
N THR C 143 25.77 -12.49 -6.92
CA THR C 143 24.62 -12.48 -5.99
C THR C 143 23.29 -12.84 -6.67
N VAL C 144 23.32 -13.84 -7.54
CA VAL C 144 22.16 -14.27 -8.33
C VAL C 144 22.56 -15.59 -9.02
N PRO C 145 21.58 -16.45 -9.39
CA PRO C 145 22.00 -17.58 -10.23
C PRO C 145 22.67 -17.09 -11.50
N ALA C 146 23.70 -17.80 -11.95
CA ALA C 146 24.36 -17.48 -13.21
C ALA C 146 23.51 -17.97 -14.38
N LYS C 147 23.60 -17.29 -15.51
CA LYS C 147 22.96 -17.76 -16.74
C LYS C 147 23.74 -18.94 -17.35
N ASP C 148 24.98 -19.13 -16.90
CA ASP C 148 25.84 -20.21 -17.38
C ASP C 148 26.25 -21.11 -16.22
N GLU C 149 27.24 -21.97 -16.47
CA GLU C 149 27.73 -22.91 -15.45
C GLU C 149 28.74 -22.23 -14.54
N ILE C 150 28.57 -22.41 -13.23
CA ILE C 150 29.37 -21.75 -12.22
C ILE C 150 29.29 -22.61 -10.97
N LYS C 151 30.29 -22.52 -10.10
CA LYS C 151 30.12 -23.09 -8.77
C LYS C 151 28.98 -22.36 -8.05
N THR C 152 28.04 -23.11 -7.52
CA THR C 152 26.89 -22.53 -6.84
C THR C 152 26.90 -23.07 -5.41
N ILE C 153 26.89 -22.16 -4.44
CA ILE C 153 26.93 -22.54 -3.02
C ILE C 153 25.70 -22.00 -2.30
N VAL C 154 25.08 -22.86 -1.51
CA VAL C 154 24.07 -22.45 -0.55
C VAL C 154 24.55 -22.91 0.82
N LEU C 155 24.84 -21.94 1.70
CA LEU C 155 25.36 -22.27 3.02
C LEU C 155 24.34 -23.06 3.83
N GLY C 156 24.84 -24.08 4.51
CA GLY C 156 24.01 -25.05 5.22
C GLY C 156 23.64 -26.26 4.37
N VAL C 157 23.92 -26.19 3.07
CA VAL C 157 23.50 -27.22 2.12
C VAL C 157 24.72 -27.92 1.51
N ASN C 158 25.55 -27.17 0.77
CA ASN C 158 26.75 -27.72 0.16
C ASN C 158 28.06 -26.95 0.49
N ASP C 159 28.26 -26.65 1.77
CA ASP C 159 29.46 -25.93 2.25
C ASP C 159 30.76 -26.63 1.95
N HIS C 160 30.77 -27.95 2.10
CA HIS C 160 31.99 -28.74 1.83
C HIS C 160 32.55 -28.53 0.42
N ASP C 161 31.71 -28.04 -0.51
CA ASP C 161 32.15 -27.76 -1.88
C ASP C 161 33.00 -26.48 -2.02
N ILE C 162 33.10 -25.72 -0.92
CA ILE C 162 34.00 -24.55 -0.87
C ILE C 162 35.46 -25.01 -0.78
N ASN C 163 36.22 -24.72 -1.85
CA ASN C 163 37.65 -24.97 -1.91
C ASN C 163 38.42 -23.67 -2.19
N SER C 164 39.65 -23.58 -1.68
CA SER C 164 40.43 -22.34 -1.70
C SER C 164 40.84 -21.83 -3.10
N ASP C 165 40.70 -22.68 -4.10
CA ASP C 165 41.07 -22.34 -5.48
C ASP C 165 39.93 -21.68 -6.30
N LEU C 166 38.75 -21.56 -5.70
CA LEU C 166 37.60 -20.94 -6.38
C LEU C 166 37.88 -19.49 -6.77
N LYS C 167 37.48 -19.15 -8.01
CA LYS C 167 37.60 -17.79 -8.52
C LYS C 167 36.22 -17.09 -8.68
N ALA C 168 35.17 -17.87 -8.89
CA ALA C 168 33.84 -17.33 -9.18
C ALA C 168 32.80 -18.25 -8.60
N VAL C 169 31.90 -17.69 -7.78
CA VAL C 169 30.86 -18.47 -7.13
CA VAL C 169 30.87 -18.45 -7.06
C VAL C 169 29.55 -17.70 -7.07
N SER C 170 28.45 -18.40 -7.37
CA SER C 170 27.10 -17.85 -7.18
C SER C 170 26.57 -18.28 -5.82
N ASN C 171 25.97 -17.33 -5.11
CA ASN C 171 25.31 -17.64 -3.84
C ASN C 171 23.84 -18.03 -4.09
N ALA C 172 23.53 -18.35 -5.35
CA ALA C 172 22.16 -18.68 -5.79
C ALA C 172 21.17 -17.52 -5.57
N SER C 173 19.89 -17.82 -5.42
CA SER C 173 18.90 -16.76 -5.19
C SER C 173 18.43 -16.80 -3.73
N CYS C 174 17.72 -15.74 -3.33
CA CYS C 174 17.14 -15.70 -2.00
C CYS C 174 16.20 -16.89 -1.79
N THR C 175 15.41 -17.22 -2.81
CA THR C 175 14.40 -18.26 -2.71
C THR C 175 15.03 -19.66 -2.64
N THR C 176 16.10 -19.88 -3.41
CA THR C 176 16.84 -21.13 -3.30
C THR C 176 17.48 -21.27 -1.92
N ASN C 177 17.95 -20.16 -1.34
CA ASN C 177 18.51 -20.18 0.03
C ASN C 177 17.50 -20.51 1.10
N CYS C 178 16.24 -20.17 0.85
CA CYS C 178 15.16 -20.56 1.77
C CYS C 178 14.80 -22.01 1.54
N LEU C 179 14.66 -22.37 0.28
CA LEU C 179 14.13 -23.65 -0.10
C LEU C 179 15.13 -24.80 0.09
N ALA C 180 16.39 -24.60 -0.29
CA ALA C 180 17.38 -25.70 -0.24
C ALA C 180 17.62 -26.34 1.15
N PRO C 181 17.80 -25.54 2.22
CA PRO C 181 18.02 -26.17 3.55
C PRO C 181 16.80 -26.94 4.06
N LEU C 182 15.61 -26.43 3.73
CA LEU C 182 14.37 -27.10 4.02
C LEU C 182 14.29 -28.45 3.27
N ALA C 183 14.57 -28.44 1.97
CA ALA C 183 14.53 -29.64 1.15
C ALA C 183 15.57 -30.67 1.63
N LYS C 184 16.77 -30.19 1.97
CA LYS C 184 17.81 -31.06 2.50
C LYS C 184 17.35 -31.84 3.73
N VAL C 185 16.78 -31.14 4.71
CA VAL C 185 16.32 -31.78 5.93
C VAL C 185 15.19 -32.78 5.66
N LEU C 186 14.22 -32.37 4.83
CA LEU C 186 13.09 -33.24 4.53
C LEU C 186 13.54 -34.48 3.76
N HIS C 187 14.42 -34.27 2.78
CA HIS C 187 14.92 -35.37 1.98
C HIS C 187 15.74 -36.35 2.83
N GLU C 188 16.64 -35.84 3.66
CA GLU C 188 17.44 -36.70 4.56
C GLU C 188 16.61 -37.49 5.57
N SER C 189 15.56 -36.90 6.12
CA SER C 189 14.72 -37.55 7.13
C SER C 189 13.64 -38.43 6.54
N PHE C 190 13.00 -37.97 5.47
CA PHE C 190 11.83 -38.67 4.95
C PHE C 190 11.95 -39.09 3.49
N GLY C 191 12.85 -38.45 2.75
CA GLY C 191 12.99 -38.72 1.31
C GLY C 191 11.94 -37.95 0.55
N ILE C 192 12.38 -37.16 -0.40
CA ILE C 192 11.44 -36.43 -1.25
C ILE C 192 11.36 -37.18 -2.57
N GLU C 193 10.15 -37.57 -2.97
CA GLU C 193 9.94 -38.09 -4.30
C GLU C 193 9.91 -36.93 -5.29
N GLN C 194 9.05 -35.95 -4.99
CA GLN C 194 8.98 -34.72 -5.76
C GLN C 194 8.26 -33.63 -4.97
N GLY C 195 8.34 -32.41 -5.46
CA GLY C 195 7.79 -31.26 -4.74
C GLY C 195 7.50 -30.11 -5.68
N LEU C 196 6.41 -29.41 -5.41
CA LEU C 196 6.12 -28.18 -6.11
C LEU C 196 6.01 -27.08 -5.06
N MET C 197 6.33 -25.86 -5.46
CA MET C 197 6.34 -24.78 -4.49
C MET C 197 5.85 -23.46 -5.10
N THR C 198 5.44 -22.56 -4.21
CA THR C 198 5.18 -21.19 -4.56
C THR C 198 5.94 -20.34 -3.57
N THR C 199 6.58 -19.27 -4.04
CA THR C 199 7.05 -18.25 -3.11
C THR C 199 6.13 -17.04 -3.18
N VAL C 200 5.58 -16.62 -2.05
CA VAL C 200 4.85 -15.36 -1.98
C VAL C 200 5.89 -14.33 -1.54
N HIS C 201 6.18 -13.41 -2.45
CA HIS C 201 7.46 -12.73 -2.46
C HIS C 201 7.29 -11.21 -2.54
N ALA C 202 8.05 -10.50 -1.74
CA ALA C 202 8.08 -9.03 -1.77
C ALA C 202 8.44 -8.52 -3.15
N TYR C 203 7.99 -7.33 -3.50
CA TYR C 203 8.45 -6.73 -4.73
C TYR C 203 9.91 -6.31 -4.62
N THR C 204 10.54 -6.12 -5.77
CA THR C 204 11.97 -5.77 -5.89
C THR C 204 12.16 -4.68 -6.94
N ASN C 205 13.39 -4.15 -7.00
CA ASN C 205 13.73 -3.10 -7.96
C ASN C 205 13.66 -3.55 -9.41
N ASP C 206 13.51 -4.86 -9.63
CA ASP C 206 13.26 -5.34 -10.98
C ASP C 206 11.84 -5.04 -11.44
N GLN C 207 10.98 -4.60 -10.53
CA GLN C 207 9.58 -4.38 -10.89
C GLN C 207 9.30 -2.91 -11.20
N ARG C 208 8.03 -2.57 -11.43
CA ARG C 208 7.69 -1.23 -11.88
C ARG C 208 6.72 -0.60 -10.90
N ILE C 209 6.87 0.71 -10.66
CA ILE C 209 5.98 1.43 -9.74
C ILE C 209 4.58 1.61 -10.35
N LEU C 210 4.52 1.90 -11.65
CA LEU C 210 3.27 1.92 -12.40
C LEU C 210 3.50 1.15 -13.70
N ASP C 211 2.44 0.82 -14.42
CA ASP C 211 2.58 -0.01 -15.62
C ASP C 211 3.56 0.63 -16.61
N LEU C 212 4.58 -0.13 -16.98
CA LEU C 212 5.69 0.35 -17.79
C LEU C 212 6.33 -0.83 -18.53
N PRO C 213 6.87 -0.60 -19.75
CA PRO C 213 7.52 -1.74 -20.46
C PRO C 213 8.52 -2.54 -19.61
N HIS C 214 8.45 -3.86 -19.75
CA HIS C 214 9.35 -4.81 -19.07
C HIS C 214 9.40 -6.04 -19.98
N SER C 215 10.54 -6.70 -20.05
CA SER C 215 10.63 -7.94 -20.83
C SER C 215 9.67 -9.02 -20.31
N ASP C 216 9.42 -9.01 -19.00
CA ASP C 216 8.42 -9.88 -18.39
C ASP C 216 7.14 -9.05 -18.23
N LEU C 217 6.09 -9.46 -18.94
CA LEU C 217 4.86 -8.67 -19.04
C LEU C 217 4.07 -8.64 -17.74
N ARG C 218 4.37 -9.57 -16.84
CA ARG C 218 3.79 -9.54 -15.50
C ARG C 218 4.51 -8.48 -14.66
N ARG C 219 5.84 -8.47 -14.69
CA ARG C 219 6.67 -7.52 -13.95
C ARG C 219 6.57 -6.09 -14.50
N ALA C 220 5.94 -5.94 -15.65
CA ALA C 220 5.63 -4.64 -16.22
C ALA C 220 4.60 -3.84 -15.41
N ARG C 221 3.93 -4.51 -14.48
CA ARG C 221 2.73 -3.94 -13.87
C ARG C 221 3.00 -3.36 -12.48
N ALA C 222 2.26 -2.30 -12.19
CA ALA C 222 2.32 -1.57 -10.92
C ALA C 222 2.44 -2.53 -9.73
N ALA C 223 3.63 -2.58 -9.14
CA ALA C 223 4.02 -3.61 -8.17
C ALA C 223 3.32 -3.55 -6.82
N ALA C 224 2.91 -2.37 -6.39
CA ALA C 224 2.25 -2.22 -5.10
C ALA C 224 0.73 -2.35 -5.26
N LEU C 225 0.26 -2.65 -6.48
CA LEU C 225 -1.19 -2.67 -6.77
C LEU C 225 -1.79 -4.07 -6.92
N SER C 226 -0.94 -5.08 -7.12
CA SER C 226 -1.42 -6.39 -7.54
C SER C 226 -0.62 -7.56 -6.99
N ILE C 227 -1.25 -8.73 -7.02
CA ILE C 227 -0.57 -10.02 -6.94
C ILE C 227 -0.08 -10.34 -8.36
N ILE C 228 1.22 -10.62 -8.48
CA ILE C 228 1.86 -10.71 -9.78
C ILE C 228 2.61 -12.03 -9.94
N PRO C 229 1.99 -13.00 -10.63
CA PRO C 229 2.72 -14.25 -10.89
C PRO C 229 3.97 -13.98 -11.72
N THR C 230 5.03 -14.73 -11.46
CA THR C 230 6.26 -14.60 -12.26
C THR C 230 7.04 -15.90 -12.13
N SER C 231 7.77 -16.26 -13.18
CA SER C 231 8.51 -17.52 -13.19
C SER C 231 9.70 -17.45 -12.23
N THR C 232 10.11 -18.61 -11.71
CA THR C 232 11.30 -18.72 -10.89
C THR C 232 12.01 -20.03 -11.20
N GLY C 233 13.35 -19.97 -11.23
CA GLY C 233 14.15 -21.18 -11.43
C GLY C 233 14.67 -21.67 -10.09
N ALA C 234 14.27 -20.99 -9.03
CA ALA C 234 14.78 -21.29 -7.69
C ALA C 234 14.55 -22.72 -7.20
N ALA C 235 13.44 -23.35 -7.62
CA ALA C 235 13.18 -24.75 -7.23
C ALA C 235 13.98 -25.76 -8.06
N LYS C 236 14.13 -25.51 -9.36
CA LYS C 236 15.03 -26.31 -10.18
C LYS C 236 16.46 -26.21 -9.66
N ALA C 237 16.85 -24.99 -9.24
CA ALA C 237 18.23 -24.70 -8.77
C ALA C 237 18.66 -25.48 -7.53
N VAL C 238 17.70 -26.00 -6.78
CA VAL C 238 18.00 -26.83 -5.61
C VAL C 238 18.82 -28.05 -6.07
N GLY C 239 18.56 -28.47 -7.32
CA GLY C 239 19.27 -29.57 -7.96
C GLY C 239 20.74 -29.31 -8.23
N LEU C 240 21.13 -28.04 -8.31
CA LEU C 240 22.55 -27.68 -8.39
C LEU C 240 23.30 -27.93 -7.08
N VAL C 241 22.65 -27.73 -5.94
CA VAL C 241 23.34 -27.85 -4.66
C VAL C 241 23.00 -29.13 -3.90
N LEU C 242 21.88 -29.75 -4.30
CA LEU C 242 21.47 -31.07 -3.85
C LEU C 242 21.19 -31.95 -5.07
N PRO C 243 22.24 -32.58 -5.62
CA PRO C 243 22.12 -33.34 -6.88
C PRO C 243 21.05 -34.43 -6.84
N GLU C 244 20.85 -35.02 -5.67
CA GLU C 244 19.79 -36.04 -5.51
C GLU C 244 18.39 -35.53 -5.82
N LEU C 245 18.22 -34.20 -5.82
CA LEU C 245 16.91 -33.57 -6.06
C LEU C 245 16.79 -32.88 -7.41
N LYS C 246 17.76 -33.14 -8.29
CA LYS C 246 17.71 -32.69 -9.66
C LYS C 246 16.47 -33.25 -10.37
N GLY C 247 15.73 -32.38 -11.04
CA GLY C 247 14.50 -32.78 -11.74
C GLY C 247 13.32 -33.09 -10.83
N LYS C 248 13.49 -32.91 -9.52
CA LYS C 248 12.45 -33.32 -8.55
C LYS C 248 11.59 -32.19 -7.99
N LEU C 249 12.00 -30.94 -8.24
CA LEU C 249 11.32 -29.77 -7.71
C LEU C 249 11.09 -28.70 -8.77
N ASN C 250 9.93 -28.06 -8.71
CA ASN C 250 9.67 -26.89 -9.54
C ASN C 250 8.71 -25.97 -8.80
N GLY C 251 8.44 -24.80 -9.37
CA GLY C 251 7.58 -23.85 -8.70
C GLY C 251 7.38 -22.56 -9.43
N THR C 252 6.73 -21.64 -8.74
CA THR C 252 6.38 -20.35 -9.32
C THR C 252 6.51 -19.30 -8.21
N SER C 253 6.42 -18.03 -8.62
CA SER C 253 6.50 -16.94 -7.66
C SER C 253 5.28 -16.05 -7.79
N MET C 254 4.88 -15.46 -6.67
CA MET C 254 3.85 -14.43 -6.63
CA MET C 254 3.89 -14.40 -6.68
C MET C 254 4.45 -13.20 -5.95
N ARG C 255 4.71 -12.14 -6.72
CA ARG C 255 5.19 -10.89 -6.18
C ARG C 255 3.98 -10.10 -5.64
N VAL C 256 4.08 -9.66 -4.39
CA VAL C 256 2.94 -8.99 -3.73
C VAL C 256 3.41 -7.69 -3.10
N PRO C 257 2.47 -6.79 -2.71
CA PRO C 257 2.84 -5.44 -2.26
C PRO C 257 3.41 -5.31 -0.84
N VAL C 258 4.54 -5.97 -0.58
CA VAL C 258 5.32 -5.74 0.65
C VAL C 258 6.76 -5.46 0.18
N PRO C 259 7.48 -4.56 0.88
CA PRO C 259 8.80 -4.13 0.40
C PRO C 259 9.93 -5.12 0.68
N THR C 260 9.76 -5.94 1.70
CA THR C 260 10.66 -7.07 1.93
C THR C 260 9.92 -8.08 2.80
N GLY C 261 10.42 -9.31 2.79
CA GLY C 261 9.79 -10.40 3.51
C GLY C 261 9.02 -11.27 2.52
N SER C 262 9.31 -12.56 2.53
CA SER C 262 8.77 -13.51 1.57
C SER C 262 8.57 -14.84 2.26
N ILE C 263 7.86 -15.75 1.63
CA ILE C 263 7.60 -17.04 2.27
C ILE C 263 7.53 -18.16 1.22
N VAL C 264 8.25 -19.25 1.49
CA VAL C 264 8.16 -20.43 0.64
C VAL C 264 7.02 -21.34 1.13
N ASP C 265 6.20 -21.75 0.17
CA ASP C 265 5.07 -22.63 0.39
C ASP C 265 5.37 -23.93 -0.38
N LEU C 266 5.89 -24.93 0.32
CA LEU C 266 6.41 -26.15 -0.30
C LEU C 266 5.46 -27.33 -0.10
N THR C 267 4.97 -27.87 -1.21
CA THR C 267 4.10 -29.04 -1.20
C THR C 267 4.88 -30.25 -1.75
N VAL C 268 5.11 -31.23 -0.88
CA VAL C 268 5.96 -32.36 -1.24
C VAL C 268 5.30 -33.71 -1.06
N GLN C 269 5.66 -34.61 -1.93
CA GLN C 269 5.35 -36.02 -1.74
CA GLN C 269 5.34 -36.03 -1.75
C GLN C 269 6.57 -36.70 -1.13
N LEU C 270 6.42 -37.10 0.13
CA LEU C 270 7.50 -37.77 0.86
C LEU C 270 7.42 -39.29 0.75
N LYS C 271 8.56 -39.95 0.97
CA LYS C 271 8.68 -41.41 0.85
C LYS C 271 8.10 -42.13 2.05
N LYS C 272 8.14 -41.48 3.21
CA LYS C 272 7.49 -41.97 4.41
C LYS C 272 5.97 -41.74 4.31
N LYS C 273 5.24 -42.81 3.99
CA LYS C 273 3.81 -42.75 3.66
C LYS C 273 2.90 -42.61 4.88
N ASP C 274 3.46 -42.73 6.08
CA ASP C 274 2.69 -42.50 7.31
C ASP C 274 3.21 -41.31 8.13
N VAL C 275 3.96 -40.42 7.49
CA VAL C 275 4.54 -39.23 8.15
C VAL C 275 3.44 -38.29 8.68
N THR C 276 3.67 -37.66 9.84
CA THR C 276 2.71 -36.76 10.46
C THR C 276 3.26 -35.33 10.57
N LYS C 277 2.37 -34.39 10.85
CA LYS C 277 2.71 -33.00 11.08
C LYS C 277 3.71 -32.90 12.24
N GLU C 278 3.43 -33.62 13.33
CA GLU C 278 4.28 -33.59 14.50
C GLU C 278 5.70 -34.08 14.18
N GLU C 279 5.79 -35.14 13.39
CA GLU C 279 7.09 -35.68 12.97
C GLU C 279 7.84 -34.71 12.07
N ILE C 280 7.15 -34.11 11.09
CA ILE C 280 7.79 -33.13 10.20
C ILE C 280 8.31 -31.95 11.01
N ASN C 281 7.47 -31.41 11.90
CA ASN C 281 7.86 -30.26 12.72
C ASN C 281 9.00 -30.60 13.68
N SER C 282 8.96 -31.81 14.24
CA SER C 282 10.01 -32.27 15.12
C SER C 282 11.38 -32.35 14.42
N VAL C 283 11.46 -32.91 13.22
CA VAL C 283 12.77 -32.92 12.52
C VAL C 283 13.25 -31.53 12.11
N LEU C 284 12.33 -30.62 11.80
CA LEU C 284 12.73 -29.27 11.39
C LEU C 284 13.22 -28.47 12.59
N ARG C 285 12.51 -28.60 13.71
CA ARG C 285 12.93 -27.95 14.95
C ARG C 285 14.32 -28.47 15.36
N LYS C 286 14.50 -29.78 15.38
CA LYS C 286 15.81 -30.38 15.73
C LYS C 286 16.92 -29.94 14.77
N ALA C 287 16.66 -29.96 13.46
CA ALA C 287 17.66 -29.53 12.49
C ALA C 287 18.11 -28.06 12.72
N SER C 288 17.17 -27.19 13.08
CA SER C 288 17.46 -25.77 13.28
C SER C 288 18.40 -25.52 14.48
N GLU C 289 18.53 -26.52 15.36
CA GLU C 289 19.43 -26.43 16.50
C GLU C 289 20.80 -27.08 16.26
N THR C 290 21.02 -27.65 15.08
CA THR C 290 22.29 -28.32 14.77
C THR C 290 23.38 -27.31 14.35
N PRO C 291 24.67 -27.64 14.61
CA PRO C 291 25.77 -26.76 14.22
C PRO C 291 25.76 -26.43 12.73
N GLU C 292 25.42 -27.41 11.91
CA GLU C 292 25.36 -27.23 10.46
C GLU C 292 24.35 -26.12 10.04
N LEU C 293 23.21 -26.03 10.73
CA LEU C 293 22.11 -25.18 10.26
C LEU C 293 21.68 -24.04 11.18
N LYS C 294 22.28 -23.96 12.36
CA LYS C 294 21.96 -22.89 13.33
C LYS C 294 22.26 -21.52 12.72
N GLY C 295 21.29 -20.62 12.79
CA GLY C 295 21.43 -19.33 12.11
C GLY C 295 21.12 -19.35 10.61
N ILE C 296 20.91 -20.54 10.04
CA ILE C 296 20.52 -20.65 8.63
C ILE C 296 19.03 -21.04 8.54
N LEU C 297 18.70 -22.18 9.13
CA LEU C 297 17.33 -22.65 9.25
C LEU C 297 16.83 -22.36 10.65
N GLY C 298 15.74 -21.61 10.72
CA GLY C 298 15.04 -21.38 11.98
C GLY C 298 13.75 -22.17 12.01
N TYR C 299 13.13 -22.21 13.18
CA TYR C 299 11.84 -22.82 13.37
C TYR C 299 11.11 -21.97 14.40
N THR C 300 9.84 -21.68 14.15
CA THR C 300 9.02 -20.98 15.13
C THR C 300 7.67 -21.64 15.24
N GLU C 301 7.03 -21.48 16.40
CA GLU C 301 5.61 -21.79 16.55
C GLU C 301 4.78 -20.55 16.94
N ASP C 302 5.37 -19.36 16.81
CA ASP C 302 4.63 -18.14 17.05
C ASP C 302 3.83 -17.78 15.79
N PRO C 303 2.61 -17.24 15.97
CA PRO C 303 1.77 -16.87 14.84
C PRO C 303 2.18 -15.51 14.27
N ILE C 304 3.28 -15.48 13.53
CA ILE C 304 3.84 -14.23 13.02
C ILE C 304 3.34 -13.92 11.61
N VAL C 305 3.71 -12.74 11.10
CA VAL C 305 3.38 -12.31 9.75
C VAL C 305 4.68 -11.75 9.14
N SER C 306 4.66 -11.39 7.84
CA SER C 306 5.93 -11.06 7.16
C SER C 306 6.75 -9.95 7.78
N SER C 307 6.09 -8.91 8.30
CA SER C 307 6.81 -7.80 8.96
C SER C 307 7.74 -8.27 10.08
N ASP C 308 7.35 -9.36 10.76
CA ASP C 308 8.12 -9.87 11.91
C ASP C 308 9.46 -10.53 11.51
N ILE C 309 9.62 -10.86 10.24
CA ILE C 309 10.88 -11.45 9.80
C ILE C 309 11.81 -10.44 9.09
N LYS C 310 11.30 -9.22 8.93
CA LYS C 310 12.09 -8.14 8.38
C LYS C 310 13.37 -7.98 9.20
N GLY C 311 14.52 -8.05 8.55
CA GLY C 311 15.79 -7.88 9.25
C GLY C 311 16.28 -9.15 9.93
N ASN C 312 15.57 -10.27 9.74
CA ASN C 312 16.00 -11.55 10.25
C ASN C 312 17.12 -12.11 9.38
N SER C 313 18.17 -12.62 10.02
CA SER C 313 19.37 -13.08 9.32
C SER C 313 19.33 -14.56 8.86
N HIS C 314 18.28 -15.30 9.24
CA HIS C 314 18.17 -16.69 8.79
C HIS C 314 17.88 -16.76 7.29
N SER C 315 18.23 -17.87 6.66
CA SER C 315 17.86 -18.13 5.27
C SER C 315 16.43 -18.65 5.14
N SER C 316 15.93 -19.26 6.21
CA SER C 316 14.70 -20.05 6.16
C SER C 316 14.18 -20.20 7.57
N ILE C 317 12.96 -19.71 7.81
CA ILE C 317 12.33 -19.90 9.13
C ILE C 317 10.99 -20.62 9.00
N VAL C 318 10.99 -21.90 9.40
CA VAL C 318 9.80 -22.71 9.31
C VAL C 318 8.71 -22.20 10.25
N ASP C 319 7.54 -21.96 9.66
CA ASP C 319 6.33 -21.58 10.38
C ASP C 319 5.67 -22.88 10.82
N GLY C 320 5.96 -23.31 12.05
CA GLY C 320 5.52 -24.61 12.52
C GLY C 320 4.01 -24.74 12.59
N LEU C 321 3.32 -23.65 12.92
CA LEU C 321 1.85 -23.70 13.00
C LEU C 321 1.19 -23.97 11.63
N GLU C 322 1.90 -23.64 10.55
CA GLU C 322 1.38 -23.82 9.20
C GLU C 322 1.59 -25.21 8.58
N THR C 323 2.37 -26.08 9.22
CA THR C 323 2.66 -27.39 8.63
C THR C 323 1.36 -28.18 8.48
N MET C 324 1.13 -28.74 7.30
CA MET C 324 -0.11 -29.45 7.01
C MET C 324 0.22 -30.75 6.31
N VAL C 325 -0.35 -31.85 6.80
CA VAL C 325 -0.06 -33.17 6.25
C VAL C 325 -1.36 -33.92 5.94
N LEU C 326 -1.44 -34.50 4.74
CA LEU C 326 -2.51 -35.42 4.40
C LEU C 326 -2.02 -36.87 4.52
N GLU C 327 -2.72 -37.80 3.89
CA GLU C 327 -2.32 -39.19 3.93
C GLU C 327 -1.19 -39.44 2.95
N ASN C 328 -0.47 -40.54 3.15
CA ASN C 328 0.55 -40.99 2.19
C ASN C 328 1.71 -40.02 1.91
N GLY C 329 2.17 -39.32 2.94
CA GLY C 329 3.35 -38.47 2.82
C GLY C 329 3.16 -37.20 2.00
N PHE C 330 1.91 -36.78 1.84
CA PHE C 330 1.60 -35.57 1.08
C PHE C 330 1.57 -34.41 2.06
N ALA C 331 2.55 -33.53 1.98
CA ALA C 331 2.79 -32.55 3.02
C ALA C 331 3.07 -31.15 2.51
N LYS C 332 2.74 -30.16 3.33
CA LYS C 332 2.94 -28.76 2.98
C LYS C 332 3.71 -28.09 4.10
N ILE C 333 4.79 -27.39 3.73
CA ILE C 333 5.64 -26.69 4.69
C ILE C 333 5.82 -25.23 4.25
N LEU C 334 5.61 -24.31 5.19
CA LEU C 334 5.82 -22.86 4.95
C LEU C 334 7.04 -22.37 5.70
N SER C 335 7.87 -21.60 5.00
CA SER C 335 9.10 -21.08 5.57
C SER C 335 9.36 -19.64 5.13
N TRP C 336 9.54 -18.77 6.12
CA TRP C 336 9.75 -17.34 5.95
C TRP C 336 11.21 -17.00 5.61
N TYR C 337 11.41 -15.91 4.89
CA TYR C 337 12.74 -15.33 4.71
C TYR C 337 12.67 -13.86 4.37
N ASP C 338 13.55 -13.08 4.98
CA ASP C 338 13.79 -11.74 4.48
C ASP C 338 14.69 -11.89 3.27
N ASN C 339 14.10 -11.76 2.09
CA ASN C 339 14.80 -11.95 0.83
C ASN C 339 16.01 -11.02 0.63
N GLU C 340 16.01 -9.87 1.29
CA GLU C 340 17.18 -8.99 1.23
C GLU C 340 18.18 -9.37 2.31
N PHE C 341 17.72 -9.44 3.56
CA PHE C 341 18.64 -9.44 4.69
C PHE C 341 19.27 -10.80 4.99
N GLY C 342 18.47 -11.85 4.90
CA GLY C 342 18.99 -13.21 5.10
C GLY C 342 19.99 -13.54 4.01
N TYR C 343 19.61 -13.30 2.76
CA TYR C 343 20.50 -13.54 1.64
C TYR C 343 21.80 -12.73 1.75
N SER C 344 21.68 -11.43 2.05
CA SER C 344 22.85 -10.53 2.22
C SER C 344 23.77 -11.02 3.32
N THR C 345 23.20 -11.51 4.44
CA THR C 345 24.00 -12.12 5.49
C THR C 345 24.78 -13.34 4.97
N ARG C 346 24.12 -14.19 4.17
CA ARG C 346 24.79 -15.35 3.55
C ARG C 346 25.92 -14.95 2.61
N VAL C 347 25.74 -13.85 1.87
CA VAL C 347 26.77 -13.38 0.95
C VAL C 347 28.06 -13.06 1.73
N VAL C 348 27.91 -12.38 2.86
CA VAL C 348 29.04 -12.03 3.73
C VAL C 348 29.66 -13.25 4.43
N ASP C 349 28.82 -14.15 4.93
CA ASP C 349 29.30 -15.43 5.47
C ASP C 349 30.15 -16.17 4.43
N LEU C 350 29.65 -16.20 3.19
CA LEU C 350 30.32 -16.85 2.07
C LEU C 350 31.66 -16.20 1.74
N ALA C 351 31.68 -14.86 1.68
CA ALA C 351 32.93 -14.13 1.46
C ALA C 351 34.01 -14.55 2.48
N GLN C 352 33.64 -14.58 3.75
CA GLN C 352 34.57 -15.00 4.82
C GLN C 352 35.03 -16.47 4.71
N LYS C 353 34.16 -17.33 4.18
CA LYS C 353 34.53 -18.74 4.00
C LYS C 353 35.49 -18.93 2.83
N LEU C 354 35.39 -18.09 1.81
CA LEU C 354 36.23 -18.21 0.63
C LEU C 354 37.72 -17.94 0.87
N VAL C 355 38.04 -17.11 1.87
CA VAL C 355 39.42 -16.68 2.12
C VAL C 355 40.09 -17.41 3.29
N MET D 22 -7.85 14.74 -38.70
CA MET D 22 -6.54 15.00 -38.03
C MET D 22 -5.77 13.70 -37.91
N LYS D 23 -4.50 13.75 -38.27
CA LYS D 23 -3.60 12.61 -38.09
C LYS D 23 -2.69 12.83 -36.88
N LEU D 24 -2.86 11.97 -35.89
CA LEU D 24 -2.11 12.05 -34.64
C LEU D 24 -1.02 11.00 -34.57
N ALA D 25 0.12 11.37 -34.01
CA ALA D 25 1.12 10.40 -33.60
C ALA D 25 1.41 10.57 -32.11
N ILE D 26 1.78 9.49 -31.43
CA ILE D 26 2.15 9.61 -30.00
C ILE D 26 3.59 9.16 -29.84
N ASN D 27 4.42 10.05 -29.31
CA ASN D 27 5.78 9.70 -29.02
C ASN D 27 5.94 9.44 -27.53
N GLY D 28 6.12 8.18 -27.14
CA GLY D 28 6.13 7.80 -25.72
C GLY D 28 4.76 7.29 -25.28
N PHE D 29 4.58 5.97 -25.35
CA PHE D 29 3.30 5.33 -25.11
C PHE D 29 3.20 4.91 -23.65
N GLY D 30 3.36 5.87 -22.74
CA GLY D 30 3.39 5.58 -21.31
C GLY D 30 2.07 5.90 -20.64
N ARG D 31 2.12 6.36 -19.39
CA ARG D 31 0.86 6.65 -18.67
C ARG D 31 0.04 7.71 -19.39
N ILE D 32 0.67 8.84 -19.74
CA ILE D 32 -0.01 9.87 -20.52
C ILE D 32 -0.29 9.40 -21.96
N GLY D 33 0.74 8.90 -22.66
CA GLY D 33 0.57 8.42 -24.04
C GLY D 33 -0.60 7.47 -24.22
N ARG D 34 -0.71 6.48 -23.33
CA ARG D 34 -1.82 5.51 -23.40
C ARG D 34 -3.22 6.06 -23.06
N ASN D 35 -3.31 6.95 -22.07
CA ASN D 35 -4.59 7.61 -21.78
C ASN D 35 -5.02 8.55 -22.92
N VAL D 36 -4.08 9.31 -23.46
CA VAL D 36 -4.30 10.10 -24.67
C VAL D 36 -4.82 9.23 -25.82
N PHE D 37 -4.17 8.09 -26.03
CA PHE D 37 -4.63 7.16 -27.06
C PHE D 37 -6.11 6.82 -26.93
N LYS D 38 -6.51 6.39 -25.73
CA LYS D 38 -7.89 5.93 -25.52
C LYS D 38 -8.91 7.03 -25.74
N ILE D 39 -8.60 8.23 -25.20
CA ILE D 39 -9.49 9.39 -25.31
C ILE D 39 -9.60 9.83 -26.77
N ALA D 40 -8.46 9.92 -27.46
CA ALA D 40 -8.44 10.30 -28.87
C ALA D 40 -9.15 9.24 -29.73
N PHE D 41 -8.88 7.96 -29.47
CA PHE D 41 -9.45 6.87 -30.27
C PHE D 41 -10.98 6.94 -30.18
N GLU D 42 -11.48 7.17 -28.97
CA GLU D 42 -12.91 7.28 -28.73
C GLU D 42 -13.57 8.42 -29.51
N ARG D 43 -12.83 9.48 -29.80
CA ARG D 43 -13.37 10.64 -30.48
C ARG D 43 -13.37 10.50 -32.01
N GLY D 44 -12.76 9.42 -32.51
CA GLY D 44 -12.68 9.17 -33.95
C GLY D 44 -11.46 9.79 -34.59
N ILE D 45 -10.48 10.18 -33.77
CA ILE D 45 -9.24 10.75 -34.28
C ILE D 45 -8.40 9.65 -34.88
N ASP D 46 -7.70 9.99 -35.96
CA ASP D 46 -6.88 9.03 -36.68
C ASP D 46 -5.50 8.96 -36.06
N ILE D 47 -5.31 7.97 -35.21
CA ILE D 47 -4.03 7.73 -34.57
C ILE D 47 -3.24 6.85 -35.51
N VAL D 48 -2.25 7.45 -36.16
CA VAL D 48 -1.53 6.83 -37.27
C VAL D 48 -0.38 5.94 -36.80
N ALA D 49 0.29 6.38 -35.74
CA ALA D 49 1.53 5.72 -35.30
C ALA D 49 1.83 6.03 -33.85
N ILE D 50 2.52 5.09 -33.21
CA ILE D 50 3.00 5.23 -31.86
C ILE D 50 4.50 4.95 -31.91
N ASN D 51 5.28 5.79 -31.23
CA ASN D 51 6.69 5.52 -31.08
C ASN D 51 7.05 5.33 -29.61
N ASP D 52 7.83 4.28 -29.33
CA ASP D 52 8.29 3.99 -27.98
C ASP D 52 9.61 3.23 -28.09
N LEU D 53 9.98 2.42 -27.09
CA LEU D 53 11.25 1.67 -27.12
C LEU D 53 11.11 0.16 -26.97
N THR D 54 10.00 -0.38 -27.45
CA THR D 54 9.71 -1.79 -27.22
C THR D 54 8.89 -2.34 -28.40
N ASP D 55 8.43 -3.58 -28.31
CA ASP D 55 7.74 -4.21 -29.44
C ASP D 55 6.23 -4.02 -29.39
N PRO D 56 5.53 -4.31 -30.51
CA PRO D 56 4.08 -4.18 -30.49
C PRO D 56 3.35 -5.02 -29.43
N LYS D 57 3.87 -6.19 -29.08
CA LYS D 57 3.18 -7.09 -28.14
C LYS D 57 3.12 -6.46 -26.75
N THR D 58 4.23 -5.83 -26.35
CA THR D 58 4.32 -5.15 -25.06
C THR D 58 3.34 -3.97 -25.02
N LEU D 59 3.34 -3.17 -26.08
CA LEU D 59 2.47 -2.00 -26.15
C LEU D 59 0.99 -2.39 -26.16
N ALA D 60 0.64 -3.41 -26.95
CA ALA D 60 -0.73 -3.92 -26.98
C ALA D 60 -1.17 -4.42 -25.61
N HIS D 61 -0.31 -5.20 -24.95
CA HIS D 61 -0.60 -5.74 -23.62
C HIS D 61 -0.83 -4.64 -22.56
N LEU D 62 0.05 -3.64 -22.53
CA LEU D 62 -0.10 -2.49 -21.62
C LEU D 62 -1.35 -1.66 -21.92
N LEU D 63 -1.74 -1.62 -23.19
CA LEU D 63 -2.93 -0.89 -23.57
C LEU D 63 -4.20 -1.62 -23.10
N LYS D 64 -4.16 -2.95 -23.20
CA LYS D 64 -5.34 -3.78 -22.87
C LYS D 64 -5.55 -3.87 -21.36
N TYR D 65 -4.46 -4.04 -20.61
CA TYR D 65 -4.53 -4.25 -19.16
C TYR D 65 -3.85 -3.10 -18.43
N ASP D 66 -4.68 -2.27 -17.80
CA ASP D 66 -4.20 -1.10 -17.10
C ASP D 66 -4.44 -1.29 -15.61
N SER D 67 -3.37 -1.28 -14.81
CA SER D 67 -3.50 -1.52 -13.37
C SER D 67 -4.36 -0.47 -12.69
N THR D 68 -4.26 0.77 -13.19
CA THR D 68 -4.97 1.88 -12.59
C THR D 68 -6.43 1.94 -13.06
N PHE D 69 -6.66 1.77 -14.37
CA PHE D 69 -7.99 2.02 -14.93
C PHE D 69 -8.78 0.78 -15.37
N GLY D 70 -8.17 -0.39 -15.36
CA GLY D 70 -8.89 -1.61 -15.69
C GLY D 70 -8.66 -2.12 -17.10
N VAL D 71 -9.52 -3.04 -17.53
CA VAL D 71 -9.36 -3.74 -18.81
C VAL D 71 -10.02 -2.92 -19.92
N TYR D 72 -9.25 -2.62 -20.96
CA TYR D 72 -9.74 -1.89 -22.13
C TYR D 72 -10.82 -2.71 -22.83
N ASN D 73 -11.98 -2.11 -23.05
CA ASN D 73 -13.11 -2.84 -23.63
CA ASN D 73 -13.11 -2.75 -23.64
C ASN D 73 -13.06 -3.10 -25.15
N LYS D 74 -11.97 -2.74 -25.81
CA LYS D 74 -11.84 -2.99 -27.25
C LYS D 74 -11.08 -4.29 -27.53
N LYS D 75 -11.21 -4.77 -28.76
CA LYS D 75 -10.42 -5.89 -29.23
C LYS D 75 -9.04 -5.37 -29.58
N VAL D 76 -8.02 -5.87 -28.89
CA VAL D 76 -6.65 -5.42 -29.08
C VAL D 76 -5.76 -6.57 -29.57
N GLU D 77 -5.07 -6.35 -30.68
CA GLU D 77 -4.09 -7.32 -31.15
C GLU D 77 -2.77 -6.65 -31.41
N SER D 78 -1.72 -7.46 -31.49
CA SER D 78 -0.45 -7.00 -31.97
C SER D 78 -0.03 -7.80 -33.21
N ARG D 79 0.68 -7.12 -34.11
CA ARG D 79 1.19 -7.71 -35.34
C ARG D 79 2.62 -7.22 -35.47
N ASP D 80 3.31 -7.67 -36.51
CA ASP D 80 4.62 -7.11 -36.88
C ASP D 80 4.47 -5.63 -37.19
N GLY D 81 5.25 -4.80 -36.50
CA GLY D 81 5.19 -3.34 -36.69
C GLY D 81 3.85 -2.64 -36.49
N ALA D 82 2.93 -3.24 -35.74
CA ALA D 82 1.62 -2.60 -35.50
C ALA D 82 0.79 -3.22 -34.37
N ILE D 83 -0.07 -2.40 -33.77
CA ILE D 83 -1.13 -2.91 -32.90
C ILE D 83 -2.44 -2.65 -33.61
N VAL D 84 -3.45 -3.42 -33.25
CA VAL D 84 -4.74 -3.33 -33.90
C VAL D 84 -5.81 -3.19 -32.84
N VAL D 85 -6.62 -2.14 -32.97
CA VAL D 85 -7.63 -1.80 -31.98
C VAL D 85 -8.99 -1.71 -32.66
N ASP D 86 -9.86 -2.66 -32.36
CA ASP D 86 -11.14 -2.78 -33.07
C ASP D 86 -10.92 -2.68 -34.59
N GLY D 87 -9.95 -3.45 -35.07
CA GLY D 87 -9.63 -3.47 -36.49
C GLY D 87 -8.83 -2.30 -37.05
N ARG D 88 -8.67 -1.22 -36.30
CA ARG D 88 -7.84 -0.09 -36.75
C ARG D 88 -6.37 -0.33 -36.40
N GLU D 89 -5.55 -0.28 -37.44
CA GLU D 89 -4.16 -0.65 -37.33
C GLU D 89 -3.37 0.61 -37.07
N ILE D 90 -2.53 0.57 -36.02
CA ILE D 90 -1.72 1.69 -35.63
C ILE D 90 -0.26 1.26 -35.72
N LYS D 91 0.53 2.00 -36.49
CA LYS D 91 1.93 1.63 -36.71
C LYS D 91 2.76 1.79 -35.45
N ILE D 92 3.66 0.85 -35.20
CA ILE D 92 4.56 0.93 -34.07
C ILE D 92 5.98 1.19 -34.54
N ILE D 93 6.60 2.20 -33.94
CA ILE D 93 7.98 2.53 -34.24
C ILE D 93 8.80 2.40 -32.96
N ALA D 94 10.07 2.03 -33.10
CA ALA D 94 10.97 1.94 -31.97
C ALA D 94 12.23 2.72 -32.27
N GLU D 95 12.10 4.04 -32.25
CA GLU D 95 13.16 4.94 -32.66
C GLU D 95 13.42 5.93 -31.54
N ARG D 96 14.60 5.81 -30.96
CA ARG D 96 15.03 6.57 -29.81
C ARG D 96 15.22 8.06 -30.14
N ASP D 97 15.65 8.33 -31.37
CA ASP D 97 16.00 9.68 -31.79
C ASP D 97 14.85 10.31 -32.57
N PRO D 98 14.18 11.32 -31.99
CA PRO D 98 13.00 11.89 -32.64
C PRO D 98 13.28 12.51 -34.01
N LYS D 99 14.53 12.93 -34.25
CA LYS D 99 14.93 13.44 -35.57
C LYS D 99 14.67 12.42 -36.68
N ASN D 100 14.76 11.13 -36.32
CA ASN D 100 14.61 10.01 -37.27
C ASN D 100 13.18 9.51 -37.50
N LEU D 101 12.19 10.18 -36.93
CA LEU D 101 10.80 9.71 -37.06
C LEU D 101 10.15 10.01 -38.42
N PRO D 102 9.37 9.06 -38.95
CA PRO D 102 8.80 9.19 -40.30
C PRO D 102 7.54 10.05 -40.38
N TRP D 103 7.51 11.18 -39.69
CA TRP D 103 6.24 11.91 -39.56
C TRP D 103 5.74 12.57 -40.85
N ALA D 104 6.65 13.06 -41.69
CA ALA D 104 6.25 13.63 -42.99
C ALA D 104 5.65 12.54 -43.90
N LYS D 105 6.36 11.42 -44.04
CA LYS D 105 5.84 10.22 -44.74
C LYS D 105 4.41 9.88 -44.33
N LEU D 106 4.17 9.88 -43.02
CA LEU D 106 2.88 9.46 -42.47
C LEU D 106 1.84 10.59 -42.42
N GLY D 107 2.24 11.80 -42.82
CA GLY D 107 1.32 12.94 -42.88
C GLY D 107 0.82 13.39 -41.51
N ILE D 108 1.70 13.33 -40.51
CA ILE D 108 1.29 13.61 -39.13
C ILE D 108 0.94 15.08 -38.92
N ASP D 109 -0.29 15.33 -38.49
CA ASP D 109 -0.73 16.68 -38.15
C ASP D 109 -0.23 17.11 -36.77
N VAL D 110 -0.44 16.28 -35.76
CA VAL D 110 -0.04 16.59 -34.39
C VAL D 110 0.68 15.40 -33.77
N VAL D 111 1.89 15.64 -33.25
CA VAL D 111 2.62 14.68 -32.43
C VAL D 111 2.41 15.00 -30.94
N ILE D 112 2.07 13.98 -30.16
CA ILE D 112 1.99 14.11 -28.73
C ILE D 112 3.33 13.67 -28.20
N GLU D 113 4.08 14.60 -27.60
CA GLU D 113 5.41 14.31 -27.09
C GLU D 113 5.35 14.02 -25.58
N SER D 114 5.26 12.73 -25.26
CA SER D 114 4.98 12.27 -23.92
C SER D 114 5.98 11.23 -23.43
N THR D 115 7.24 11.38 -23.84
CA THR D 115 8.31 10.49 -23.36
C THR D 115 8.85 10.97 -22.02
N GLY D 116 8.69 12.25 -21.73
CA GLY D 116 9.30 12.81 -20.53
C GLY D 116 10.76 13.25 -20.69
N VAL D 117 11.40 12.87 -21.80
CA VAL D 117 12.85 13.07 -21.95
C VAL D 117 13.26 14.14 -22.99
N PHE D 118 12.28 14.81 -23.61
CA PHE D 118 12.58 15.82 -24.63
C PHE D 118 11.91 17.16 -24.32
N SER D 119 12.16 17.70 -23.14
CA SER D 119 11.49 18.94 -22.72
C SER D 119 12.25 20.23 -23.08
N SER D 120 13.40 20.10 -23.75
CA SER D 120 14.03 21.24 -24.43
C SER D 120 13.71 21.19 -25.93
N ALA D 121 13.74 22.35 -26.58
CA ALA D 121 13.43 22.43 -28.01
C ALA D 121 14.33 21.51 -28.84
N THR D 122 15.63 21.59 -28.59
CA THR D 122 16.65 20.85 -29.31
C THR D 122 17.74 20.48 -28.32
N SER D 123 18.51 19.45 -28.63
CA SER D 123 19.58 19.00 -27.75
C SER D 123 20.48 18.02 -28.49
N ASP D 124 21.61 17.67 -27.87
CA ASP D 124 22.51 16.62 -28.38
C ASP D 124 21.74 15.29 -28.57
N LYS D 125 21.02 14.88 -27.54
CA LYS D 125 20.23 13.64 -27.59
C LYS D 125 18.89 13.82 -28.33
N GLY D 126 18.39 15.07 -28.38
CA GLY D 126 17.15 15.40 -29.09
C GLY D 126 16.27 16.39 -28.33
N GLY D 127 15.20 16.83 -28.98
CA GLY D 127 14.29 17.79 -28.37
C GLY D 127 12.94 17.78 -29.05
N TYR D 128 11.95 18.42 -28.41
CA TYR D 128 10.57 18.35 -28.90
C TYR D 128 10.39 18.98 -30.27
N LEU D 129 11.19 20.01 -30.58
CA LEU D 129 11.06 20.66 -31.89
C LEU D 129 11.54 19.76 -33.03
N ASP D 130 12.31 18.72 -32.69
CA ASP D 130 12.74 17.73 -33.69
C ASP D 130 11.57 17.08 -34.42
N HIS D 131 10.43 16.91 -33.73
CA HIS D 131 9.24 16.32 -34.36
C HIS D 131 8.76 17.13 -35.55
N VAL D 132 8.96 18.45 -35.51
CA VAL D 132 8.45 19.33 -36.56
C VAL D 132 9.53 19.75 -37.55
N ASN D 133 10.72 20.07 -37.04
CA ASN D 133 11.79 20.63 -37.86
C ASN D 133 12.62 19.64 -38.69
N HIS D 134 12.68 18.38 -38.25
CA HIS D 134 13.43 17.34 -38.93
CA HIS D 134 13.36 17.39 -39.06
C HIS D 134 12.52 16.17 -39.38
N ALA D 135 11.63 15.77 -38.47
CA ALA D 135 10.80 14.59 -38.70
C ALA D 135 9.61 14.88 -39.60
N GLY D 136 9.24 16.16 -39.71
CA GLY D 136 8.22 16.56 -40.67
C GLY D 136 6.77 16.62 -40.22
N ALA D 137 6.50 16.48 -38.92
CA ALA D 137 5.14 16.73 -38.41
C ALA D 137 4.79 18.22 -38.44
N LYS D 138 3.50 18.53 -38.57
CA LYS D 138 3.01 19.91 -38.55
C LYS D 138 3.18 20.57 -37.18
N LYS D 139 2.80 19.84 -36.13
CA LYS D 139 2.68 20.41 -34.78
C LYS D 139 3.06 19.39 -33.72
N VAL D 140 3.55 19.91 -32.59
CA VAL D 140 3.87 19.08 -31.44
C VAL D 140 3.24 19.66 -30.16
N ILE D 141 2.59 18.79 -29.39
CA ILE D 141 2.22 19.10 -28.01
C ILE D 141 3.18 18.42 -27.05
N LEU D 142 3.87 19.23 -26.26
CA LEU D 142 4.71 18.75 -25.19
C LEU D 142 3.84 18.56 -23.94
N THR D 143 3.86 17.36 -23.38
CA THR D 143 2.96 17.03 -22.25
C THR D 143 3.64 17.26 -20.89
N VAL D 144 4.39 18.37 -20.78
CA VAL D 144 5.15 18.73 -19.59
C VAL D 144 5.58 20.20 -19.76
N PRO D 145 5.87 20.92 -18.65
CA PRO D 145 6.45 22.25 -18.90
C PRO D 145 7.78 22.13 -19.64
N ALA D 146 8.04 23.06 -20.55
CA ALA D 146 9.33 23.10 -21.27
C ALA D 146 10.42 23.61 -20.34
N LYS D 147 11.67 23.19 -20.58
CA LYS D 147 12.80 23.76 -19.85
C LYS D 147 13.22 25.11 -20.46
N ASP D 148 12.71 25.42 -21.63
CA ASP D 148 12.98 26.69 -22.30
C ASP D 148 11.68 27.43 -22.61
N GLU D 149 11.78 28.48 -23.42
CA GLU D 149 10.61 29.29 -23.77
C GLU D 149 9.75 28.57 -24.80
N ILE D 150 8.43 28.59 -24.59
CA ILE D 150 7.48 27.89 -25.46
C ILE D 150 6.10 28.49 -25.19
N LYS D 151 5.22 28.51 -26.20
CA LYS D 151 3.82 28.81 -25.97
C LYS D 151 3.24 27.75 -25.04
N THR D 152 2.72 28.19 -23.89
CA THR D 152 2.11 27.29 -22.91
C THR D 152 0.62 27.61 -22.79
N ILE D 153 -0.23 26.59 -22.92
CA ILE D 153 -1.66 26.75 -22.86
C ILE D 153 -2.24 25.91 -21.73
N VAL D 154 -3.16 26.50 -20.97
CA VAL D 154 -3.98 25.73 -20.05
C VAL D 154 -5.40 26.01 -20.48
N LEU D 155 -6.12 24.98 -20.92
CA LEU D 155 -7.48 25.16 -21.37
C LEU D 155 -8.37 25.66 -20.24
N GLY D 156 -9.26 26.58 -20.59
CA GLY D 156 -10.08 27.30 -19.62
C GLY D 156 -9.39 28.53 -19.02
N VAL D 157 -8.11 28.72 -19.32
CA VAL D 157 -7.35 29.83 -18.78
C VAL D 157 -6.89 30.82 -19.87
N ASN D 158 -6.06 30.34 -20.80
CA ASN D 158 -5.57 31.18 -21.90
C ASN D 158 -5.81 30.51 -23.28
N ASP D 159 -7.02 29.99 -23.48
CA ASP D 159 -7.46 29.41 -24.76
C ASP D 159 -7.28 30.32 -25.95
N HIS D 160 -7.49 31.62 -25.72
CA HIS D 160 -7.41 32.66 -26.74
CA HIS D 160 -7.43 32.59 -26.80
C HIS D 160 -6.02 32.76 -27.36
N ASP D 161 -5.01 32.32 -26.60
CA ASP D 161 -3.59 32.34 -27.03
C ASP D 161 -3.28 31.29 -28.11
N ILE D 162 -4.23 30.41 -28.40
CA ILE D 162 -4.08 29.44 -29.49
C ILE D 162 -4.37 30.12 -30.82
N ASN D 163 -3.42 30.01 -31.74
CA ASN D 163 -3.63 30.37 -33.14
C ASN D 163 -3.14 29.25 -34.07
N SER D 164 -3.53 29.35 -35.34
CA SER D 164 -3.32 28.30 -36.34
C SER D 164 -1.84 28.14 -36.72
N ASP D 165 -1.06 29.18 -36.46
CA ASP D 165 0.34 29.18 -36.88
C ASP D 165 1.28 28.49 -35.90
N LEU D 166 0.76 28.06 -34.75
CA LEU D 166 1.57 27.37 -33.73
C LEU D 166 2.17 26.05 -34.22
N LYS D 167 3.47 25.88 -33.96
CA LYS D 167 4.20 24.67 -34.30
C LYS D 167 4.47 23.80 -33.07
N ALA D 168 4.62 24.45 -31.90
CA ALA D 168 4.97 23.77 -30.66
C ALA D 168 4.25 24.44 -29.50
N VAL D 169 3.60 23.62 -28.67
CA VAL D 169 2.86 24.09 -27.49
CA VAL D 169 2.93 24.11 -27.46
C VAL D 169 3.12 23.13 -26.33
N SER D 170 3.22 23.68 -25.12
CA SER D 170 3.21 22.87 -23.90
C SER D 170 1.82 22.96 -23.30
N ASN D 171 1.29 21.84 -22.83
CA ASN D 171 0.03 21.83 -22.09
C ASN D 171 0.29 21.98 -20.59
N ALA D 172 1.50 22.45 -20.22
CA ALA D 172 1.88 22.68 -18.82
C ALA D 172 1.90 21.35 -18.04
N SER D 173 1.69 21.41 -16.73
CA SER D 173 1.70 20.19 -15.92
C SER D 173 0.28 19.87 -15.45
N CYS D 174 0.09 18.66 -14.93
CA CYS D 174 -1.20 18.30 -14.33
C CYS D 174 -1.55 19.25 -13.17
N THR D 175 -0.56 19.59 -12.36
CA THR D 175 -0.77 20.49 -11.21
C THR D 175 -1.11 21.93 -11.63
N THR D 176 -0.42 22.44 -12.64
CA THR D 176 -0.74 23.77 -13.17
C THR D 176 -2.16 23.78 -13.77
N ASN D 177 -2.53 22.69 -14.43
CA ASN D 177 -3.89 22.56 -14.95
C ASN D 177 -4.97 22.57 -13.85
N CYS D 178 -4.63 22.02 -12.68
CA CYS D 178 -5.56 22.10 -11.55
C CYS D 178 -5.58 23.52 -10.97
N LEU D 179 -4.38 24.08 -10.78
CA LEU D 179 -4.23 25.34 -10.04
C LEU D 179 -4.63 26.59 -10.83
N ALA D 180 -4.22 26.68 -12.09
CA ALA D 180 -4.50 27.88 -12.89
C ALA D 180 -5.99 28.24 -13.09
N PRO D 181 -6.87 27.27 -13.37
CA PRO D 181 -8.28 27.67 -13.45
C PRO D 181 -8.83 28.19 -12.12
N LEU D 182 -8.44 27.54 -11.03
CA LEU D 182 -8.85 27.94 -9.70
C LEU D 182 -8.36 29.36 -9.39
N ALA D 183 -7.07 29.61 -9.64
CA ALA D 183 -6.48 30.92 -9.43
C ALA D 183 -7.11 31.99 -10.34
N LYS D 184 -7.45 31.63 -11.57
CA LYS D 184 -8.10 32.59 -12.46
C LYS D 184 -9.41 33.12 -11.86
N VAL D 185 -10.23 32.22 -11.33
CA VAL D 185 -11.56 32.58 -10.85
C VAL D 185 -11.42 33.39 -9.57
N LEU D 186 -10.53 32.94 -8.68
CA LEU D 186 -10.28 33.65 -7.43
C LEU D 186 -9.73 35.05 -7.69
N HIS D 187 -8.79 35.17 -8.63
CA HIS D 187 -8.22 36.47 -8.95
C HIS D 187 -9.28 37.41 -9.54
N GLU D 188 -10.04 36.93 -10.52
CA GLU D 188 -11.09 37.72 -11.14
C GLU D 188 -12.20 38.13 -10.18
N SER D 189 -12.49 37.28 -9.20
CA SER D 189 -13.57 37.56 -8.26
C SER D 189 -13.15 38.42 -7.08
N PHE D 190 -11.99 38.12 -6.52
CA PHE D 190 -11.61 38.67 -5.24
C PHE D 190 -10.26 39.34 -5.26
N GLY D 191 -9.47 39.03 -6.29
CA GLY D 191 -8.08 39.46 -6.36
C GLY D 191 -7.17 38.65 -5.44
N ILE D 192 -6.09 38.11 -6.01
CA ILE D 192 -5.12 37.38 -5.22
C ILE D 192 -3.95 38.33 -5.04
N GLU D 193 -3.57 38.59 -3.79
CA GLU D 193 -2.34 39.32 -3.52
C GLU D 193 -1.16 38.39 -3.69
N GLN D 194 -1.25 37.23 -3.05
CA GLN D 194 -0.28 36.13 -3.21
C GLN D 194 -0.85 34.80 -2.68
N GLY D 195 -0.21 33.70 -3.04
CA GLY D 195 -0.67 32.39 -2.62
C GLY D 195 0.45 31.38 -2.52
N LEU D 196 0.32 30.46 -1.57
CA LEU D 196 1.24 29.35 -1.46
C LEU D 196 0.40 28.09 -1.52
N MET D 197 0.99 27.02 -2.05
CA MET D 197 0.24 25.79 -2.25
C MET D 197 1.03 24.51 -1.96
N THR D 198 0.30 23.44 -1.75
CA THR D 198 0.85 22.10 -1.70
C THR D 198 -0.04 21.24 -2.60
N THR D 199 0.58 20.37 -3.36
CA THR D 199 -0.16 19.29 -3.99
C THR D 199 0.21 18.00 -3.28
N VAL D 200 -0.81 17.30 -2.80
CA VAL D 200 -0.63 15.98 -2.23
C VAL D 200 -0.99 15.06 -3.39
N HIS D 201 0.01 14.32 -3.87
CA HIS D 201 0.05 13.94 -5.26
C HIS D 201 0.40 12.47 -5.40
N ALA D 202 -0.34 11.75 -6.25
CA ALA D 202 -0.05 10.34 -6.52
C ALA D 202 1.39 10.14 -6.97
N TYR D 203 1.96 8.98 -6.68
CA TYR D 203 3.28 8.67 -7.23
C TYR D 203 3.19 8.46 -8.76
N THR D 204 4.32 8.64 -9.44
CA THR D 204 4.39 8.47 -10.90
C THR D 204 5.61 7.62 -11.24
N ASN D 205 5.72 7.24 -12.51
CA ASN D 205 6.86 6.48 -13.03
C ASN D 205 8.19 7.21 -12.93
N ASP D 206 8.19 8.49 -12.57
CA ASP D 206 9.47 9.13 -12.29
C ASP D 206 10.08 8.66 -10.96
N GLN D 207 9.28 7.98 -10.13
CA GLN D 207 9.74 7.59 -8.81
C GLN D 207 10.28 6.15 -8.82
N ARG D 208 10.62 5.64 -7.65
CA ARG D 208 11.28 4.34 -7.56
C ARG D 208 10.45 3.41 -6.68
N ILE D 209 10.40 2.13 -7.06
CA ILE D 209 9.67 1.14 -6.26
C ILE D 209 10.33 0.88 -4.91
N LEU D 210 11.65 0.77 -4.90
CA LEU D 210 12.44 0.68 -3.67
C LEU D 210 13.60 1.66 -3.80
N ASP D 211 14.31 1.93 -2.72
CA ASP D 211 15.36 2.94 -2.71
C ASP D 211 16.38 2.66 -3.82
N LEU D 212 16.59 3.66 -4.69
CA LEU D 212 17.44 3.50 -5.85
C LEU D 212 17.91 4.88 -6.30
N PRO D 213 19.14 4.99 -6.87
CA PRO D 213 19.61 6.31 -7.32
C PRO D 213 18.64 7.08 -8.20
N HIS D 214 18.60 8.39 -7.98
CA HIS D 214 17.74 9.32 -8.69
C HIS D 214 18.43 10.66 -8.50
N SER D 215 18.34 11.56 -9.46
CA SER D 215 18.97 12.88 -9.28
C SER D 215 18.27 13.71 -8.17
N ASP D 216 16.98 13.46 -7.97
CA ASP D 216 16.23 14.01 -6.84
C ASP D 216 16.29 13.00 -5.68
N LEU D 217 17.02 13.34 -4.63
CA LEU D 217 17.27 12.37 -3.55
C LEU D 217 15.99 11.93 -2.80
N ARG D 218 14.91 12.70 -2.93
CA ARG D 218 13.64 12.33 -2.28
C ARG D 218 12.91 11.31 -3.18
N ARG D 219 12.92 11.58 -4.48
CA ARG D 219 12.33 10.70 -5.46
C ARG D 219 13.12 9.39 -5.61
N ALA D 220 14.30 9.33 -5.00
CA ALA D 220 15.09 8.09 -4.92
C ALA D 220 14.42 7.02 -4.06
N ARG D 221 13.44 7.44 -3.25
CA ARG D 221 12.97 6.60 -2.15
C ARG D 221 11.70 5.82 -2.48
N ALA D 222 11.60 4.62 -1.89
CA ALA D 222 10.47 3.71 -2.14
C ALA D 222 9.13 4.45 -2.11
N ALA D 223 8.49 4.51 -3.27
CA ALA D 223 7.37 5.42 -3.53
C ALA D 223 6.07 5.07 -2.80
N ALA D 224 5.86 3.78 -2.58
CA ALA D 224 4.65 3.29 -1.91
C ALA D 224 4.81 3.16 -0.39
N LEU D 225 5.99 3.55 0.12
CA LEU D 225 6.26 3.46 1.55
C LEU D 225 6.23 4.80 2.31
N SER D 226 6.20 5.93 1.61
CA SER D 226 6.41 7.21 2.26
C SER D 226 5.64 8.38 1.69
N ILE D 227 5.46 9.41 2.51
CA ILE D 227 5.14 10.75 2.06
C ILE D 227 6.50 11.35 1.67
N ILE D 228 6.59 11.85 0.44
CA ILE D 228 7.86 12.24 -0.16
C ILE D 228 7.81 13.68 -0.71
N PRO D 229 8.41 14.64 0.02
CA PRO D 229 8.41 16.02 -0.48
C PRO D 229 9.25 16.12 -1.75
N THR D 230 8.79 16.92 -2.70
CA THR D 230 9.54 17.15 -3.94
C THR D 230 9.14 18.51 -4.44
N SER D 231 10.06 19.21 -5.09
CA SER D 231 9.77 20.57 -5.51
C SER D 231 8.85 20.55 -6.73
N THR D 232 8.16 21.65 -6.96
CA THR D 232 7.30 21.79 -8.14
C THR D 232 7.38 23.22 -8.64
N GLY D 233 7.48 23.37 -9.96
CA GLY D 233 7.41 24.69 -10.59
C GLY D 233 5.98 25.09 -10.97
N ALA D 234 5.02 24.23 -10.63
CA ALA D 234 3.65 24.35 -11.10
C ALA D 234 2.91 25.61 -10.68
N ALA D 235 3.25 26.13 -9.51
CA ALA D 235 2.59 27.33 -9.01
C ALA D 235 3.21 28.60 -9.64
N LYS D 236 4.54 28.60 -9.76
CA LYS D 236 5.23 29.63 -10.51
C LYS D 236 4.77 29.68 -11.99
N ALA D 237 4.51 28.52 -12.57
CA ALA D 237 4.08 28.40 -13.97
C ALA D 237 2.68 29.00 -14.25
N VAL D 238 1.87 29.17 -13.21
CA VAL D 238 0.60 29.89 -13.40
C VAL D 238 0.88 31.29 -14.01
N GLY D 239 2.02 31.87 -13.68
CA GLY D 239 2.44 33.15 -14.24
C GLY D 239 2.63 33.15 -15.74
N LEU D 240 2.96 32.00 -16.33
CA LEU D 240 3.04 31.89 -17.79
C LEU D 240 1.68 32.00 -18.45
N VAL D 241 0.63 31.52 -17.81
CA VAL D 241 -0.68 31.50 -18.45
C VAL D 241 -1.60 32.61 -17.94
N LEU D 242 -1.25 33.15 -16.77
CA LEU D 242 -1.97 34.25 -16.14
C LEU D 242 -0.93 35.29 -15.70
N PRO D 243 -0.48 36.17 -16.62
CA PRO D 243 0.66 37.08 -16.36
C PRO D 243 0.47 38.00 -15.15
N GLU D 244 -0.77 38.35 -14.82
CA GLU D 244 -1.03 39.16 -13.63
C GLU D 244 -0.58 38.48 -12.35
N LEU D 245 -0.50 37.14 -12.38
CA LEU D 245 -0.11 36.35 -11.20
C LEU D 245 1.34 35.90 -11.24
N LYS D 246 2.10 36.40 -12.20
CA LYS D 246 3.54 36.12 -12.27
C LYS D 246 4.19 36.62 -10.97
N GLY D 247 5.00 35.76 -10.36
CA GLY D 247 5.66 36.11 -9.10
C GLY D 247 4.77 36.05 -7.86
N LYS D 248 3.49 35.73 -8.01
CA LYS D 248 2.56 35.78 -6.88
C LYS D 248 2.24 34.42 -6.21
N LEU D 249 2.63 33.32 -6.85
CA LEU D 249 2.29 31.98 -6.36
C LEU D 249 3.54 31.12 -6.32
N ASN D 250 3.66 30.31 -5.28
CA ASN D 250 4.68 29.28 -5.25
C ASN D 250 4.13 28.11 -4.45
N GLY D 251 4.86 27.01 -4.40
CA GLY D 251 4.41 25.88 -3.63
C GLY D 251 5.33 24.70 -3.63
N THR D 252 4.82 23.58 -3.13
CA THR D 252 5.59 22.37 -3.02
C THR D 252 4.69 21.15 -3.26
N SER D 253 5.31 19.99 -3.41
CA SER D 253 4.59 18.76 -3.65
C SER D 253 4.96 17.69 -2.62
N MET D 254 3.97 16.86 -2.27
CA MET D 254 4.17 15.66 -1.44
CA MET D 254 4.21 15.66 -1.47
C MET D 254 3.67 14.47 -2.24
N ARG D 255 4.58 13.60 -2.65
CA ARG D 255 4.22 12.39 -3.38
C ARG D 255 3.81 11.38 -2.30
N VAL D 256 2.59 10.85 -2.40
CA VAL D 256 2.10 9.86 -1.43
C VAL D 256 1.68 8.55 -2.11
N PRO D 257 1.54 7.45 -1.35
CA PRO D 257 1.28 6.13 -1.96
C PRO D 257 -0.14 5.89 -2.44
N VAL D 258 -0.56 6.65 -3.44
CA VAL D 258 -1.73 6.32 -4.25
C VAL D 258 -1.28 6.31 -5.71
N PRO D 259 -1.89 5.44 -6.54
CA PRO D 259 -1.43 5.32 -7.94
C PRO D 259 -1.87 6.43 -8.90
N THR D 260 -3.02 7.04 -8.65
CA THR D 260 -3.44 8.23 -9.37
C THR D 260 -4.41 8.97 -8.48
N GLY D 261 -4.63 10.25 -8.76
CA GLY D 261 -5.50 11.07 -7.93
C GLY D 261 -4.63 11.97 -7.07
N SER D 262 -4.85 13.28 -7.19
CA SER D 262 -4.09 14.27 -6.46
C SER D 262 -5.00 15.41 -5.98
N ILE D 263 -4.47 16.27 -5.11
CA ILE D 263 -5.26 17.38 -4.56
C ILE D 263 -4.39 18.60 -4.33
N VAL D 264 -4.82 19.72 -4.91
CA VAL D 264 -4.16 20.99 -4.73
C VAL D 264 -4.76 21.62 -3.48
N ASP D 265 -3.88 22.13 -2.65
CA ASP D 265 -4.23 22.74 -1.38
C ASP D 265 -3.68 24.16 -1.47
N LEU D 266 -4.57 25.09 -1.77
CA LEU D 266 -4.12 26.45 -2.07
C LEU D 266 -4.45 27.42 -0.94
N THR D 267 -3.42 28.07 -0.38
CA THR D 267 -3.60 29.08 0.65
C THR D 267 -3.33 30.46 0.05
N VAL D 268 -4.37 31.29 -0.07
CA VAL D 268 -4.26 32.60 -0.70
C VAL D 268 -4.60 33.78 0.22
N GLN D 269 -3.91 34.88 -0.01
CA GLN D 269 -4.30 36.17 0.54
C GLN D 269 -5.07 36.94 -0.52
N LEU D 270 -6.35 37.17 -0.24
CA LEU D 270 -7.24 37.80 -1.19
C LEU D 270 -7.40 39.30 -0.86
N LYS D 271 -7.70 40.11 -1.88
CA LYS D 271 -7.87 41.56 -1.70
C LYS D 271 -9.20 41.90 -1.01
N LYS D 272 -10.18 41.02 -1.16
CA LYS D 272 -11.44 41.20 -0.45
C LYS D 272 -11.26 40.74 1.01
N LYS D 273 -11.13 41.72 1.92
CA LYS D 273 -10.76 41.45 3.31
C LYS D 273 -11.92 41.02 4.20
N ASP D 274 -13.16 41.11 3.70
CA ASP D 274 -14.30 40.55 4.41
C ASP D 274 -14.90 39.31 3.71
N VAL D 275 -14.09 38.63 2.90
CA VAL D 275 -14.55 37.48 2.11
C VAL D 275 -14.91 36.31 3.04
N THR D 276 -15.97 35.59 2.71
CA THR D 276 -16.39 34.42 3.49
C THR D 276 -16.28 33.10 2.73
N LYS D 277 -16.32 32.02 3.49
CA LYS D 277 -16.38 30.67 2.95
C LYS D 277 -17.47 30.55 1.90
N GLU D 278 -18.67 31.00 2.25
CA GLU D 278 -19.83 30.90 1.36
C GLU D 278 -19.65 31.70 0.07
N GLU D 279 -19.06 32.89 0.15
CA GLU D 279 -18.79 33.70 -1.05
C GLU D 279 -17.78 33.02 -1.98
N ILE D 280 -16.74 32.45 -1.39
CA ILE D 280 -15.74 31.70 -2.16
C ILE D 280 -16.38 30.48 -2.85
N ASN D 281 -17.08 29.66 -2.09
CA ASN D 281 -17.76 28.49 -2.66
C ASN D 281 -18.80 28.88 -3.72
N SER D 282 -19.51 29.97 -3.48
CA SER D 282 -20.52 30.42 -4.44
C SER D 282 -19.90 30.82 -5.78
N VAL D 283 -18.84 31.63 -5.77
CA VAL D 283 -18.20 31.98 -7.06
C VAL D 283 -17.55 30.75 -7.75
N LEU D 284 -17.04 29.80 -6.97
CA LEU D 284 -16.42 28.60 -7.57
C LEU D 284 -17.47 27.69 -8.19
N ARG D 285 -18.59 27.49 -7.50
CA ARG D 285 -19.74 26.76 -8.03
CA ARG D 285 -19.72 26.73 -8.06
C ARG D 285 -20.23 27.39 -9.35
N LYS D 286 -20.49 28.70 -9.30
CA LYS D 286 -20.98 29.42 -10.50
C LYS D 286 -20.01 29.34 -11.66
N ALA D 287 -18.72 29.55 -11.40
CA ALA D 287 -17.68 29.46 -12.42
C ALA D 287 -17.64 28.09 -13.12
N SER D 288 -17.87 27.03 -12.35
CA SER D 288 -17.85 25.66 -12.87
C SER D 288 -19.01 25.40 -13.84
N GLU D 289 -20.04 26.24 -13.79
CA GLU D 289 -21.23 26.09 -14.63
C GLU D 289 -21.20 26.98 -15.88
N THR D 290 -20.15 27.79 -16.05
CA THR D 290 -20.04 28.67 -17.21
C THR D 290 -19.48 27.89 -18.42
N PRO D 291 -19.80 28.32 -19.65
CA PRO D 291 -19.35 27.59 -20.84
C PRO D 291 -17.82 27.55 -20.98
N GLU D 292 -17.15 28.62 -20.57
CA GLU D 292 -15.68 28.67 -20.58
C GLU D 292 -15.00 27.61 -19.66
N LEU D 293 -15.66 27.21 -18.59
CA LEU D 293 -15.02 26.30 -17.62
C LEU D 293 -15.71 24.96 -17.38
N LYS D 294 -16.89 24.76 -18.00
CA LYS D 294 -17.64 23.51 -17.87
C LYS D 294 -16.77 22.36 -18.36
N GLY D 295 -16.68 21.31 -17.56
CA GLY D 295 -15.82 20.18 -17.92
C GLY D 295 -14.35 20.39 -17.58
N ILE D 296 -13.96 21.62 -17.23
CA ILE D 296 -12.59 21.92 -16.81
C ILE D 296 -12.51 22.13 -15.28
N LEU D 297 -13.25 23.12 -14.78
CA LEU D 297 -13.41 23.30 -13.35
C LEU D 297 -14.72 22.68 -12.90
N GLY D 298 -14.62 21.76 -11.93
CA GLY D 298 -15.81 21.22 -11.29
C GLY D 298 -15.91 21.69 -9.85
N TYR D 299 -17.05 21.40 -9.23
CA TYR D 299 -17.32 21.79 -7.84
C TYR D 299 -18.18 20.70 -7.25
N THR D 300 -17.88 20.31 -6.00
CA THR D 300 -18.71 19.34 -5.31
C THR D 300 -18.83 19.71 -3.83
N GLU D 301 -19.91 19.25 -3.22
CA GLU D 301 -20.05 19.29 -1.79
C GLU D 301 -20.21 17.91 -1.15
N ASP D 302 -19.93 16.85 -1.91
CA ASP D 302 -19.93 15.49 -1.36
C ASP D 302 -18.63 15.24 -0.64
N PRO D 303 -18.68 14.50 0.48
CA PRO D 303 -17.47 14.19 1.23
C PRO D 303 -16.70 13.04 0.58
N ILE D 304 -15.98 13.34 -0.50
CA ILE D 304 -15.31 12.31 -1.29
C ILE D 304 -13.83 12.11 -0.89
N VAL D 305 -13.19 11.11 -1.50
CA VAL D 305 -11.78 10.80 -1.28
C VAL D 305 -11.18 10.58 -2.67
N SER D 306 -9.86 10.46 -2.74
CA SER D 306 -9.13 10.51 -4.00
C SER D 306 -9.54 9.43 -4.99
N SER D 307 -9.84 8.24 -4.48
CA SER D 307 -10.33 7.19 -5.35
C SER D 307 -11.57 7.59 -6.15
N ASP D 308 -12.41 8.45 -5.58
CA ASP D 308 -13.65 8.89 -6.23
C ASP D 308 -13.39 9.78 -7.46
N ILE D 309 -12.18 10.32 -7.57
CA ILE D 309 -11.88 11.16 -8.72
C ILE D 309 -11.10 10.44 -9.83
N LYS D 310 -10.74 9.17 -9.59
CA LYS D 310 -10.07 8.38 -10.63
C LYS D 310 -10.91 8.34 -11.89
N GLY D 311 -10.30 8.63 -13.04
CA GLY D 311 -11.02 8.60 -14.32
C GLY D 311 -11.90 9.82 -14.55
N ASN D 312 -11.80 10.84 -13.69
CA ASN D 312 -12.56 12.07 -13.87
C ASN D 312 -11.84 12.98 -14.87
N SER D 313 -12.58 13.56 -15.82
CA SER D 313 -11.95 14.31 -16.93
C SER D 313 -11.75 15.81 -16.62
N HIS D 314 -12.19 16.27 -15.45
CA HIS D 314 -11.98 17.67 -15.08
C HIS D 314 -10.50 17.92 -14.79
N SER D 315 -10.06 19.16 -15.01
CA SER D 315 -8.73 19.60 -14.60
C SER D 315 -8.63 19.85 -13.08
N SER D 316 -9.76 20.24 -12.48
CA SER D 316 -9.80 20.84 -11.15
C SER D 316 -11.21 20.71 -10.63
N ILE D 317 -11.36 19.97 -9.52
CA ILE D 317 -12.65 19.82 -8.87
C ILE D 317 -12.56 20.32 -7.43
N VAL D 318 -13.14 21.49 -7.20
CA VAL D 318 -13.14 22.11 -5.88
C VAL D 318 -13.96 21.28 -4.88
N ASP D 319 -13.32 20.94 -3.76
CA ASP D 319 -13.98 20.25 -2.64
C ASP D 319 -14.59 21.33 -1.75
N GLY D 320 -15.85 21.66 -2.01
CA GLY D 320 -16.51 22.77 -1.29
C GLY D 320 -16.60 22.59 0.21
N LEU D 321 -16.72 21.36 0.69
CA LEU D 321 -16.75 21.14 2.15
C LEU D 321 -15.46 21.57 2.86
N GLU D 322 -14.34 21.58 2.13
CA GLU D 322 -13.03 21.85 2.72
C GLU D 322 -12.65 23.33 2.71
N THR D 323 -13.44 24.17 2.03
CA THR D 323 -13.06 25.58 1.92
C THR D 323 -12.99 26.17 3.34
N MET D 324 -11.91 26.89 3.62
CA MET D 324 -11.68 27.42 4.95
C MET D 324 -11.20 28.86 4.87
N VAL D 325 -11.87 29.74 5.62
CA VAL D 325 -11.59 31.16 5.55
C VAL D 325 -11.42 31.75 6.95
N LEU D 326 -10.31 32.45 7.13
CA LEU D 326 -10.08 33.25 8.34
C LEU D 326 -10.38 34.73 8.03
N GLU D 327 -9.95 35.63 8.91
CA GLU D 327 -10.22 37.04 8.75
C GLU D 327 -9.34 37.65 7.69
N ASN D 328 -9.78 38.77 7.13
CA ASN D 328 -8.93 39.54 6.24
C ASN D 328 -8.51 38.84 4.95
N GLY D 329 -9.42 38.08 4.36
CA GLY D 329 -9.16 37.47 3.06
C GLY D 329 -8.13 36.36 3.03
N PHE D 330 -7.81 35.79 4.18
CA PHE D 330 -6.87 34.67 4.28
C PHE D 330 -7.67 33.35 4.14
N ALA D 331 -7.41 32.60 3.07
CA ALA D 331 -8.29 31.50 2.68
C ALA D 331 -7.55 30.28 2.13
N LYS D 332 -8.17 29.13 2.27
CA LYS D 332 -7.61 27.87 1.81
C LYS D 332 -8.68 27.19 0.97
N ILE D 333 -8.30 26.77 -0.24
CA ILE D 333 -9.22 26.09 -1.16
C ILE D 333 -8.56 24.78 -1.57
N LEU D 334 -9.32 23.68 -1.54
CA LEU D 334 -8.82 22.36 -1.93
C LEU D 334 -9.50 21.94 -3.22
N SER D 335 -8.70 21.44 -4.16
CA SER D 335 -9.22 21.04 -5.44
C SER D 335 -8.60 19.73 -5.96
N TRP D 336 -9.46 18.76 -6.24
CA TRP D 336 -9.05 17.45 -6.71
C TRP D 336 -8.72 17.43 -8.21
N TYR D 337 -7.88 16.48 -8.62
CA TYR D 337 -7.66 16.15 -10.04
C TYR D 337 -7.07 14.77 -10.20
N ASP D 338 -7.53 14.08 -11.23
CA ASP D 338 -6.86 12.85 -11.63
C ASP D 338 -5.73 13.31 -12.53
N ASN D 339 -4.51 13.30 -11.97
CA ASN D 339 -3.32 13.80 -12.64
C ASN D 339 -3.03 13.14 -13.98
N GLU D 340 -3.44 11.89 -14.16
CA GLU D 340 -3.29 11.27 -15.48
C GLU D 340 -4.47 11.62 -16.39
N PHE D 341 -5.68 11.39 -15.91
CA PHE D 341 -6.82 11.34 -16.81
C PHE D 341 -7.39 12.69 -17.21
N GLY D 342 -7.48 13.61 -16.26
CA GLY D 342 -7.91 14.98 -16.53
C GLY D 342 -6.93 15.62 -17.50
N TYR D 343 -5.65 15.51 -17.20
CA TYR D 343 -4.60 16.07 -18.02
C TYR D 343 -4.60 15.50 -19.44
N SER D 344 -4.73 14.18 -19.55
CA SER D 344 -4.75 13.54 -20.87
C SER D 344 -5.97 13.99 -21.69
N THR D 345 -7.12 14.20 -21.03
CA THR D 345 -8.27 14.72 -21.74
C THR D 345 -7.93 16.10 -22.30
N ARG D 346 -7.28 16.94 -21.47
CA ARG D 346 -6.84 18.28 -21.92
C ARG D 346 -5.91 18.23 -23.14
N VAL D 347 -4.99 17.26 -23.16
CA VAL D 347 -4.05 17.10 -24.28
C VAL D 347 -4.82 16.84 -25.59
N VAL D 348 -5.79 15.94 -25.54
CA VAL D 348 -6.65 15.70 -26.70
C VAL D 348 -7.50 16.94 -27.05
N ASP D 349 -8.13 17.55 -26.04
CA ASP D 349 -8.88 18.78 -26.25
C ASP D 349 -8.02 19.81 -27.00
N LEU D 350 -6.77 19.93 -26.56
CA LEU D 350 -5.81 20.86 -27.13
C LEU D 350 -5.44 20.51 -28.58
N ALA D 351 -5.16 19.22 -28.84
CA ALA D 351 -4.84 18.75 -30.19
C ALA D 351 -5.93 19.16 -31.18
N GLN D 352 -7.18 18.94 -30.81
CA GLN D 352 -8.30 19.28 -31.68
C GLN D 352 -8.42 20.78 -31.93
N LYS D 353 -8.09 21.60 -30.93
CA LYS D 353 -8.10 23.06 -31.07
C LYS D 353 -6.96 23.59 -31.94
N LEU D 354 -5.80 22.92 -31.90
CA LEU D 354 -4.68 23.34 -32.75
C LEU D 354 -4.98 23.20 -34.25
N VAL D 355 -5.91 22.30 -34.59
CA VAL D 355 -6.34 22.13 -35.98
C VAL D 355 -7.70 22.82 -36.22
S SO4 E . -4.86 14.82 14.70
O1 SO4 E . -5.14 13.39 14.62
O2 SO4 E . -6.04 15.61 15.12
O3 SO4 E . -3.80 15.01 15.69
O4 SO4 E . -4.40 15.26 13.38
PA NAD F . -6.29 1.95 19.12
O1A NAD F . -7.65 1.64 18.54
O2A NAD F . -5.06 1.40 18.45
O5B NAD F . -6.29 1.40 20.63
C5B NAD F . -7.43 1.51 21.48
C4B NAD F . -7.27 0.42 22.55
O4B NAD F . -8.20 0.61 23.63
C3B NAD F . -7.60 -0.96 21.96
O3B NAD F . -6.62 -1.88 22.43
C2B NAD F . -8.97 -1.30 22.48
O2B NAD F . -9.13 -2.72 22.66
C1B NAD F . -8.95 -0.59 23.83
N9A NAD F . -10.29 -0.23 24.34
C8A NAD F . -11.36 0.21 23.66
N7A NAD F . -12.37 0.44 24.55
C5A NAD F . -11.91 0.12 25.78
C6A NAD F . -12.47 0.14 27.06
N6A NAD F . -13.74 0.54 27.27
N1A NAD F . -11.72 -0.24 28.11
C2A NAD F . -10.44 -0.63 27.96
N3A NAD F . -9.88 -0.66 26.74
C4A NAD F . -10.60 -0.29 25.65
O3 NAD F . -6.18 3.55 19.27
PN NAD F . -4.85 4.44 19.31
O1N NAD F . -4.40 4.83 17.94
O2N NAD F . -3.85 3.80 20.27
O5D NAD F . -5.42 5.76 19.98
C5D NAD F . -5.80 5.81 21.37
C4D NAD F . -6.09 7.26 21.73
O4D NAD F . -4.92 8.07 21.53
C3D NAD F . -7.17 7.87 20.84
O3D NAD F . -7.87 8.80 21.66
C2D NAD F . -6.41 8.63 19.78
O2D NAD F . -7.13 9.74 19.21
C1D NAD F . -5.21 9.10 20.58
N1N NAD F . -4.01 9.36 19.78
C2N NAD F . -3.68 8.53 18.75
C3N NAD F . -2.52 8.79 18.02
C7N NAD F . -2.10 7.90 16.87
O7N NAD F . -1.34 8.41 15.93
N7N NAD F . -2.48 6.63 16.79
C4N NAD F . -1.73 9.88 18.34
C5N NAD F . -2.10 10.72 19.39
C6N NAD F . -3.26 10.42 20.10
S SO4 G . -7.57 9.22 15.90
O1 SO4 G . -7.05 9.01 14.56
O2 SO4 G . -8.98 9.60 15.82
O3 SO4 G . -7.47 7.98 16.66
O4 SO4 G . -6.85 10.27 16.58
S SO4 H . -14.07 25.59 11.78
O1 SO4 H . -12.81 24.88 11.63
O2 SO4 H . -14.38 26.27 10.53
O3 SO4 H . -15.14 24.65 12.12
O4 SO4 H . -13.94 26.54 12.89
S SO4 I . -11.79 -17.66 2.43
O1 SO4 I . -12.06 -16.30 2.93
O2 SO4 I . -11.88 -18.64 3.53
O3 SO4 I . -12.80 -17.97 1.43
O4 SO4 I . -10.46 -17.74 1.84
PA NAD J . -18.35 -6.12 5.99
O1A NAD J . -17.76 -6.01 7.36
O2A NAD J . -17.88 -5.24 4.86
O5B NAD J . -19.96 -5.84 6.08
C5B NAD J . -20.79 -6.28 7.17
C4B NAD J . -22.00 -5.35 7.30
O4B NAD J . -22.95 -5.92 8.21
C3B NAD J . -21.58 -3.99 7.87
O3B NAD J . -22.17 -2.96 7.07
C2B NAD J . -22.10 -3.99 9.29
O2B NAD J . -22.53 -2.70 9.68
C1B NAD J . -23.30 -4.92 9.18
N9A NAD J . -23.70 -5.58 10.43
C8A NAD J . -22.90 -6.09 11.40
N7A NAD J . -23.68 -6.63 12.36
C5A NAD J . -24.96 -6.46 12.00
C6A NAD J . -26.19 -6.81 12.56
N6A NAD J . -26.24 -7.43 13.75
N1A NAD J . -27.33 -6.49 11.91
C2A NAD J . -27.32 -5.85 10.74
N3A NAD J . -26.16 -5.50 10.16
C4A NAD J . -24.97 -5.80 10.78
O3 NAD J . -18.25 -7.67 5.65
PN NAD J . -18.19 -8.36 4.20
O1N NAD J . -16.74 -8.42 3.78
O2N NAD J . -19.28 -7.74 3.37
O5D NAD J . -18.61 -9.85 4.58
C5D NAD J . -19.97 -10.18 4.89
C4D NAD J . -20.06 -11.70 4.93
O4D NAD J . -19.73 -12.23 3.63
C3D NAD J . -19.06 -12.32 5.90
O3D NAD J . -19.71 -13.45 6.46
C2D NAD J . -17.93 -12.82 5.04
O2D NAD J . -17.24 -13.94 5.62
C1D NAD J . -18.67 -13.18 3.75
N1N NAD J . -17.86 -13.13 2.53
C2N NAD J . -17.01 -12.12 2.30
C3N NAD J . -16.27 -12.07 1.13
C7N NAD J . -15.29 -10.94 0.89
O7N NAD J . -14.29 -11.16 0.05
N7N NAD J . -15.41 -9.77 1.49
C4N NAD J . -16.43 -13.07 0.17
C5N NAD J . -17.33 -14.09 0.41
C6N NAD J . -18.06 -14.08 1.60
S SO4 K . -13.94 -12.81 6.13
O1 SO4 K . -14.49 -13.84 5.27
O2 SO4 K . -13.74 -13.36 7.48
O3 SO4 K . -14.87 -11.71 6.26
O4 SO4 K . -12.67 -12.34 5.61
S SO4 L . -6.91 -29.20 9.62
O1 SO4 L . -5.76 -30.12 9.66
O2 SO4 L . -6.43 -27.86 9.28
O3 SO4 L . -7.87 -29.66 8.62
O4 SO4 L . -7.57 -29.19 10.92
S SO4 M . 13.71 -15.49 -6.83
O1 SO4 M . 13.83 -14.03 -6.97
O2 SO4 M . 13.91 -16.17 -8.13
O3 SO4 M . 14.72 -15.94 -5.89
O4 SO4 M . 12.38 -15.81 -6.31
PA NAD N . 19.03 -2.87 -7.27
O1A NAD N . 18.37 -2.47 -8.58
O2A NAD N . 18.49 -2.39 -5.95
O5B NAD N . 20.59 -2.53 -7.32
C5B NAD N . 21.37 -2.63 -8.52
C4B NAD N . 22.52 -1.64 -8.35
O4B NAD N . 23.51 -1.88 -9.34
C3B NAD N . 22.02 -0.21 -8.58
O3B NAD N . 22.57 0.62 -7.56
C2B NAD N . 22.55 0.17 -9.95
O2B NAD N . 22.82 1.58 -10.04
C1B NAD N . 23.82 -0.66 -10.01
N9A NAD N . 24.31 -0.94 -11.39
C8A NAD N . 23.59 -1.24 -12.48
N7A NAD N . 24.44 -1.42 -13.53
C5A NAD N . 25.69 -1.23 -13.07
C6A NAD N . 26.94 -1.28 -13.66
N6A NAD N . 27.09 -1.58 -14.98
N1A NAD N . 28.04 -1.04 -12.90
C2A NAD N . 27.94 -0.74 -11.59
N3A NAD N . 26.74 -0.68 -10.98
C4A NAD N . 25.60 -0.92 -11.71
O3 NAD N . 19.06 -4.49 -7.33
PN NAD N . 19.06 -5.50 -6.07
O1N NAD N . 17.64 -5.80 -5.67
O2N NAD N . 20.12 -5.07 -5.07
O5D NAD N . 19.59 -6.84 -6.78
C5D NAD N . 20.96 -6.96 -7.20
C4D NAD N . 21.25 -8.40 -7.56
O4D NAD N . 21.02 -9.26 -6.42
C3D NAD N . 20.32 -8.91 -8.65
O3D NAD N . 21.12 -9.82 -9.42
C2D NAD N . 19.23 -9.63 -7.89
O2D NAD N . 18.56 -10.65 -8.66
C1D NAD N . 20.02 -10.23 -6.73
N1N NAD N . 19.22 -10.51 -5.54
C2N NAD N . 18.25 -9.67 -5.11
C3N NAD N . 17.53 -9.98 -3.95
C7N NAD N . 16.46 -9.05 -3.44
O7N NAD N . 15.45 -9.53 -2.71
N7N NAD N . 16.54 -7.75 -3.69
C4N NAD N . 17.82 -11.16 -3.25
C5N NAD N . 18.81 -12.00 -3.71
C6N NAD N . 19.51 -11.65 -4.87
S SO4 O . 15.16 -9.70 -9.04
O1 SO4 O . 13.83 -9.48 -8.49
O2 SO4 O . 15.06 -10.17 -10.41
O3 SO4 O . 15.96 -8.48 -9.07
O4 SO4 O . 15.83 -10.68 -8.20
S SO4 P . 9.36 -25.19 -16.51
O1 SO4 P . 10.16 -26.41 -16.68
O2 SO4 P . 9.88 -24.18 -17.43
O3 SO4 P . 7.95 -25.48 -16.81
O4 SO4 P . 9.45 -24.70 -15.14
S SO4 Q . 3.59 18.21 -10.99
O1 SO4 Q . 3.99 16.83 -11.28
O2 SO4 Q . 4.73 19.13 -11.02
O3 SO4 Q . 2.60 18.61 -11.99
O4 SO4 Q . 2.98 18.23 -9.67
PA NAD R . 6.00 7.03 -18.34
O1A NAD R . 7.37 6.70 -17.79
O2A NAD R . 4.77 6.27 -17.89
O5B NAD R . 6.04 6.89 -19.96
C5B NAD R . 7.16 7.32 -20.73
C4B NAD R . 7.18 6.48 -22.00
O4B NAD R . 8.07 7.02 -22.99
C3B NAD R . 7.65 5.05 -21.74
O3B NAD R . 6.76 4.16 -22.41
C2B NAD R . 9.04 4.98 -22.35
O2B NAD R . 9.36 3.65 -22.79
C1B NAD R . 8.93 5.99 -23.49
N9A NAD R . 10.22 6.58 -23.91
C8A NAD R . 11.26 6.94 -23.12
N7A NAD R . 12.23 7.45 -23.89
C5A NAD R . 11.81 7.40 -25.18
C6A NAD R . 12.38 7.77 -26.40
N6A NAD R . 13.62 8.32 -26.47
N1A NAD R . 11.66 7.60 -27.54
C2A NAD R . 10.43 7.06 -27.51
N3A NAD R . 9.87 6.71 -26.35
C4A NAD R . 10.54 6.86 -25.17
O3 NAD R . 5.80 8.60 -18.10
PN NAD R . 4.39 9.36 -17.94
O1N NAD R . 3.97 9.32 -16.48
O2N NAD R . 3.49 8.89 -19.06
O5D NAD R . 4.84 10.87 -18.24
C5D NAD R . 5.27 11.29 -19.56
C4D NAD R . 5.36 12.81 -19.57
O4D NAD R . 4.12 13.44 -19.22
C3D NAD R . 6.38 13.33 -18.58
O3D NAD R . 6.99 14.48 -19.18
C2D NAD R . 5.57 13.78 -17.39
O2D NAD R . 6.21 14.80 -16.63
C1D NAD R . 4.29 14.27 -18.05
N1N NAD R . 3.10 14.19 -17.21
C2N NAD R . 2.85 13.11 -16.42
C3N NAD R . 1.67 13.08 -15.66
C7N NAD R . 1.35 11.91 -14.77
O7N NAD R . 0.57 12.09 -13.71
N7N NAD R . 1.81 10.68 -15.02
C4N NAD R . 0.76 14.14 -15.71
C5N NAD R . 1.05 15.22 -16.55
C6N NAD R . 2.23 15.22 -17.30
S SO4 S . 6.77 13.39 -13.60
O1 SO4 S . 6.07 12.81 -12.47
O2 SO4 S . 8.10 13.81 -13.16
O3 SO4 S . 6.98 12.38 -14.63
O4 SO4 S . 6.03 14.53 -14.13
S SO4 T . 12.16 28.61 -5.17
O1 SO4 T . 13.49 28.10 -5.51
O2 SO4 T . 11.53 29.13 -6.38
O3 SO4 T . 11.34 27.53 -4.63
O4 SO4 T . 12.29 29.69 -4.20
#